data_8UF5
#
_entry.id   8UF5
#
_cell.length_a   149.777
_cell.length_b   149.777
_cell.length_c   304.065
_cell.angle_alpha   90.000
_cell.angle_beta   90.000
_cell.angle_gamma   90.000
#
_symmetry.space_group_name_H-M   'P 43 2 2'
#
loop_
_entity.id
_entity.type
_entity.pdbx_description
1 polymer Glucosyltransferase-I
2 non-polymer 'CALCIUM ION'
3 non-polymer N-(2-carbamoylphenyl)-5-nitro-1-benzothiophene-2-carboxamide
4 non-polymer 2-[BIS-(2-HYDROXY-ETHYL)-AMINO]-2-HYDROXYMETHYL-PROPANE-1,3-DIOL
5 non-polymer 'SULFATE ION'
6 non-polymer 1,2-ETHANEDIOL
7 non-polymer 'DIMETHYL SULFOXIDE'
8 water water
#
_entity_poly.entity_id   1
_entity_poly.type   'polypeptide(L)'
_entity_poly.pdbx_seq_one_letter_code
;LHFDETGAYTDTSIDTVNKDIVTTRSNLYKKYNQVYDRSAQSFEHVDHYLTAESWYRPKYILKDGKTWTQSTEKDFRPLL
MTWWPSQETQRQYVNYMNAQLGINKTYDDTSNQLQLNIAAATIQAKIEAKITTLKNTDWLRQTISAFVKTQSAWNSDSEK
PFDDHLQNGAVLYDNEGKLTPYANSNYRILNRTPTNQTGKKDPRYTADNTIGGYEFLLANDVDNSNPVVQAEQLNWLHFL
MNFGNIYANDPDANFDSIRVDAVDNVDADLLQIAGDYLKAAKGIHKNDKAANDHLSILEAWSDNDTPYLHDDGDNMINMD
NKLRLSLLFSLAKPLNQRSGMNPLITNSLVNRTDDNAETAAVPSYSFIRAHDSEVQDLIRDIIKAEINPNVVGYSFTMEE
IKKAFEIYNKDLLATEKKYTHYNTALSYALLLTNKSSVPRVYYGDMFTDDGQYMAHKTINYEAIETLLKARIKYVSGGQA
MRNQQVGNSEIITSVRYGKGALKATDTGDRTTRTSGVAVIEGNNPSLRLKASDRVVVNMGAAHKNQAYRPLLLTTDNGIK
AYHSDQEAAGLVRYTNDRGELIFTAADIKGYANPQVSGYLGVWVPVGAAADQDVRVAASTAPSTDGKSVHQNAALDSRVM
FEGFSNFQAFATKKEEYTNVVIAKNVDKFAEWGVTDFEMAPQYVSSTDGSFLDSVIQNGYAFTDRYDLGISKPNKYGTAD
DLVKAIKALHSKGIKVMADWVPDQMYAFPEKEVVTATRVDKFGKPVEGSQIKSVLYVADSKSSGKDQQAKYGGAFLEELQ
AKYPELFARKQISTGVPMDPSVKIKQWSAKYFNGTNILGRGAGYVLKDQATNTYFNISDNKLEHHHHHH
;
_entity_poly.pdbx_strand_id   A,B
#
loop_
_chem_comp.id
_chem_comp.type
_chem_comp.name
_chem_comp.formula
BTB non-polymer 2-[BIS-(2-HYDROXY-ETHYL)-AMINO]-2-HYDROXYMETHYL-PROPANE-1,3-DIOL 'C8 H19 N O5'
CA non-polymer 'CALCIUM ION' 'Ca 2'
DMS non-polymer 'DIMETHYL SULFOXIDE' 'C2 H6 O S'
EDO non-polymer 1,2-ETHANEDIOL 'C2 H6 O2'
SO4 non-polymer 'SULFATE ION' 'O4 S -2'
WIJ non-polymer N-(2-carbamoylphenyl)-5-nitro-1-benzothiophene-2-carboxamide 'C16 H11 N3 O4 S'
#
# COMPACT_ATOMS: atom_id res chain seq x y z
N ASN A 18 28.05 -14.73 -7.40
CA ASN A 18 28.36 -14.19 -6.08
C ASN A 18 28.09 -12.69 -6.06
N LYS A 19 28.95 -11.96 -5.35
CA LYS A 19 29.00 -10.49 -5.39
C LYS A 19 27.66 -9.78 -5.30
N ILE A 21 28.46 -5.96 -8.29
CA ILE A 21 27.40 -4.97 -8.38
C ILE A 21 26.18 -5.62 -9.06
N VAL A 22 25.02 -4.97 -8.92
CA VAL A 22 23.73 -5.53 -9.32
C VAL A 22 23.08 -4.72 -10.42
N THR A 23 23.11 -3.39 -10.29
CA THR A 23 22.38 -2.50 -11.19
C THR A 23 23.25 -2.11 -12.36
N THR A 24 22.68 -2.15 -13.57
CA THR A 24 23.40 -1.61 -14.74
C THR A 24 22.51 -1.07 -15.84
N ARG A 25 22.02 -1.95 -16.72
CA ARG A 25 21.25 -1.59 -17.90
C ARG A 25 19.75 -1.64 -17.69
N SER A 26 19.31 -1.62 -16.43
CA SER A 26 17.89 -1.56 -16.11
C SER A 26 17.52 -0.30 -15.34
N ASN A 27 18.48 0.54 -14.98
CA ASN A 27 18.22 1.76 -14.23
C ASN A 27 19.05 2.89 -14.82
N LEU A 28 18.44 3.96 -15.32
CA LEU A 28 19.27 5.04 -15.92
C LEU A 28 19.42 6.17 -14.90
N TYR A 29 20.22 5.89 -13.87
CA TYR A 29 20.45 6.53 -12.56
C TYR A 29 21.46 5.72 -11.77
N LYS A 30 22.22 4.85 -12.44
CA LYS A 30 22.89 3.77 -11.73
C LYS A 30 24.05 4.24 -10.86
N LYS A 31 24.70 5.35 -11.21
CA LYS A 31 25.79 5.81 -10.35
C LYS A 31 25.25 6.39 -9.04
N TYR A 32 23.98 6.81 -9.03
CA TYR A 32 23.33 7.29 -7.82
C TYR A 32 22.62 6.17 -7.06
N ASN A 33 22.10 5.17 -7.78
CA ASN A 33 21.29 4.12 -7.16
C ASN A 33 22.09 2.90 -6.77
N GLN A 34 23.30 2.73 -7.28
CA GLN A 34 24.10 1.56 -6.94
C GLN A 34 24.38 1.52 -5.43
N VAL A 35 24.71 0.32 -4.95
CA VAL A 35 24.85 0.11 -3.52
C VAL A 35 25.99 0.98 -2.97
N TYR A 36 25.81 1.44 -1.74
CA TYR A 36 26.76 2.34 -1.06
C TYR A 36 28.18 1.79 -1.16
N ASP A 37 28.43 0.65 -0.53
CA ASP A 37 29.73 -0.01 -0.58
C ASP A 37 29.49 -1.51 -0.76
N ARG A 38 30.59 -2.24 -0.92
CA ARG A 38 30.56 -3.69 -1.05
C ARG A 38 30.57 -4.36 0.33
N SER A 39 29.71 -3.84 1.21
CA SER A 39 29.63 -4.29 2.58
C SER A 39 28.31 -5.02 2.84
N ALA A 40 28.36 -5.96 3.79
CA ALA A 40 27.17 -6.72 4.14
C ALA A 40 26.15 -5.83 4.83
N GLN A 41 26.62 -4.81 5.55
CA GLN A 41 25.74 -3.90 6.28
C GLN A 41 24.96 -2.99 5.34
N SER A 42 25.30 -2.97 4.05
CA SER A 42 24.54 -2.22 3.07
C SER A 42 23.25 -2.92 2.66
N PHE A 43 23.13 -4.22 2.92
CA PHE A 43 22.01 -5.02 2.46
C PHE A 43 21.23 -5.58 3.64
N GLU A 44 19.92 -5.65 3.48
CA GLU A 44 19.07 -6.46 4.35
C GLU A 44 19.10 -7.88 3.80
N HIS A 45 20.05 -8.68 4.29
CA HIS A 45 20.28 -10.02 3.79
C HIS A 45 19.82 -11.07 4.81
N VAL A 46 19.73 -12.30 4.34
CA VAL A 46 19.52 -13.47 5.21
C VAL A 46 20.61 -14.46 4.90
N ASP A 47 21.50 -14.69 5.86
CA ASP A 47 22.67 -15.56 5.68
C ASP A 47 23.42 -15.20 4.41
N HIS A 48 23.53 -13.89 4.16
CA HIS A 48 24.25 -13.29 3.03
C HIS A 48 23.53 -13.52 1.70
N TYR A 49 22.28 -13.93 1.71
CA TYR A 49 21.47 -14.02 0.51
C TYR A 49 20.48 -12.86 0.48
N LEU A 50 19.93 -12.60 -0.71
CA LEU A 50 18.97 -11.53 -0.88
C LEU A 50 17.60 -12.10 -1.22
N THR A 51 16.56 -11.41 -0.78
CA THR A 51 15.18 -11.81 -1.02
C THR A 51 14.45 -10.70 -1.77
N ALA A 52 13.31 -11.07 -2.36
CA ALA A 52 12.50 -10.10 -3.09
C ALA A 52 12.13 -8.90 -2.23
N GLU A 53 12.02 -9.08 -0.92
CA GLU A 53 11.65 -8.00 -0.01
C GLU A 53 12.86 -7.32 0.62
N SER A 54 14.07 -7.68 0.21
CA SER A 54 15.26 -7.06 0.78
C SER A 54 15.35 -5.59 0.40
N TRP A 55 15.73 -4.76 1.37
CA TRP A 55 16.10 -3.39 1.12
C TRP A 55 17.62 -3.24 1.20
N TYR A 56 18.11 -2.10 0.71
CA TYR A 56 19.54 -1.85 0.64
C TYR A 56 19.78 -0.36 0.75
N ARG A 57 21.04 0.01 1.00
CA ARG A 57 21.39 1.41 1.09
C ARG A 57 22.05 1.84 -0.21
N PRO A 58 21.43 2.72 -0.99
CA PRO A 58 22.07 3.22 -2.22
C PRO A 58 23.08 4.29 -1.87
N LYS A 59 23.87 4.69 -2.87
CA LYS A 59 24.85 5.75 -2.64
C LYS A 59 24.17 7.10 -2.46
N TYR A 60 23.14 7.38 -3.26
CA TYR A 60 22.39 8.62 -3.15
C TYR A 60 20.90 8.33 -3.10
N ILE A 61 20.19 9.22 -2.42
CA ILE A 61 18.74 9.22 -2.34
C ILE A 61 18.24 10.45 -3.07
N LEU A 62 17.27 10.27 -3.98
CA LEU A 62 16.70 11.42 -4.66
C LEU A 62 15.69 12.07 -3.71
N LYS A 63 16.21 12.88 -2.79
CA LYS A 63 15.40 13.41 -1.70
C LYS A 63 14.21 14.17 -2.27
N ASP A 64 13.02 13.88 -1.73
CA ASP A 64 11.76 14.51 -2.12
C ASP A 64 11.48 14.33 -3.60
N GLY A 65 12.14 13.36 -4.23
CA GLY A 65 12.00 13.14 -5.65
C GLY A 65 12.61 14.27 -6.46
N LYS A 66 13.35 15.16 -5.79
CA LYS A 66 13.89 16.35 -6.43
C LYS A 66 15.41 16.39 -6.45
N THR A 67 16.06 16.29 -5.29
CA THR A 67 17.46 16.65 -5.18
C THR A 67 18.29 15.44 -4.74
N TRP A 68 19.24 15.02 -5.58
CA TRP A 68 20.10 13.90 -5.24
C TRP A 68 20.97 14.26 -4.03
N THR A 69 20.88 13.46 -2.98
CA THR A 69 21.65 13.66 -1.75
C THR A 69 22.41 12.37 -1.44
N GLN A 70 23.49 12.51 -0.67
CA GLN A 70 24.22 11.31 -0.27
C GLN A 70 23.42 10.52 0.76
N SER A 71 23.61 9.21 0.75
CA SER A 71 22.82 8.34 1.61
C SER A 71 23.12 8.60 3.08
N THR A 72 22.05 8.76 3.85
CA THR A 72 22.16 9.12 5.28
C THR A 72 22.29 7.93 6.23
N GLU A 73 23.02 6.87 5.86
CA GLU A 73 23.30 5.70 6.74
C GLU A 73 22.02 5.01 7.26
N LYS A 74 20.86 5.67 7.22
CA LYS A 74 19.59 5.11 7.65
C LYS A 74 18.57 5.38 6.54
N ASP A 75 19.07 5.38 5.31
CA ASP A 75 18.27 5.56 4.10
C ASP A 75 18.25 4.25 3.32
N PHE A 76 17.52 3.28 3.84
CA PHE A 76 17.35 2.03 3.12
C PHE A 76 16.14 2.12 2.20
N ARG A 77 16.24 1.49 1.03
CA ARG A 77 15.22 1.53 0.00
C ARG A 77 15.03 0.13 -0.59
N PRO A 78 13.83 -0.18 -1.08
CA PRO A 78 13.60 -1.50 -1.67
C PRO A 78 14.52 -1.75 -2.85
N LEU A 79 15.07 -2.96 -2.91
CA LEU A 79 15.86 -3.37 -4.06
C LEU A 79 15.02 -3.37 -5.34
N LEU A 80 13.72 -3.65 -5.21
CA LEU A 80 12.84 -3.67 -6.38
C LEU A 80 12.52 -2.29 -6.91
N MET A 81 12.91 -1.23 -6.20
CA MET A 81 12.84 0.11 -6.74
C MET A 81 13.81 0.28 -7.91
N THR A 82 14.95 -0.40 -7.85
CA THR A 82 16.07 -0.16 -8.76
C THR A 82 16.55 -1.40 -9.50
N TRP A 83 16.07 -2.59 -9.15
CA TRP A 83 16.57 -3.83 -9.71
C TRP A 83 15.41 -4.82 -9.82
N TRP A 84 15.48 -5.70 -10.81
CA TRP A 84 14.42 -6.67 -11.05
C TRP A 84 15.04 -7.97 -11.55
N PRO A 85 14.45 -9.12 -11.20
CA PRO A 85 15.01 -10.39 -11.67
C PRO A 85 14.80 -10.63 -13.15
N SER A 86 13.73 -10.10 -13.72
CA SER A 86 13.39 -10.28 -15.13
C SER A 86 12.73 -9.00 -15.63
N GLN A 87 12.77 -8.78 -16.95
CA GLN A 87 12.10 -7.61 -17.50
C GLN A 87 10.58 -7.75 -17.41
N GLU A 88 10.09 -8.99 -17.40
CA GLU A 88 8.67 -9.22 -17.11
C GLU A 88 8.32 -8.73 -15.72
N THR A 89 9.17 -9.03 -14.73
CA THR A 89 8.90 -8.57 -13.37
C THR A 89 9.05 -7.06 -13.26
N GLN A 90 9.97 -6.46 -14.02
CA GLN A 90 10.05 -5.01 -14.04
C GLN A 90 8.76 -4.40 -14.56
N ARG A 91 8.20 -4.98 -15.63
CA ARG A 91 6.91 -4.50 -16.14
C ARG A 91 5.81 -4.65 -15.11
N GLN A 92 5.76 -5.81 -14.43
CA GLN A 92 4.73 -6.03 -13.42
C GLN A 92 4.86 -5.02 -12.29
N TYR A 93 6.10 -4.77 -11.84
CA TYR A 93 6.35 -3.77 -10.82
C TYR A 93 5.92 -2.38 -11.28
N VAL A 94 6.22 -2.04 -12.53
CA VAL A 94 5.86 -0.71 -13.04
C VAL A 94 4.35 -0.53 -13.04
N ASN A 95 3.62 -1.51 -13.58
CA ASN A 95 2.16 -1.42 -13.60
C ASN A 95 1.59 -1.33 -12.19
N TYR A 96 2.08 -2.20 -11.28
CA TYR A 96 1.60 -2.22 -9.91
C TYR A 96 1.82 -0.87 -9.22
N MET A 97 3.05 -0.36 -9.29
CA MET A 97 3.36 0.86 -8.56
C MET A 97 2.71 2.08 -9.22
N ASN A 98 2.50 2.05 -10.53
CA ASN A 98 1.69 3.08 -11.18
C ASN A 98 0.30 3.12 -10.58
N ALA A 99 -0.34 1.95 -10.47
CA ALA A 99 -1.66 1.90 -9.86
C ALA A 99 -1.62 2.36 -8.40
N GLN A 100 -0.50 2.12 -7.71
CA GLN A 100 -0.39 2.51 -6.31
C GLN A 100 -0.13 4.00 -6.13
N LEU A 101 0.55 4.65 -7.08
CA LEU A 101 0.97 6.03 -6.93
C LEU A 101 0.15 6.99 -7.78
N GLY A 102 -0.98 6.56 -8.31
CA GLY A 102 -1.83 7.45 -9.08
C GLY A 102 -1.29 7.85 -10.43
N ILE A 103 -0.39 7.05 -11.00
CA ILE A 103 0.10 7.27 -12.36
C ILE A 103 -0.81 6.44 -13.27
N ASN A 104 -1.78 7.09 -13.89
CA ASN A 104 -2.73 6.38 -14.74
C ASN A 104 -2.04 6.10 -16.07
N LYS A 105 -1.29 5.00 -16.10
CA LYS A 105 -0.58 4.52 -17.33
C LYS A 105 -0.01 3.12 -17.10
N THR A 106 -0.54 2.12 -17.79
CA THR A 106 -0.01 0.76 -17.77
C THR A 106 0.86 0.51 -19.00
N TYR A 107 1.67 -0.54 -18.90
CA TYR A 107 2.60 -0.92 -19.97
C TYR A 107 2.33 -2.37 -20.34
N ASP A 108 2.05 -2.62 -21.62
CA ASP A 108 1.58 -3.91 -22.07
C ASP A 108 2.73 -4.82 -22.45
N ASP A 109 2.38 -5.98 -23.02
CA ASP A 109 3.32 -7.07 -23.31
C ASP A 109 4.45 -6.68 -24.26
N THR A 110 4.27 -5.62 -25.06
CA THR A 110 5.26 -5.25 -26.07
C THR A 110 6.26 -4.19 -25.62
N SER A 111 6.17 -3.70 -24.38
CA SER A 111 6.98 -2.59 -23.93
C SER A 111 8.48 -2.88 -24.08
N ASN A 112 9.25 -1.87 -24.43
CA ASN A 112 10.70 -2.01 -24.54
C ASN A 112 11.38 -1.57 -23.25
N GLN A 113 12.67 -1.92 -23.15
CA GLN A 113 13.42 -1.71 -21.91
C GLN A 113 13.52 -0.23 -21.54
N LEU A 114 13.72 0.62 -22.55
CA LEU A 114 13.85 2.08 -22.34
C LEU A 114 12.60 2.61 -21.65
N GLN A 115 11.42 2.26 -22.17
CA GLN A 115 10.15 2.71 -21.61
C GLN A 115 10.00 2.27 -20.17
N LEU A 116 10.33 1.01 -19.87
CA LEU A 116 10.22 0.51 -18.51
C LEU A 116 11.18 1.21 -17.57
N ASN A 117 12.39 1.50 -18.04
CA ASN A 117 13.35 2.22 -17.21
C ASN A 117 12.84 3.61 -16.87
N ILE A 118 12.25 4.31 -17.85
CA ILE A 118 11.77 5.66 -17.55
C ILE A 118 10.56 5.61 -16.63
N ALA A 119 9.70 4.60 -16.81
CA ALA A 119 8.59 4.39 -15.90
C ALA A 119 9.08 4.17 -14.47
N ALA A 120 10.09 3.32 -14.32
CA ALA A 120 10.64 3.04 -12.99
C ALA A 120 11.26 4.29 -12.38
N ALA A 121 11.89 5.14 -13.21
CA ALA A 121 12.46 6.38 -12.67
C ALA A 121 11.38 7.32 -12.17
N THR A 122 10.28 7.43 -12.92
CA THR A 122 9.14 8.22 -12.45
C THR A 122 8.61 7.67 -11.14
N ILE A 123 8.53 6.33 -11.04
CA ILE A 123 8.04 5.70 -9.82
C ILE A 123 8.96 6.01 -8.64
N GLN A 124 10.27 5.91 -8.86
CA GLN A 124 11.23 6.25 -7.81
C GLN A 124 11.03 7.69 -7.34
N ALA A 125 10.87 8.62 -8.28
CA ALA A 125 10.71 10.02 -7.91
C ALA A 125 9.47 10.22 -7.04
N LYS A 126 8.34 9.60 -7.43
CA LYS A 126 7.13 9.83 -6.65
C LYS A 126 7.15 9.06 -5.34
N ILE A 127 7.90 7.95 -5.28
CA ILE A 127 8.11 7.25 -4.02
C ILE A 127 8.86 8.13 -3.04
N GLU A 128 9.96 8.74 -3.49
CA GLU A 128 10.73 9.60 -2.59
C GLU A 128 9.92 10.82 -2.17
N ALA A 129 9.10 11.34 -3.09
CA ALA A 129 8.20 12.44 -2.73
C ALA A 129 7.27 12.03 -1.61
N LYS A 130 6.68 10.83 -1.70
CA LYS A 130 5.76 10.41 -0.66
C LYS A 130 6.48 10.06 0.64
N ILE A 131 7.71 9.54 0.56
CA ILE A 131 8.49 9.28 1.77
C ILE A 131 8.70 10.57 2.54
N THR A 132 9.10 11.64 1.85
CA THR A 132 9.25 12.92 2.53
C THR A 132 7.91 13.45 3.02
N THR A 133 6.85 13.31 2.21
CA THR A 133 5.55 13.86 2.59
C THR A 133 5.02 13.23 3.87
N LEU A 134 5.01 11.90 3.95
CA LEU A 134 4.56 11.18 5.13
C LEU A 134 5.63 10.95 6.19
N LYS A 135 6.90 11.29 5.90
CA LYS A 135 7.99 11.18 6.86
C LYS A 135 8.10 9.76 7.42
N ASN A 136 7.69 8.78 6.62
CA ASN A 136 7.73 7.39 7.03
C ASN A 136 7.90 6.50 5.80
N THR A 137 8.49 5.32 5.99
CA THR A 137 8.63 4.34 4.91
C THR A 137 7.82 3.08 5.14
N ASP A 138 7.01 3.02 6.20
CA ASP A 138 6.18 1.84 6.48
C ASP A 138 5.26 1.52 5.31
N TRP A 139 4.52 2.52 4.83
CA TRP A 139 3.62 2.33 3.71
C TRP A 139 4.34 1.66 2.53
N LEU A 140 5.63 1.95 2.35
CA LEU A 140 6.35 1.41 1.22
C LEU A 140 6.79 -0.03 1.46
N ARG A 141 7.16 -0.36 2.71
CA ARG A 141 7.33 -1.76 3.10
C ARG A 141 6.09 -2.57 2.75
N GLN A 142 4.93 -2.07 3.19
CA GLN A 142 3.67 -2.78 2.92
C GLN A 142 3.42 -2.90 1.42
N THR A 143 3.60 -1.80 0.68
CA THR A 143 3.30 -1.80 -0.75
C THR A 143 4.20 -2.75 -1.51
N ILE A 144 5.50 -2.79 -1.16
CA ILE A 144 6.43 -3.66 -1.87
C ILE A 144 6.17 -5.12 -1.52
N SER A 145 5.86 -5.41 -0.25
CA SER A 145 5.44 -6.76 0.11
C SER A 145 4.22 -7.19 -0.68
N ALA A 146 3.20 -6.33 -0.72
CA ALA A 146 1.98 -6.65 -1.46
C ALA A 146 2.27 -6.91 -2.93
N PHE A 147 3.12 -6.10 -3.55
CA PHE A 147 3.49 -6.39 -4.94
C PHE A 147 4.17 -7.74 -5.05
N VAL A 148 5.13 -8.02 -4.16
CA VAL A 148 5.88 -9.26 -4.24
C VAL A 148 4.95 -10.46 -4.19
N LYS A 149 3.88 -10.36 -3.39
CA LYS A 149 2.98 -11.49 -3.25
C LYS A 149 2.06 -11.69 -4.46
N THR A 150 2.17 -10.86 -5.48
CA THR A 150 1.43 -11.07 -6.72
C THR A 150 2.16 -11.96 -7.71
N GLN A 151 3.43 -12.26 -7.48
CA GLN A 151 4.23 -13.05 -8.40
C GLN A 151 4.22 -14.51 -7.97
N SER A 152 3.90 -15.40 -8.92
CA SER A 152 3.72 -16.80 -8.58
C SER A 152 4.99 -17.40 -7.97
N ALA A 153 6.16 -16.91 -8.38
CA ALA A 153 7.40 -17.38 -7.80
C ALA A 153 7.63 -16.87 -6.38
N TRP A 154 6.76 -15.96 -5.89
CA TRP A 154 6.92 -15.36 -4.57
C TRP A 154 5.66 -15.49 -3.73
N ASN A 155 4.80 -16.47 -4.01
CA ASN A 155 3.62 -16.71 -3.20
C ASN A 155 3.29 -18.20 -3.24
N SER A 156 2.09 -18.54 -2.75
CA SER A 156 1.71 -19.93 -2.57
C SER A 156 1.63 -20.70 -3.88
N ASP A 157 1.45 -19.99 -5.01
CA ASP A 157 1.28 -20.66 -6.29
C ASP A 157 2.40 -21.66 -6.58
N SER A 158 3.63 -21.31 -6.23
CA SER A 158 4.76 -22.21 -6.43
C SER A 158 4.94 -23.19 -5.26
N GLU A 159 4.12 -23.10 -4.22
CA GLU A 159 4.14 -24.07 -3.14
C GLU A 159 3.03 -25.11 -3.28
N LYS A 160 2.17 -24.92 -4.28
CA LYS A 160 1.06 -25.83 -4.58
C LYS A 160 1.61 -27.04 -5.32
N PRO A 161 0.98 -28.22 -5.31
CA PRO A 161 -0.34 -28.38 -4.72
C PRO A 161 -0.40 -28.54 -3.20
N PHE A 162 -1.49 -28.09 -2.60
CA PHE A 162 -1.68 -28.31 -1.17
C PHE A 162 -1.97 -29.78 -0.91
N ASP A 163 -1.66 -30.23 0.30
CA ASP A 163 -1.88 -31.61 0.71
C ASP A 163 -2.50 -31.62 2.11
N ASP A 164 -2.72 -32.82 2.64
CA ASP A 164 -3.51 -32.96 3.87
C ASP A 164 -2.72 -32.64 5.14
N HIS A 165 -1.52 -32.10 5.02
CA HIS A 165 -0.91 -31.38 6.12
C HIS A 165 -1.91 -30.38 6.71
N LEU A 166 -1.90 -30.24 8.03
CA LEU A 166 -2.88 -29.38 8.68
C LEU A 166 -2.82 -27.94 8.19
N GLN A 167 -1.66 -27.48 7.74
CA GLN A 167 -1.49 -26.14 7.20
C GLN A 167 -1.12 -26.17 5.71
N ASN A 168 -1.67 -27.16 4.99
CA ASN A 168 -1.70 -27.24 3.54
C ASN A 168 -0.43 -27.78 2.91
N GLY A 169 0.67 -27.80 3.65
CA GLY A 169 1.88 -28.34 3.10
C GLY A 169 3.06 -28.10 4.01
N ALA A 170 4.16 -28.80 3.69
CA ALA A 170 5.38 -28.69 4.45
C ALA A 170 6.59 -28.81 3.52
N VAL A 171 7.71 -28.36 4.04
CA VAL A 171 8.97 -28.37 3.32
C VAL A 171 10.03 -28.98 4.25
N LEU A 172 10.80 -29.91 3.73
CA LEU A 172 11.81 -30.65 4.47
C LEU A 172 13.18 -30.09 4.17
N TYR A 173 13.95 -29.78 5.21
CA TYR A 173 15.29 -29.24 5.05
C TYR A 173 16.26 -30.34 4.63
N ASP A 174 17.05 -30.08 3.60
CA ASP A 174 17.96 -31.08 3.08
C ASP A 174 19.11 -31.32 4.06
N ASN A 175 19.54 -32.57 4.14
CA ASN A 175 20.60 -32.91 5.10
C ASN A 175 21.95 -32.37 4.67
N GLU A 176 22.22 -32.32 3.38
CA GLU A 176 23.48 -31.79 2.85
C GLU A 176 23.14 -30.74 1.80
N GLY A 177 23.15 -29.47 2.21
CA GLY A 177 22.95 -28.37 1.30
C GLY A 177 24.19 -27.51 1.17
N LYS A 178 24.82 -27.61 -0.01
CA LYS A 178 26.11 -26.96 -0.24
C LYS A 178 26.02 -25.45 -0.13
N LEU A 179 24.85 -24.89 -0.44
CA LEU A 179 24.65 -23.46 -0.36
C LEU A 179 24.25 -23.02 1.04
N THR A 180 23.84 -23.94 1.90
CA THR A 180 23.45 -23.63 3.28
C THR A 180 24.03 -24.68 4.22
N PRO A 181 25.37 -24.81 4.27
CA PRO A 181 25.96 -25.87 5.10
C PRO A 181 25.67 -25.73 6.58
N TYR A 182 25.34 -24.53 7.05
CA TYR A 182 24.98 -24.31 8.45
C TYR A 182 23.63 -24.90 8.82
N ALA A 183 22.84 -25.33 7.84
CA ALA A 183 21.58 -25.99 8.08
C ALA A 183 21.64 -27.48 7.78
N ASN A 184 22.85 -27.99 7.54
CA ASN A 184 23.04 -29.41 7.31
C ASN A 184 22.72 -30.21 8.58
N SER A 185 22.56 -31.53 8.39
CA SER A 185 22.30 -32.42 9.50
C SER A 185 22.66 -33.84 9.08
N ASN A 186 23.06 -34.65 10.06
CA ASN A 186 23.25 -36.07 9.84
C ASN A 186 22.04 -36.88 10.27
N TYR A 187 20.94 -36.22 10.61
CA TYR A 187 19.79 -36.89 11.19
C TYR A 187 18.54 -36.57 10.40
N ARG A 188 17.58 -35.87 11.01
CA ARG A 188 16.27 -35.66 10.39
C ARG A 188 15.65 -36.98 9.98
N ILE A 189 15.72 -37.95 10.89
CA ILE A 189 15.13 -39.27 10.68
C ILE A 189 13.64 -39.16 10.98
N LEU A 190 12.80 -39.34 9.96
CA LEU A 190 11.39 -39.00 10.02
C LEU A 190 10.53 -40.21 10.30
N ASN A 191 9.39 -39.96 10.95
CA ASN A 191 8.31 -40.94 11.12
C ASN A 191 8.72 -42.10 12.03
N ARG A 192 9.60 -41.84 13.00
CA ARG A 192 10.04 -42.85 13.95
C ARG A 192 9.09 -42.91 15.15
N THR A 193 7.80 -43.10 14.83
CA THR A 193 6.73 -43.33 15.78
C THR A 193 6.99 -44.59 16.59
N PRO A 194 6.27 -44.83 17.70
CA PRO A 194 6.46 -46.11 18.41
C PRO A 194 6.33 -47.32 17.50
N THR A 195 5.35 -47.31 16.60
CA THR A 195 5.19 -48.39 15.64
C THR A 195 6.42 -48.53 14.74
N ASN A 196 7.02 -47.40 14.35
CA ASN A 196 8.03 -47.35 13.29
C ASN A 196 9.38 -46.89 13.82
N GLN A 197 9.63 -47.05 15.12
CA GLN A 197 10.79 -46.46 15.77
C GLN A 197 12.11 -46.87 15.12
N THR A 198 12.21 -48.12 14.68
CA THR A 198 13.44 -48.62 14.07
C THR A 198 13.50 -48.36 12.56
N GLY A 199 12.54 -47.65 11.99
CA GLY A 199 12.48 -47.49 10.55
C GLY A 199 11.76 -48.61 9.83
N LYS A 200 11.32 -49.63 10.56
CA LYS A 200 10.48 -50.71 10.03
C LYS A 200 9.31 -50.88 10.97
N LYS A 201 8.16 -51.22 10.40
CA LYS A 201 6.98 -51.48 11.22
C LYS A 201 7.26 -52.58 12.23
N ASP A 202 6.99 -52.29 13.50
CA ASP A 202 7.23 -53.24 14.57
C ASP A 202 6.33 -54.47 14.38
N PRO A 203 6.89 -55.68 14.25
CA PRO A 203 6.04 -56.87 14.06
C PRO A 203 5.25 -57.26 15.29
N ARG A 204 5.56 -56.69 16.46
CA ARG A 204 4.85 -57.07 17.67
C ARG A 204 3.43 -56.53 17.71
N TYR A 205 3.17 -55.42 17.02
CA TYR A 205 1.92 -54.68 17.20
C TYR A 205 1.16 -54.64 15.89
N THR A 206 0.00 -55.30 15.87
CA THR A 206 -0.79 -55.47 14.65
C THR A 206 -2.14 -54.77 14.69
N ALA A 207 -2.52 -54.13 15.80
CA ALA A 207 -3.82 -53.48 15.85
C ALA A 207 -3.93 -52.32 14.87
N ASP A 208 -2.81 -51.67 14.55
CA ASP A 208 -2.78 -50.59 13.57
C ASP A 208 -1.86 -51.03 12.44
N ASN A 209 -2.45 -51.27 11.26
CA ASN A 209 -1.68 -51.73 10.11
C ASN A 209 -0.73 -50.67 9.56
N THR A 210 -0.89 -49.41 9.93
CA THR A 210 -0.13 -48.34 9.30
C THR A 210 1.21 -48.20 10.03
N ILE A 211 1.96 -47.14 9.69
CA ILE A 211 3.19 -46.83 10.42
C ILE A 211 2.93 -46.06 11.70
N GLY A 212 1.66 -45.80 12.05
CA GLY A 212 1.35 -45.30 13.37
C GLY A 212 1.62 -43.84 13.64
N GLY A 213 1.57 -43.00 12.61
CA GLY A 213 1.77 -41.57 12.78
C GLY A 213 2.45 -40.99 11.57
N TYR A 214 2.95 -39.76 11.74
CA TYR A 214 3.59 -39.02 10.65
C TYR A 214 4.33 -37.83 11.25
N GLU A 215 5.41 -37.43 10.58
CA GLU A 215 6.37 -36.51 11.19
C GLU A 215 5.84 -35.07 11.24
N PHE A 216 5.32 -34.55 10.13
CA PHE A 216 5.00 -33.13 10.03
C PHE A 216 3.55 -32.90 10.45
N LEU A 217 3.37 -32.27 11.62
CA LEU A 217 2.06 -31.92 12.13
C LEU A 217 1.77 -30.43 11.97
N LEU A 218 2.58 -29.57 12.61
CA LEU A 218 2.33 -28.13 12.63
C LEU A 218 3.65 -27.37 12.67
N ALA A 219 3.66 -26.22 12.00
CA ALA A 219 4.66 -25.14 12.23
C ALA A 219 6.06 -25.69 11.99
N ASN A 220 7.05 -25.26 12.76
CA ASN A 220 8.43 -25.72 12.61
C ASN A 220 8.58 -27.07 13.30
N ASP A 221 8.91 -28.12 12.55
CA ASP A 221 8.98 -29.46 13.09
C ASP A 221 10.35 -29.72 13.71
N VAL A 222 10.37 -29.93 15.03
CA VAL A 222 11.60 -30.22 15.75
C VAL A 222 12.13 -31.59 15.35
N ASP A 223 13.42 -31.66 15.01
CA ASP A 223 14.05 -32.94 14.68
C ASP A 223 14.42 -33.65 15.98
N ASN A 224 13.47 -34.42 16.51
CA ASN A 224 13.72 -35.17 17.73
C ASN A 224 14.51 -36.46 17.48
N SER A 225 15.05 -36.65 16.28
CA SER A 225 16.05 -37.68 16.05
C SER A 225 17.47 -37.15 16.27
N ASN A 226 17.63 -35.84 16.42
CA ASN A 226 18.94 -35.25 16.69
C ASN A 226 19.34 -35.49 18.14
N PRO A 227 20.46 -36.16 18.39
CA PRO A 227 20.87 -36.41 19.79
C PRO A 227 21.01 -35.14 20.62
N VAL A 228 21.49 -34.04 20.02
CA VAL A 228 21.58 -32.77 20.74
C VAL A 228 20.19 -32.28 21.12
N VAL A 229 19.25 -32.37 20.19
CA VAL A 229 17.87 -31.99 20.48
C VAL A 229 17.28 -32.92 21.53
N GLN A 230 17.59 -34.20 21.46
CA GLN A 230 17.10 -35.14 22.47
C GLN A 230 17.57 -34.73 23.87
N ALA A 231 18.87 -34.42 23.99
CA ALA A 231 19.38 -33.97 25.29
C ALA A 231 18.69 -32.68 25.73
N GLU A 232 18.40 -31.77 24.78
CA GLU A 232 17.71 -30.54 25.17
C GLU A 232 16.26 -30.81 25.59
N GLN A 233 15.62 -31.81 25.00
CA GLN A 233 14.28 -32.21 25.46
C GLN A 233 14.34 -32.75 26.88
N LEU A 234 15.36 -33.56 27.18
CA LEU A 234 15.55 -34.00 28.55
C LEU A 234 15.78 -32.81 29.49
N ASN A 235 16.60 -31.85 29.06
CA ASN A 235 16.86 -30.64 29.84
C ASN A 235 15.56 -29.91 30.16
N TRP A 236 14.72 -29.75 29.14
CA TRP A 236 13.43 -29.08 29.32
C TRP A 236 12.53 -29.87 30.27
N LEU A 237 12.55 -31.20 30.16
CA LEU A 237 11.76 -32.03 31.07
C LEU A 237 12.21 -31.84 32.51
N HIS A 238 13.52 -31.86 32.74
CA HIS A 238 14.04 -31.59 34.08
C HIS A 238 13.63 -30.21 34.57
N PHE A 239 13.71 -29.21 33.69
CA PHE A 239 13.27 -27.86 34.04
C PHE A 239 11.82 -27.87 34.52
N LEU A 240 10.93 -28.53 33.77
CA LEU A 240 9.53 -28.53 34.16
C LEU A 240 9.33 -29.26 35.49
N MET A 241 10.01 -30.39 35.68
CA MET A 241 9.85 -31.11 36.93
C MET A 241 10.50 -30.42 38.12
N ASN A 242 11.33 -29.39 37.88
CA ASN A 242 11.92 -28.61 38.96
C ASN A 242 11.63 -27.13 38.81
N PHE A 243 10.52 -26.78 38.15
CA PHE A 243 10.19 -25.38 37.89
C PHE A 243 10.17 -24.54 39.16
N GLY A 244 9.58 -25.04 40.23
CA GLY A 244 9.58 -24.30 41.48
C GLY A 244 10.99 -24.00 41.96
N ASN A 245 11.80 -25.05 42.12
CA ASN A 245 13.19 -24.91 42.52
C ASN A 245 13.91 -23.89 41.67
N ILE A 246 13.73 -23.97 40.35
CA ILE A 246 14.56 -23.20 39.42
C ILE A 246 14.11 -21.75 39.37
N TYR A 247 12.82 -21.51 39.18
CA TYR A 247 12.34 -20.14 38.96
C TYR A 247 12.10 -19.38 40.27
N ALA A 248 11.40 -19.99 41.23
CA ALA A 248 10.91 -19.30 42.41
C ALA A 248 11.68 -19.70 43.67
N ASN A 249 12.67 -20.57 43.48
CA ASN A 249 13.49 -21.10 44.61
C ASN A 249 12.52 -21.64 45.67
N ASP A 250 11.53 -22.40 45.21
CA ASP A 250 10.48 -22.92 46.09
C ASP A 250 10.21 -24.38 45.74
N PRO A 251 10.55 -25.34 46.61
CA PRO A 251 10.38 -26.75 46.22
C PRO A 251 8.93 -27.23 46.20
N ASP A 252 7.98 -26.42 46.66
CA ASP A 252 6.58 -26.81 46.61
C ASP A 252 5.85 -26.28 45.38
N ALA A 253 6.58 -25.73 44.41
CA ALA A 253 6.00 -25.22 43.17
C ALA A 253 6.47 -25.98 41.95
N ASN A 254 6.92 -27.23 42.12
CA ASN A 254 7.35 -28.06 41.00
C ASN A 254 6.15 -28.78 40.39
N PHE A 255 6.17 -28.91 39.06
CA PHE A 255 5.28 -29.85 38.40
C PHE A 255 5.62 -31.27 38.83
N ASP A 256 4.59 -32.08 39.09
CA ASP A 256 4.81 -33.44 39.54
C ASP A 256 4.87 -34.45 38.41
N SER A 257 4.20 -34.19 37.31
CA SER A 257 4.10 -35.18 36.23
C SER A 257 4.08 -34.47 34.89
N ILE A 258 4.07 -35.25 33.81
CA ILE A 258 4.01 -34.67 32.47
C ILE A 258 2.94 -35.36 31.64
N ARG A 259 2.47 -34.63 30.64
CA ARG A 259 1.73 -35.17 29.51
C ARG A 259 2.63 -35.10 28.29
N VAL A 260 2.83 -36.23 27.62
CA VAL A 260 3.67 -36.28 26.43
C VAL A 260 2.81 -35.96 25.22
N ASP A 261 3.03 -34.80 24.63
CA ASP A 261 2.22 -34.30 23.55
C ASP A 261 2.63 -34.88 22.20
N ALA A 262 1.64 -35.20 21.37
CA ALA A 262 1.86 -35.54 19.96
C ALA A 262 2.84 -36.70 19.79
N VAL A 263 2.63 -37.74 20.60
CA VAL A 263 3.51 -38.91 20.56
C VAL A 263 3.68 -39.44 19.14
N ASP A 264 2.59 -39.46 18.37
CA ASP A 264 2.66 -40.09 17.05
C ASP A 264 3.31 -39.21 15.98
N ASN A 265 3.84 -38.04 16.32
CA ASN A 265 4.49 -37.18 15.35
C ASN A 265 5.92 -36.83 15.73
N VAL A 266 6.50 -37.51 16.71
CA VAL A 266 7.86 -37.25 17.15
C VAL A 266 8.61 -38.57 17.22
N ASP A 267 9.93 -38.47 17.21
CA ASP A 267 10.77 -39.66 17.37
C ASP A 267 10.49 -40.30 18.73
N ALA A 268 10.14 -41.59 18.70
CA ALA A 268 9.73 -42.29 19.90
C ALA A 268 10.86 -42.48 20.91
N ASP A 269 12.10 -42.17 20.55
CA ASP A 269 13.19 -42.19 21.53
C ASP A 269 12.84 -41.36 22.75
N LEU A 270 12.09 -40.26 22.57
CA LEU A 270 11.71 -39.42 23.69
C LEU A 270 10.99 -40.23 24.77
N LEU A 271 10.19 -41.21 24.36
CA LEU A 271 9.48 -42.03 25.34
C LEU A 271 10.46 -42.77 26.25
N GLN A 272 11.57 -43.28 25.70
CA GLN A 272 12.58 -43.86 26.58
C GLN A 272 13.24 -42.79 27.43
N ILE A 273 13.56 -41.65 26.81
CA ILE A 273 14.25 -40.58 27.53
C ILE A 273 13.40 -40.12 28.71
N ALA A 274 12.12 -39.88 28.45
CA ALA A 274 11.22 -39.50 29.53
C ALA A 274 11.12 -40.61 30.56
N GLY A 275 10.90 -41.85 30.11
CA GLY A 275 10.69 -42.94 31.07
C GLY A 275 11.91 -43.12 31.95
N ASP A 276 13.08 -43.24 31.31
CA ASP A 276 14.33 -43.31 32.05
C ASP A 276 14.42 -42.20 33.08
N TYR A 277 14.11 -40.97 32.68
CA TYR A 277 14.20 -39.87 33.62
C TYR A 277 13.30 -40.10 34.81
N LEU A 278 12.02 -40.43 34.54
CA LEU A 278 11.07 -40.67 35.63
C LEU A 278 11.59 -41.74 36.56
N LYS A 279 12.26 -42.76 36.02
CA LYS A 279 12.81 -43.80 36.88
C LYS A 279 14.05 -43.30 37.60
N ALA A 280 14.95 -42.63 36.88
CA ALA A 280 16.22 -42.24 37.48
C ALA A 280 16.02 -41.15 38.53
N ALA A 281 15.23 -40.13 38.19
CA ALA A 281 15.12 -38.96 39.06
C ALA A 281 14.02 -39.09 40.10
N LYS A 282 12.93 -39.80 39.80
CA LYS A 282 11.83 -39.90 40.75
C LYS A 282 11.63 -41.31 41.29
N GLY A 283 12.31 -42.31 40.75
CA GLY A 283 12.21 -43.67 41.27
C GLY A 283 10.85 -44.31 41.15
N ILE A 284 10.12 -44.01 40.07
CA ILE A 284 8.75 -44.50 39.94
C ILE A 284 8.70 -46.02 39.81
N HIS A 285 9.78 -46.66 39.37
CA HIS A 285 9.78 -48.12 39.22
C HIS A 285 9.89 -48.85 40.55
N LYS A 286 10.19 -48.15 41.65
CA LYS A 286 10.45 -48.84 42.91
C LYS A 286 9.15 -49.31 43.58
N ASN A 287 8.14 -48.44 43.63
CA ASN A 287 6.90 -48.79 44.29
C ASN A 287 5.80 -47.87 43.78
N ASP A 288 4.56 -48.19 44.17
CA ASP A 288 3.40 -47.47 43.66
C ASP A 288 3.30 -46.07 44.25
N LYS A 289 3.85 -45.85 45.44
CA LYS A 289 3.82 -44.51 46.02
C LYS A 289 4.62 -43.53 45.17
N ALA A 290 5.82 -43.93 44.76
CA ALA A 290 6.62 -43.11 43.85
C ALA A 290 5.92 -42.94 42.50
N ALA A 291 5.38 -44.04 41.96
CA ALA A 291 4.77 -43.99 40.63
C ALA A 291 3.56 -43.04 40.61
N ASN A 292 2.67 -43.18 41.59
CA ASN A 292 1.45 -42.38 41.60
C ASN A 292 1.69 -40.93 41.99
N ASP A 293 2.85 -40.63 42.58
CA ASP A 293 3.21 -39.25 42.86
C ASP A 293 3.71 -38.52 41.62
N HIS A 294 3.96 -39.24 40.52
CA HIS A 294 4.46 -38.63 39.29
C HIS A 294 3.77 -39.26 38.08
N LEU A 295 2.49 -39.59 38.24
CA LEU A 295 1.71 -40.29 37.22
C LEU A 295 1.63 -39.47 35.95
N SER A 296 2.30 -39.93 34.90
CA SER A 296 2.45 -39.20 33.65
C SER A 296 1.76 -39.94 32.51
N ILE A 297 1.27 -39.19 31.52
CA ILE A 297 0.41 -39.74 30.48
C ILE A 297 0.96 -39.41 29.10
N LEU A 298 0.58 -40.25 28.13
CA LEU A 298 0.78 -39.99 26.72
C LEU A 298 -0.54 -39.57 26.07
N GLU A 299 -0.42 -38.71 25.04
CA GLU A 299 -1.50 -38.55 24.06
C GLU A 299 -1.03 -39.28 22.80
N ALA A 300 -1.30 -40.57 22.74
CA ALA A 300 -0.81 -41.43 21.66
C ALA A 300 -2.02 -42.12 21.02
N TRP A 301 -2.32 -41.75 19.78
CA TRP A 301 -3.59 -42.08 19.15
C TRP A 301 -3.58 -43.42 18.42
N SER A 302 -2.43 -43.98 18.14
CA SER A 302 -2.39 -45.25 17.43
C SER A 302 -2.69 -46.41 18.38
N ASP A 303 -3.40 -47.42 17.87
CA ASP A 303 -3.76 -48.57 18.68
C ASP A 303 -2.55 -49.44 19.03
N ASN A 304 -1.40 -49.21 18.39
CA ASN A 304 -0.19 -49.92 18.77
C ASN A 304 0.48 -49.30 19.98
N ASP A 305 0.15 -48.04 20.30
CA ASP A 305 0.93 -47.31 21.29
C ASP A 305 0.71 -47.85 22.69
N THR A 306 -0.49 -48.33 23.00
CA THR A 306 -0.70 -48.90 24.33
C THR A 306 0.08 -50.18 24.54
N PRO A 307 0.00 -51.20 23.66
CA PRO A 307 0.89 -52.36 23.86
C PRO A 307 2.38 -52.00 23.82
N TYR A 308 2.77 -51.06 22.95
CA TYR A 308 4.15 -50.57 22.98
C TYR A 308 4.53 -50.06 24.37
N LEU A 309 3.71 -49.17 24.93
CA LEU A 309 4.01 -48.58 26.22
C LEU A 309 3.97 -49.60 27.35
N HIS A 310 3.11 -50.61 27.24
CA HIS A 310 3.10 -51.68 28.23
C HIS A 310 4.40 -52.48 28.18
N ASP A 311 4.82 -52.87 26.97
CA ASP A 311 6.10 -53.58 26.84
C ASP A 311 7.27 -52.73 27.30
N ASP A 312 7.20 -51.41 27.12
CA ASP A 312 8.27 -50.50 27.49
C ASP A 312 8.43 -50.38 29.01
N GLY A 313 7.47 -50.84 29.80
CA GLY A 313 7.60 -50.90 31.25
C GLY A 313 6.52 -50.20 32.06
N ASP A 314 5.45 -49.74 31.39
CA ASP A 314 4.38 -48.97 32.03
C ASP A 314 4.94 -47.81 32.85
N ASN A 315 5.87 -47.07 32.22
CA ASN A 315 6.40 -45.86 32.85
C ASN A 315 5.47 -44.68 32.69
N MET A 316 4.56 -44.75 31.71
CA MET A 316 3.51 -43.78 31.53
C MET A 316 2.26 -44.56 31.16
N ILE A 317 1.12 -43.88 31.13
CA ILE A 317 -0.14 -44.51 30.75
C ILE A 317 -0.71 -43.79 29.55
N ASN A 318 -1.34 -44.54 28.66
CA ASN A 318 -2.01 -44.00 27.49
C ASN A 318 -3.52 -43.98 27.71
N MET A 319 -4.20 -43.25 26.83
CA MET A 319 -5.66 -43.26 26.84
C MET A 319 -6.20 -44.63 26.44
N ASP A 320 -7.41 -44.93 26.91
CA ASP A 320 -8.17 -46.07 26.41
C ASP A 320 -9.04 -45.57 25.25
N ASN A 321 -8.47 -45.57 24.05
CA ASN A 321 -9.18 -45.04 22.90
C ASN A 321 -10.39 -45.90 22.53
N LYS A 322 -10.30 -47.22 22.74
CA LYS A 322 -11.44 -48.08 22.45
C LYS A 322 -12.66 -47.70 23.27
N LEU A 323 -12.48 -47.52 24.58
CA LEU A 323 -13.59 -47.13 25.44
C LEU A 323 -14.11 -45.75 25.07
N ARG A 324 -13.21 -44.84 24.70
CA ARG A 324 -13.63 -43.52 24.26
C ARG A 324 -14.53 -43.61 23.04
N LEU A 325 -14.13 -44.42 22.06
CA LEU A 325 -14.96 -44.60 20.86
C LEU A 325 -16.29 -45.26 21.21
N SER A 326 -16.25 -46.22 22.14
CA SER A 326 -17.48 -46.90 22.55
C SER A 326 -18.46 -45.92 23.18
N LEU A 327 -17.97 -45.08 24.09
CA LEU A 327 -18.81 -44.04 24.68
C LEU A 327 -19.34 -43.10 23.60
N LEU A 328 -18.44 -42.60 22.74
CA LEU A 328 -18.81 -41.65 21.72
C LEU A 328 -19.94 -42.18 20.84
N PHE A 329 -19.82 -43.42 20.38
CA PHE A 329 -20.77 -43.94 19.41
C PHE A 329 -22.00 -44.60 20.04
N SER A 330 -21.92 -45.03 21.29
CA SER A 330 -23.06 -45.64 21.97
C SER A 330 -23.93 -44.63 22.69
N LEU A 331 -23.35 -43.51 23.13
CA LEU A 331 -24.08 -42.55 23.94
C LEU A 331 -24.14 -41.17 23.34
N ALA A 332 -23.04 -40.66 22.79
CA ALA A 332 -22.93 -39.25 22.45
C ALA A 332 -23.42 -38.92 21.05
N LYS A 333 -23.38 -39.87 20.12
CA LYS A 333 -23.72 -39.58 18.74
C LYS A 333 -25.22 -39.29 18.61
N PRO A 334 -25.62 -38.60 17.54
CA PRO A 334 -27.05 -38.44 17.26
C PRO A 334 -27.77 -39.79 17.23
N LEU A 335 -29.06 -39.76 17.55
CA LEU A 335 -29.84 -40.97 17.77
C LEU A 335 -29.75 -41.95 16.60
N ASN A 336 -29.76 -41.45 15.37
CA ASN A 336 -29.75 -42.33 14.21
C ASN A 336 -28.37 -42.86 13.86
N GLN A 337 -27.31 -42.26 14.44
CA GLN A 337 -25.94 -42.71 14.22
C GLN A 337 -25.41 -43.52 15.39
N ARG A 338 -26.27 -43.88 16.34
CA ARG A 338 -25.85 -44.46 17.59
C ARG A 338 -25.76 -45.97 17.46
N SER A 339 -24.70 -46.53 18.04
CA SER A 339 -24.46 -47.97 18.01
C SER A 339 -25.19 -48.66 19.16
N GLY A 340 -25.17 -49.99 19.14
CA GLY A 340 -25.60 -50.76 20.28
C GLY A 340 -24.78 -50.43 21.53
N MET A 341 -25.25 -50.91 22.67
CA MET A 341 -24.67 -50.54 23.94
C MET A 341 -23.58 -51.49 24.43
N ASN A 342 -23.56 -52.72 23.93
CA ASN A 342 -22.60 -53.70 24.42
C ASN A 342 -21.14 -53.30 24.27
N PRO A 343 -20.72 -52.50 23.29
CA PRO A 343 -19.30 -52.07 23.28
C PRO A 343 -18.87 -51.41 24.58
N LEU A 344 -19.77 -50.66 25.23
CA LEU A 344 -19.47 -50.05 26.52
C LEU A 344 -18.95 -51.07 27.53
N ILE A 345 -19.24 -52.35 27.32
CA ILE A 345 -18.77 -53.40 28.22
C ILE A 345 -17.48 -54.04 27.70
N THR A 346 -17.37 -54.26 26.38
CA THR A 346 -16.34 -55.15 25.86
C THR A 346 -15.29 -54.44 25.00
N ASN A 347 -15.67 -53.27 24.48
CA ASN A 347 -14.80 -52.42 23.62
C ASN A 347 -14.06 -51.38 24.48
N SER A 348 -12.99 -51.82 25.12
CA SER A 348 -12.09 -51.06 26.02
C SER A 348 -10.97 -52.02 26.43
N LEU A 349 -9.82 -51.45 26.76
CA LEU A 349 -8.65 -52.22 27.22
C LEU A 349 -9.06 -53.32 28.19
N VAL A 350 -10.09 -53.06 28.99
CA VAL A 350 -10.55 -54.00 30.00
C VAL A 350 -11.97 -54.41 29.66
N ASN A 351 -12.20 -55.72 29.52
CA ASN A 351 -13.55 -56.24 29.39
C ASN A 351 -14.19 -56.19 30.77
N ARG A 352 -15.19 -55.32 30.94
CA ARG A 352 -15.78 -55.09 32.26
C ARG A 352 -17.01 -55.94 32.51
N THR A 353 -17.18 -57.03 31.77
CA THR A 353 -18.24 -57.99 32.07
C THR A 353 -18.15 -58.47 33.51
N ASP A 354 -16.98 -58.99 33.90
CA ASP A 354 -16.68 -59.29 35.29
C ASP A 354 -15.21 -58.90 35.52
N ASP A 355 -15.00 -57.72 36.10
CA ASP A 355 -13.66 -57.21 36.42
C ASP A 355 -13.43 -57.42 37.91
N ASN A 356 -12.78 -58.53 38.26
CA ASN A 356 -12.53 -58.91 39.64
C ASN A 356 -11.05 -58.87 39.99
N ALA A 357 -10.23 -58.29 39.14
CA ALA A 357 -8.78 -58.35 39.32
C ALA A 357 -8.32 -57.33 40.35
N GLU A 358 -7.36 -57.75 41.18
CA GLU A 358 -6.75 -56.81 42.10
C GLU A 358 -5.88 -55.81 41.36
N THR A 359 -5.23 -56.25 40.28
CA THR A 359 -4.49 -55.36 39.39
C THR A 359 -4.87 -55.68 37.96
N ALA A 360 -5.31 -54.66 37.22
CA ALA A 360 -5.64 -54.87 35.82
C ALA A 360 -4.37 -55.10 35.00
N ALA A 361 -4.55 -55.73 33.84
CA ALA A 361 -3.42 -56.06 32.98
C ALA A 361 -2.69 -54.80 32.51
N VAL A 362 -3.43 -53.79 32.07
CA VAL A 362 -2.83 -52.60 31.49
C VAL A 362 -3.41 -51.35 32.16
N PRO A 363 -2.59 -50.40 32.58
CA PRO A 363 -3.12 -49.13 33.08
C PRO A 363 -3.46 -48.17 31.96
N SER A 364 -4.44 -47.30 32.22
CA SER A 364 -4.91 -46.38 31.21
C SER A 364 -5.68 -45.24 31.88
N TYR A 365 -5.88 -44.17 31.14
CA TYR A 365 -6.85 -43.16 31.53
C TYR A 365 -7.97 -43.14 30.50
N SER A 366 -9.16 -42.74 30.96
CA SER A 366 -10.37 -42.75 30.16
C SER A 366 -11.00 -41.36 30.15
N PHE A 367 -11.52 -40.98 28.99
CA PHE A 367 -12.19 -39.70 28.86
C PHE A 367 -13.16 -39.78 27.69
N ILE A 368 -14.10 -38.83 27.65
CA ILE A 368 -15.04 -38.70 26.55
C ILE A 368 -14.74 -37.46 25.71
N ARG A 369 -14.31 -36.38 26.34
CA ARG A 369 -13.89 -35.18 25.64
C ARG A 369 -12.57 -34.68 26.21
N ALA A 370 -11.82 -33.97 25.37
CA ALA A 370 -10.60 -33.29 25.78
C ALA A 370 -10.61 -31.89 25.18
N HIS A 371 -9.62 -31.08 25.57
CA HIS A 371 -9.55 -29.70 25.09
C HIS A 371 -9.61 -29.62 23.57
N ASP A 372 -9.08 -30.64 22.88
CA ASP A 372 -9.15 -30.73 21.43
C ASP A 372 -10.12 -31.79 20.95
N SER A 373 -10.03 -33.01 21.48
CA SER A 373 -10.85 -34.12 20.99
C SER A 373 -12.31 -33.89 21.32
N GLU A 374 -13.15 -33.81 20.28
CA GLU A 374 -14.60 -33.63 20.40
C GLU A 374 -14.96 -32.25 20.95
N VAL A 375 -14.12 -31.26 20.71
CA VAL A 375 -14.48 -29.87 20.98
C VAL A 375 -14.21 -29.05 19.73
N GLN A 376 -12.92 -28.87 19.41
CA GLN A 376 -12.57 -28.16 18.19
C GLN A 376 -13.04 -28.91 16.95
N ASP A 377 -13.18 -30.24 17.04
CA ASP A 377 -13.80 -31.00 15.97
C ASP A 377 -15.23 -30.55 15.74
N LEU A 378 -15.95 -30.26 16.82
CA LEU A 378 -17.33 -29.81 16.69
C LEU A 378 -17.40 -28.39 16.15
N ILE A 379 -16.49 -27.52 16.58
CA ILE A 379 -16.43 -26.18 16.01
C ILE A 379 -16.13 -26.25 14.52
N ARG A 380 -15.22 -27.13 14.10
CA ARG A 380 -14.97 -27.32 12.67
C ARG A 380 -16.22 -27.81 11.96
N ASP A 381 -16.92 -28.76 12.56
CA ASP A 381 -18.18 -29.24 11.99
C ASP A 381 -19.14 -28.08 11.78
N ILE A 382 -19.29 -27.23 12.79
CA ILE A 382 -20.21 -26.10 12.70
C ILE A 382 -19.74 -25.10 11.65
N ILE A 383 -18.44 -24.81 11.59
CA ILE A 383 -17.94 -23.83 10.62
C ILE A 383 -18.17 -24.33 9.20
N LYS A 384 -17.84 -25.59 8.96
CA LYS A 384 -17.95 -26.18 7.61
C LYS A 384 -19.42 -26.33 7.20
N ALA A 385 -20.32 -26.44 8.16
CA ALA A 385 -21.73 -26.67 7.83
C ALA A 385 -22.51 -25.37 7.64
N GLU A 386 -22.20 -24.33 8.40
CA GLU A 386 -23.04 -23.13 8.29
C GLU A 386 -22.21 -21.87 8.07
N ILE A 387 -20.90 -21.93 8.16
CA ILE A 387 -20.18 -20.66 7.96
C ILE A 387 -19.26 -20.64 6.73
N ASN A 388 -18.19 -21.43 6.74
CA ASN A 388 -17.17 -21.41 5.69
C ASN A 388 -16.88 -22.85 5.27
N PRO A 389 -17.51 -23.33 4.19
CA PRO A 389 -17.32 -24.73 3.77
C PRO A 389 -15.90 -25.04 3.30
N ASN A 390 -15.02 -24.06 3.17
CA ASN A 390 -13.66 -24.28 2.69
C ASN A 390 -12.63 -24.25 3.81
N VAL A 391 -13.08 -24.23 5.07
CA VAL A 391 -12.16 -24.14 6.20
C VAL A 391 -11.10 -25.21 6.10
N VAL A 392 -9.84 -24.82 6.30
CA VAL A 392 -8.70 -25.72 6.22
C VAL A 392 -8.39 -26.22 7.63
N GLY A 393 -8.48 -27.54 7.81
CA GLY A 393 -8.16 -28.18 9.07
C GLY A 393 -8.81 -27.52 10.27
N TYR A 394 -7.98 -26.99 11.18
CA TYR A 394 -8.47 -26.23 12.32
C TYR A 394 -7.97 -24.79 12.28
N SER A 395 -7.60 -24.29 11.08
CA SER A 395 -7.10 -22.92 10.93
C SER A 395 -8.28 -21.95 10.86
N PHE A 396 -8.94 -21.79 12.00
CA PHE A 396 -10.07 -20.88 12.09
C PHE A 396 -9.62 -19.45 12.24
N THR A 397 -10.48 -18.52 11.83
CA THR A 397 -10.37 -17.13 12.23
C THR A 397 -11.15 -16.93 13.52
N MET A 398 -10.71 -15.96 14.32
CA MET A 398 -11.43 -15.63 15.55
C MET A 398 -12.90 -15.35 15.27
N GLU A 399 -13.20 -14.75 14.11
CA GLU A 399 -14.57 -14.41 13.79
C GLU A 399 -15.38 -15.67 13.48
N GLU A 400 -14.79 -16.60 12.73
CA GLU A 400 -15.43 -17.90 12.53
C GLU A 400 -15.70 -18.59 13.86
N ILE A 401 -14.76 -18.49 14.81
CA ILE A 401 -14.93 -19.15 16.11
C ILE A 401 -16.08 -18.54 16.87
N LYS A 402 -16.11 -17.20 16.97
CA LYS A 402 -17.18 -16.57 17.74
C LYS A 402 -18.53 -16.74 17.08
N LYS A 403 -18.53 -16.84 15.74
CA LYS A 403 -19.78 -17.05 14.97
C LYS A 403 -20.28 -18.48 15.22
N ALA A 404 -19.37 -19.46 15.19
CA ALA A 404 -19.70 -20.86 15.41
C ALA A 404 -20.16 -21.11 16.85
N PHE A 405 -19.62 -20.35 17.79
CA PHE A 405 -19.96 -20.56 19.23
C PHE A 405 -21.42 -20.21 19.55
N GLU A 406 -22.04 -19.31 18.82
CA GLU A 406 -23.45 -19.04 19.10
C GLU A 406 -24.32 -20.24 18.74
N ILE A 407 -24.06 -20.83 17.56
CA ILE A 407 -24.71 -22.08 17.18
C ILE A 407 -24.40 -23.17 18.18
N TYR A 408 -23.13 -23.30 18.55
CA TYR A 408 -22.70 -24.33 19.50
C TYR A 408 -23.44 -24.20 20.83
N ASN A 409 -23.48 -22.99 21.37
CA ASN A 409 -24.06 -22.77 22.68
C ASN A 409 -25.57 -22.97 22.67
N LYS A 410 -26.20 -22.66 21.52
CA LYS A 410 -27.68 -22.84 21.39
C LYS A 410 -27.97 -24.34 21.32
N ASP A 411 -27.14 -25.07 20.56
CA ASP A 411 -27.24 -26.52 20.41
C ASP A 411 -27.04 -27.27 21.72
N LEU A 412 -26.12 -26.79 22.57
CA LEU A 412 -25.88 -27.43 23.86
C LEU A 412 -27.18 -27.61 24.62
N LEU A 413 -28.07 -26.63 24.57
CA LEU A 413 -29.27 -26.60 25.40
C LEU A 413 -30.46 -27.31 24.76
N ALA A 414 -30.33 -27.78 23.52
CA ALA A 414 -31.45 -28.40 22.83
C ALA A 414 -31.63 -29.85 23.22
N THR A 415 -32.88 -30.33 23.08
CA THR A 415 -33.14 -31.77 23.19
C THR A 415 -32.67 -32.50 21.94
N GLU A 416 -32.94 -31.94 20.77
CA GLU A 416 -32.42 -32.45 19.51
C GLU A 416 -31.17 -31.66 19.17
N LYS A 417 -30.01 -32.30 19.29
CA LYS A 417 -28.74 -31.66 19.05
C LYS A 417 -28.22 -32.07 17.67
N LYS A 418 -27.78 -31.09 16.89
CA LYS A 418 -27.20 -31.39 15.60
C LYS A 418 -25.68 -31.45 15.63
N TYR A 419 -25.04 -30.80 16.59
CA TYR A 419 -23.59 -30.68 16.58
C TYR A 419 -22.90 -31.15 17.85
N THR A 420 -23.60 -31.14 18.98
CA THR A 420 -22.97 -31.38 20.28
C THR A 420 -23.40 -32.74 20.84
N HIS A 421 -22.67 -33.16 21.87
CA HIS A 421 -22.81 -34.50 22.41
C HIS A 421 -24.14 -34.70 23.14
N TYR A 422 -24.75 -35.85 22.93
CA TYR A 422 -25.82 -36.35 23.78
C TYR A 422 -25.25 -37.09 24.99
N ASN A 423 -26.05 -37.15 26.05
CA ASN A 423 -25.86 -38.13 27.13
C ASN A 423 -24.53 -37.95 27.85
N THR A 424 -24.09 -36.70 28.02
CA THR A 424 -22.85 -36.43 28.73
C THR A 424 -22.85 -37.09 30.11
N ALA A 425 -23.96 -36.93 30.85
CA ALA A 425 -24.03 -37.48 32.19
C ALA A 425 -23.94 -39.01 32.19
N LEU A 426 -24.48 -39.67 31.16
CA LEU A 426 -24.36 -41.12 31.08
C LEU A 426 -22.90 -41.52 30.86
N SER A 427 -22.20 -40.79 29.99
CA SER A 427 -20.79 -41.04 29.77
C SER A 427 -20.00 -40.90 31.05
N TYR A 428 -20.28 -39.84 31.83
CA TYR A 428 -19.53 -39.63 33.06
C TYR A 428 -19.94 -40.60 34.16
N ALA A 429 -21.20 -41.06 34.16
CA ALA A 429 -21.60 -42.09 35.10
C ALA A 429 -20.83 -43.37 34.86
N LEU A 430 -20.57 -43.70 33.59
CA LEU A 430 -19.74 -44.87 33.32
C LEU A 430 -18.27 -44.59 33.66
N LEU A 431 -17.75 -43.43 33.24
CA LEU A 431 -16.34 -43.11 33.46
C LEU A 431 -15.99 -43.09 34.94
N LEU A 432 -16.87 -42.55 35.77
CA LEU A 432 -16.58 -42.32 37.18
C LEU A 432 -16.97 -43.48 38.07
N THR A 433 -17.55 -44.54 37.52
CA THR A 433 -17.78 -45.78 38.27
C THR A 433 -17.02 -46.96 37.72
N ASN A 434 -16.46 -46.86 36.50
CA ASN A 434 -15.67 -47.94 35.93
C ASN A 434 -14.49 -48.30 36.82
N LYS A 435 -14.21 -49.60 36.90
CA LYS A 435 -13.00 -50.11 37.52
C LYS A 435 -11.88 -50.15 36.49
N SER A 436 -10.63 -50.10 36.99
CA SER A 436 -9.44 -50.41 36.20
C SER A 436 -9.12 -49.33 35.15
N SER A 437 -9.45 -48.08 35.45
CA SER A 437 -8.95 -46.98 34.65
C SER A 437 -9.04 -45.72 35.47
N VAL A 438 -8.16 -44.76 35.16
CA VAL A 438 -8.19 -43.45 35.79
C VAL A 438 -9.10 -42.55 34.95
N PRO A 439 -10.22 -42.08 35.47
CA PRO A 439 -11.06 -41.15 34.70
C PRO A 439 -10.37 -39.81 34.58
N ARG A 440 -10.54 -39.17 33.43
CA ARG A 440 -10.13 -37.78 33.26
C ARG A 440 -11.36 -36.96 32.91
N VAL A 441 -11.70 -36.02 33.80
CA VAL A 441 -12.82 -35.12 33.58
C VAL A 441 -12.34 -33.92 32.77
N TYR A 442 -13.10 -33.56 31.75
CA TYR A 442 -12.81 -32.39 30.93
C TYR A 442 -13.47 -31.15 31.54
N TYR A 443 -12.69 -30.08 31.71
CA TYR A 443 -13.21 -28.80 32.21
C TYR A 443 -14.48 -28.38 31.48
N GLY A 444 -14.45 -28.41 30.15
CA GLY A 444 -15.57 -27.93 29.35
C GLY A 444 -16.82 -28.78 29.40
N ASP A 445 -16.84 -29.86 30.17
CA ASP A 445 -18.06 -30.60 30.42
C ASP A 445 -18.74 -30.20 31.72
N MET A 446 -18.02 -29.52 32.62
CA MET A 446 -18.57 -28.97 33.84
C MET A 446 -18.81 -27.47 33.75
N PHE A 447 -17.92 -26.77 33.04
CA PHE A 447 -18.04 -25.35 32.78
C PHE A 447 -18.10 -25.12 31.28
N THR A 448 -18.56 -23.93 30.89
CA THR A 448 -18.70 -23.61 29.47
C THR A 448 -17.36 -23.65 28.76
N ASP A 449 -17.37 -24.14 27.51
CA ASP A 449 -16.14 -24.19 26.73
C ASP A 449 -15.61 -22.80 26.42
N ASP A 450 -16.49 -21.82 26.28
CA ASP A 450 -16.11 -20.42 26.12
C ASP A 450 -16.40 -19.65 27.40
N GLY A 451 -16.01 -18.38 27.40
CA GLY A 451 -16.21 -17.55 28.58
C GLY A 451 -15.08 -17.66 29.57
N GLN A 452 -15.26 -16.95 30.69
CA GLN A 452 -14.20 -16.85 31.69
C GLN A 452 -14.11 -18.13 32.51
N TYR A 453 -12.92 -18.38 33.03
CA TYR A 453 -12.61 -19.63 33.71
C TYR A 453 -13.52 -19.85 34.91
N MET A 454 -14.26 -20.95 34.90
CA MET A 454 -15.14 -21.37 35.98
C MET A 454 -16.26 -20.37 36.24
N ALA A 455 -16.57 -19.52 35.25
CA ALA A 455 -17.58 -18.50 35.43
C ALA A 455 -19.00 -19.05 35.28
N HIS A 456 -19.19 -20.01 34.37
CA HIS A 456 -20.54 -20.48 34.04
C HIS A 456 -20.57 -22.00 34.02
N LYS A 457 -21.47 -22.57 34.81
CA LYS A 457 -21.61 -24.02 34.86
C LYS A 457 -22.46 -24.50 33.67
N THR A 458 -22.14 -25.71 33.20
CA THR A 458 -22.99 -26.38 32.23
C THR A 458 -24.22 -26.97 32.91
N ILE A 459 -25.18 -27.40 32.11
CA ILE A 459 -26.36 -28.08 32.66
C ILE A 459 -26.01 -29.41 33.28
N ASN A 460 -24.80 -29.92 33.05
CA ASN A 460 -24.37 -31.20 33.60
C ASN A 460 -23.45 -31.04 34.81
N TYR A 461 -23.09 -29.81 35.18
CA TYR A 461 -22.22 -29.59 36.32
C TYR A 461 -22.71 -30.34 37.56
N GLU A 462 -24.01 -30.25 37.85
CA GLU A 462 -24.52 -30.85 39.08
C GLU A 462 -24.37 -32.37 39.05
N ALA A 463 -24.77 -33.00 37.94
CA ALA A 463 -24.66 -34.46 37.82
C ALA A 463 -23.21 -34.91 37.95
N ILE A 464 -22.29 -34.21 37.29
CA ILE A 464 -20.90 -34.63 37.30
C ILE A 464 -20.30 -34.45 38.69
N GLU A 465 -20.60 -33.32 39.35
CA GLU A 465 -20.12 -33.10 40.71
C GLU A 465 -20.67 -34.14 41.67
N THR A 466 -21.96 -34.44 41.56
CA THR A 466 -22.56 -35.50 42.36
C THR A 466 -21.83 -36.82 42.14
N LEU A 467 -21.52 -37.15 40.88
CA LEU A 467 -20.81 -38.38 40.60
C LEU A 467 -19.40 -38.37 41.20
N LEU A 468 -18.71 -37.23 41.15
CA LEU A 468 -17.35 -37.17 41.71
C LEU A 468 -17.35 -37.41 43.21
N LYS A 469 -18.26 -36.73 43.92
CA LYS A 469 -18.33 -36.92 45.37
C LYS A 469 -18.78 -38.33 45.73
N ALA A 470 -19.76 -38.86 44.99
CA ALA A 470 -20.18 -40.23 45.23
C ALA A 470 -19.09 -41.22 44.88
N ARG A 471 -18.21 -40.89 43.94
CA ARG A 471 -17.10 -41.77 43.63
C ARG A 471 -16.17 -41.87 44.81
N ILE A 472 -15.86 -40.73 45.43
CA ILE A 472 -15.09 -40.76 46.67
C ILE A 472 -15.78 -41.67 47.70
N LYS A 473 -17.09 -41.49 47.88
CA LYS A 473 -17.73 -42.15 49.02
C LYS A 473 -18.05 -43.64 48.78
N TYR A 474 -18.39 -44.04 47.55
CA TYR A 474 -19.02 -45.33 47.30
C TYR A 474 -18.28 -46.25 46.34
N VAL A 475 -17.48 -45.71 45.42
CA VAL A 475 -17.00 -46.48 44.27
C VAL A 475 -15.73 -47.22 44.66
N SER A 476 -15.84 -48.54 44.84
CA SER A 476 -14.71 -49.42 45.10
C SER A 476 -15.17 -50.85 44.93
N GLY A 477 -14.22 -51.78 44.87
CA GLY A 477 -14.53 -53.17 44.70
C GLY A 477 -14.55 -53.62 43.24
N GLY A 478 -14.90 -54.89 43.06
CA GLY A 478 -15.04 -55.45 41.73
C GLY A 478 -16.17 -54.83 40.95
N GLN A 479 -16.19 -55.12 39.66
CA GLN A 479 -17.18 -54.57 38.76
C GLN A 479 -17.90 -55.69 38.00
N ALA A 480 -19.18 -55.49 37.75
CA ALA A 480 -19.96 -56.34 36.86
C ALA A 480 -20.77 -55.48 35.92
N MET A 481 -20.70 -55.76 34.63
CA MET A 481 -21.53 -55.09 33.64
C MET A 481 -22.39 -56.13 32.94
N ARG A 482 -23.66 -55.77 32.73
CA ARG A 482 -24.61 -56.64 32.05
C ARG A 482 -25.33 -55.85 30.97
N ASN A 483 -25.65 -56.56 29.88
CA ASN A 483 -26.39 -56.01 28.74
C ASN A 483 -27.68 -56.82 28.62
N GLN A 484 -28.82 -56.18 28.84
CA GLN A 484 -30.10 -56.88 28.84
C GLN A 484 -31.01 -56.28 27.76
N GLN A 485 -31.49 -57.14 26.87
CA GLN A 485 -32.54 -56.77 25.91
C GLN A 485 -33.87 -56.71 26.64
N VAL A 486 -34.49 -55.53 26.67
CA VAL A 486 -35.77 -55.34 27.34
C VAL A 486 -36.70 -54.58 26.41
N GLY A 487 -37.96 -55.01 26.38
CA GLY A 487 -38.96 -54.39 25.53
C GLY A 487 -38.51 -54.25 24.09
N ASN A 488 -38.55 -53.03 23.58
CA ASN A 488 -38.16 -52.75 22.20
C ASN A 488 -36.67 -52.42 22.07
N SER A 489 -35.93 -52.34 23.17
CA SER A 489 -34.54 -51.90 23.11
C SER A 489 -33.67 -52.65 24.12
N GLU A 490 -32.72 -51.95 24.73
CA GLU A 490 -31.75 -52.59 25.60
C GLU A 490 -31.30 -51.63 26.69
N ILE A 491 -30.79 -52.20 27.78
CA ILE A 491 -30.15 -51.44 28.84
C ILE A 491 -28.83 -52.11 29.18
N ILE A 492 -27.97 -51.36 29.86
CA ILE A 492 -26.81 -51.92 30.53
C ILE A 492 -26.86 -51.56 32.00
N THR A 493 -26.34 -52.46 32.82
CA THR A 493 -26.14 -52.23 34.24
C THR A 493 -24.66 -52.36 34.56
N SER A 494 -24.18 -51.51 35.45
CA SER A 494 -22.80 -51.54 35.92
C SER A 494 -22.82 -51.46 37.43
N VAL A 495 -22.22 -52.45 38.08
CA VAL A 495 -22.24 -52.55 39.54
C VAL A 495 -20.81 -52.55 40.04
N ARG A 496 -20.56 -51.78 41.10
CA ARG A 496 -19.39 -51.93 41.93
C ARG A 496 -19.82 -52.49 43.28
N TYR A 497 -19.17 -53.57 43.70
CA TYR A 497 -19.63 -54.37 44.84
C TYR A 497 -19.35 -53.70 46.19
N GLY A 498 -18.49 -52.70 46.24
CA GLY A 498 -18.14 -52.08 47.50
C GLY A 498 -16.72 -52.44 47.93
N LYS A 499 -16.18 -51.62 48.83
CA LYS A 499 -14.79 -51.74 49.23
C LYS A 499 -14.51 -53.10 49.86
N GLY A 500 -13.49 -53.79 49.34
CA GLY A 500 -13.11 -55.09 49.84
C GLY A 500 -13.80 -56.26 49.16
N ALA A 501 -14.78 -56.02 48.29
CA ALA A 501 -15.49 -57.08 47.59
C ALA A 501 -15.06 -57.05 46.13
N LEU A 502 -14.11 -57.92 45.77
CA LEU A 502 -13.71 -58.05 44.37
C LEU A 502 -14.64 -58.97 43.60
N LYS A 503 -15.27 -59.93 44.27
CA LYS A 503 -16.15 -60.89 43.65
C LYS A 503 -17.55 -60.75 44.22
N ALA A 504 -18.55 -61.12 43.41
CA ALA A 504 -19.95 -61.01 43.81
C ALA A 504 -20.27 -61.82 45.06
N THR A 505 -19.50 -62.87 45.36
CA THR A 505 -19.77 -63.72 46.51
C THR A 505 -19.12 -63.21 47.80
N ASP A 506 -18.28 -62.18 47.72
CA ASP A 506 -17.63 -61.63 48.92
C ASP A 506 -18.67 -60.98 49.82
N THR A 507 -18.75 -61.44 51.07
CA THR A 507 -19.77 -60.95 51.99
C THR A 507 -19.43 -59.59 52.60
N GLY A 508 -18.16 -59.21 52.60
CA GLY A 508 -17.76 -57.87 53.00
C GLY A 508 -17.77 -57.64 54.49
N ASP A 509 -17.32 -56.44 54.87
CA ASP A 509 -17.44 -55.98 56.25
C ASP A 509 -18.35 -54.75 56.29
N ARG A 510 -18.29 -53.99 57.38
CA ARG A 510 -19.26 -52.90 57.54
C ARG A 510 -19.09 -51.83 56.47
N THR A 511 -17.85 -51.62 55.99
CA THR A 511 -17.64 -50.60 54.96
C THR A 511 -18.06 -51.10 53.58
N THR A 512 -17.88 -52.39 53.29
CA THR A 512 -18.45 -52.94 52.07
C THR A 512 -19.95 -52.70 52.01
N ARG A 513 -20.65 -52.91 53.14
CA ARG A 513 -22.11 -52.79 53.17
C ARG A 513 -22.58 -51.42 52.70
N THR A 514 -21.90 -50.35 53.12
CA THR A 514 -22.33 -48.99 52.83
C THR A 514 -21.61 -48.38 51.64
N SER A 515 -20.95 -49.20 50.83
CA SER A 515 -20.32 -48.75 49.59
C SER A 515 -20.81 -49.62 48.44
N GLY A 516 -20.30 -49.35 47.25
CA GLY A 516 -20.80 -49.93 46.02
C GLY A 516 -21.79 -48.98 45.34
N VAL A 517 -22.15 -49.34 44.11
CA VAL A 517 -23.02 -48.46 43.31
C VAL A 517 -23.61 -49.27 42.17
N ALA A 518 -24.81 -48.87 41.72
CA ALA A 518 -25.45 -49.43 40.54
C ALA A 518 -25.79 -48.32 39.56
N VAL A 519 -25.35 -48.48 38.31
CA VAL A 519 -25.68 -47.58 37.21
C VAL A 519 -26.52 -48.35 36.20
N ILE A 520 -27.67 -47.80 35.84
CA ILE A 520 -28.53 -48.34 34.79
C ILE A 520 -28.62 -47.31 33.69
N GLU A 521 -28.33 -47.73 32.46
CA GLU A 521 -28.32 -46.80 31.35
C GLU A 521 -29.01 -47.40 30.14
N GLY A 522 -29.71 -46.54 29.41
CA GLY A 522 -30.17 -46.85 28.07
C GLY A 522 -29.85 -45.71 27.14
N ASN A 523 -29.71 -46.03 25.86
CA ASN A 523 -29.33 -45.04 24.86
C ASN A 523 -30.40 -44.83 23.79
N ASN A 524 -31.65 -45.21 24.08
CA ASN A 524 -32.74 -45.08 23.13
C ASN A 524 -33.92 -44.39 23.79
N PRO A 525 -34.29 -43.18 23.36
CA PRO A 525 -35.42 -42.47 24.00
C PRO A 525 -36.75 -43.20 23.88
N SER A 526 -36.89 -44.12 22.93
CA SER A 526 -38.12 -44.86 22.74
C SER A 526 -38.25 -46.07 23.67
N LEU A 527 -37.21 -46.35 24.47
CA LEU A 527 -37.18 -47.53 25.34
C LEU A 527 -38.44 -47.64 26.19
N ARG A 528 -39.15 -48.75 26.03
CA ARG A 528 -40.32 -49.07 26.85
C ARG A 528 -40.24 -50.53 27.27
N LEU A 529 -40.30 -50.77 28.57
CA LEU A 529 -40.27 -52.13 29.07
C LEU A 529 -41.67 -52.75 29.00
N LYS A 530 -41.71 -54.06 28.72
CA LYS A 530 -42.96 -54.80 28.84
C LYS A 530 -43.37 -54.86 30.32
N ALA A 531 -44.66 -55.05 30.54
CA ALA A 531 -45.16 -55.20 31.90
C ALA A 531 -44.47 -56.35 32.63
N SER A 532 -44.08 -57.40 31.90
CA SER A 532 -43.43 -58.56 32.48
C SER A 532 -41.91 -58.43 32.57
N ASP A 533 -41.33 -57.33 32.08
CA ASP A 533 -39.88 -57.18 32.08
C ASP A 533 -39.37 -56.86 33.49
N ARG A 534 -38.32 -57.55 33.89
CA ARG A 534 -37.63 -57.28 35.15
C ARG A 534 -36.16 -57.03 34.84
N VAL A 535 -35.60 -55.96 35.41
CA VAL A 535 -34.16 -55.71 35.37
C VAL A 535 -33.63 -56.07 36.75
N VAL A 536 -32.98 -57.21 36.84
CA VAL A 536 -32.47 -57.75 38.10
C VAL A 536 -30.98 -57.45 38.17
N VAL A 537 -30.60 -56.55 39.07
CA VAL A 537 -29.24 -56.07 39.21
C VAL A 537 -28.65 -56.71 40.46
N ASN A 538 -27.67 -57.58 40.29
CA ASN A 538 -26.99 -58.21 41.41
C ASN A 538 -26.01 -57.21 42.02
N MET A 539 -26.26 -56.85 43.28
CA MET A 539 -25.42 -55.88 43.99
C MET A 539 -24.23 -56.51 44.68
N GLY A 540 -24.21 -57.82 44.84
CA GLY A 540 -23.13 -58.50 45.54
C GLY A 540 -23.59 -59.04 46.89
N ALA A 541 -22.81 -60.00 47.41
CA ALA A 541 -23.22 -60.73 48.60
C ALA A 541 -23.20 -59.87 49.86
N ALA A 542 -22.56 -58.70 49.83
CA ALA A 542 -22.59 -57.80 50.97
C ALA A 542 -23.89 -57.02 51.09
N HIS A 543 -24.79 -57.12 50.11
CA HIS A 543 -25.92 -56.20 50.01
C HIS A 543 -27.26 -56.93 49.99
N LYS A 544 -27.39 -58.00 50.77
CA LYS A 544 -28.66 -58.68 50.93
C LYS A 544 -29.56 -57.89 51.88
N ASN A 545 -30.85 -57.80 51.54
CA ASN A 545 -31.87 -57.17 52.37
C ASN A 545 -31.42 -55.78 52.84
N GLN A 546 -31.19 -54.90 51.87
CA GLN A 546 -30.59 -53.61 52.17
C GLN A 546 -31.37 -52.49 51.50
N ALA A 547 -31.46 -51.35 52.19
CA ALA A 547 -32.08 -50.16 51.63
C ALA A 547 -31.11 -49.47 50.68
N TYR A 548 -31.63 -49.09 49.51
CA TYR A 548 -30.90 -48.29 48.55
C TYR A 548 -31.68 -47.03 48.24
N ARG A 549 -30.97 -45.98 47.86
CA ARG A 549 -31.58 -44.71 47.53
C ARG A 549 -30.97 -44.18 46.24
N PRO A 550 -31.71 -43.35 45.50
CA PRO A 550 -31.17 -42.84 44.24
C PRO A 550 -30.08 -41.81 44.47
N LEU A 551 -29.06 -41.84 43.61
CA LEU A 551 -28.11 -40.75 43.49
C LEU A 551 -28.44 -39.84 42.32
N LEU A 552 -28.80 -40.44 41.18
CA LEU A 552 -29.20 -39.69 40.01
C LEU A 552 -30.41 -40.37 39.39
N LEU A 553 -31.40 -39.57 38.98
CA LEU A 553 -32.55 -40.12 38.29
C LEU A 553 -32.89 -39.24 37.09
N THR A 554 -33.17 -39.87 35.95
CA THR A 554 -33.64 -39.11 34.80
C THR A 554 -35.06 -38.62 35.03
N THR A 555 -35.29 -37.36 34.70
CA THR A 555 -36.61 -36.74 34.74
C THR A 555 -37.03 -36.31 33.34
N ASP A 556 -38.28 -35.85 33.23
CA ASP A 556 -38.78 -35.38 31.95
C ASP A 556 -37.92 -34.26 31.39
N ASN A 557 -37.44 -33.36 32.25
CA ASN A 557 -36.72 -32.18 31.79
C ASN A 557 -35.21 -32.29 31.95
N GLY A 558 -34.72 -33.27 32.70
CA GLY A 558 -33.28 -33.38 32.89
C GLY A 558 -32.90 -34.50 33.83
N ILE A 559 -32.07 -34.19 34.82
CA ILE A 559 -31.56 -35.17 35.78
C ILE A 559 -31.72 -34.60 37.18
N LYS A 560 -32.41 -35.33 38.05
CA LYS A 560 -32.48 -34.99 39.46
C LYS A 560 -31.31 -35.63 40.19
N ALA A 561 -30.56 -34.81 40.91
CA ALA A 561 -29.44 -35.28 41.73
C ALA A 561 -29.84 -35.26 43.20
N TYR A 562 -29.34 -36.24 43.95
CA TYR A 562 -29.63 -36.37 45.38
C TYR A 562 -28.32 -36.29 46.16
N HIS A 563 -28.17 -35.23 46.94
CA HIS A 563 -26.92 -34.94 47.63
C HIS A 563 -26.85 -35.54 49.04
N SER A 564 -27.86 -36.28 49.47
CA SER A 564 -27.85 -36.90 50.80
C SER A 564 -28.90 -38.00 50.89
N ASP A 565 -28.73 -38.86 51.90
CA ASP A 565 -29.76 -39.86 52.19
C ASP A 565 -31.10 -39.19 52.52
N GLN A 566 -31.10 -38.03 53.17
CA GLN A 566 -32.41 -37.39 53.43
C GLN A 566 -32.94 -36.73 52.16
N GLU A 567 -32.08 -36.34 51.21
CA GLU A 567 -32.56 -35.70 49.96
C GLU A 567 -33.31 -36.72 49.10
N ALA A 568 -33.23 -38.01 49.47
CA ALA A 568 -33.90 -39.08 48.74
C ALA A 568 -34.82 -39.94 49.61
N ALA A 569 -35.24 -39.41 50.77
CA ALA A 569 -35.94 -40.20 51.78
C ALA A 569 -37.10 -41.00 51.19
N GLY A 570 -37.88 -40.39 50.31
CA GLY A 570 -39.09 -41.04 49.82
C GLY A 570 -38.89 -42.04 48.69
N LEU A 571 -37.68 -42.20 48.17
CA LEU A 571 -37.46 -43.07 47.02
C LEU A 571 -36.65 -44.31 47.37
N VAL A 572 -36.61 -44.69 48.65
CA VAL A 572 -35.85 -45.85 49.06
C VAL A 572 -36.48 -47.10 48.49
N ARG A 573 -35.63 -48.01 47.99
CA ARG A 573 -36.04 -49.34 47.58
C ARG A 573 -35.04 -50.33 48.19
N TYR A 574 -35.36 -51.62 48.09
CA TYR A 574 -34.64 -52.63 48.82
C TYR A 574 -34.19 -53.75 47.90
N THR A 575 -33.02 -54.31 48.21
CA THR A 575 -32.61 -55.56 47.61
C THR A 575 -33.36 -56.71 48.27
N ASN A 576 -33.49 -57.81 47.52
CA ASN A 576 -34.09 -59.01 48.07
C ASN A 576 -33.04 -59.79 48.86
N ASP A 577 -33.42 -60.99 49.33
CA ASP A 577 -32.48 -61.77 50.13
C ASP A 577 -31.33 -62.34 49.32
N ARG A 578 -31.36 -62.23 47.99
CA ARG A 578 -30.21 -62.62 47.18
C ARG A 578 -29.33 -61.45 46.79
N GLY A 579 -29.61 -60.26 47.30
CA GLY A 579 -28.77 -59.11 47.01
C GLY A 579 -29.08 -58.38 45.73
N GLU A 580 -30.28 -58.57 45.17
CA GLU A 580 -30.64 -58.01 43.89
C GLU A 580 -31.58 -56.82 44.05
N LEU A 581 -31.24 -55.72 43.39
CA LEU A 581 -32.22 -54.68 43.10
C LEU A 581 -33.03 -55.12 41.90
N ILE A 582 -34.33 -54.83 41.91
CA ILE A 582 -35.18 -55.22 40.80
C ILE A 582 -35.97 -54.01 40.34
N PHE A 583 -35.91 -53.74 39.03
CA PHE A 583 -36.57 -52.58 38.44
C PHE A 583 -37.58 -53.05 37.40
N THR A 584 -38.64 -52.24 37.24
CA THR A 584 -39.74 -52.53 36.32
C THR A 584 -39.93 -51.35 35.39
N ALA A 585 -40.94 -51.46 34.51
CA ALA A 585 -41.31 -50.34 33.66
C ALA A 585 -41.64 -49.11 34.47
N ALA A 586 -42.12 -49.29 35.70
CA ALA A 586 -42.39 -48.17 36.59
C ALA A 586 -41.14 -47.35 36.89
N ASP A 587 -39.96 -47.96 36.78
CA ASP A 587 -38.69 -47.30 37.08
C ASP A 587 -37.94 -46.83 35.85
N ILE A 588 -37.89 -47.65 34.80
CA ILE A 588 -37.02 -47.44 33.65
C ILE A 588 -37.87 -47.18 32.41
N LYS A 589 -37.60 -46.06 31.73
CA LYS A 589 -38.17 -45.80 30.42
C LYS A 589 -37.27 -44.80 29.70
N GLY A 590 -37.46 -44.69 28.40
CA GLY A 590 -36.70 -43.74 27.63
C GLY A 590 -37.17 -42.32 27.84
N TYR A 591 -36.23 -41.38 27.79
CA TYR A 591 -36.51 -39.96 27.88
C TYR A 591 -35.76 -39.23 26.76
N ALA A 592 -36.17 -37.99 26.53
CA ALA A 592 -35.51 -37.14 25.54
C ALA A 592 -35.55 -35.70 26.07
N ASN A 593 -34.44 -35.26 26.65
CA ASN A 593 -34.34 -33.91 27.17
C ASN A 593 -32.92 -33.41 26.91
N PRO A 594 -32.58 -32.12 27.20
CA PRO A 594 -31.23 -31.62 26.85
C PRO A 594 -30.09 -32.44 27.43
N GLN A 595 -30.34 -33.20 28.49
CA GLN A 595 -29.28 -33.95 29.16
C GLN A 595 -29.28 -35.44 28.83
N VAL A 596 -30.44 -36.06 28.63
CA VAL A 596 -30.54 -37.50 28.47
C VAL A 596 -31.28 -37.82 27.16
N SER A 597 -30.74 -38.76 26.40
CA SER A 597 -31.39 -39.35 25.23
C SER A 597 -31.35 -40.85 25.46
N GLY A 598 -32.33 -41.36 26.19
CA GLY A 598 -32.28 -42.71 26.72
C GLY A 598 -32.70 -42.71 28.19
N TYR A 599 -31.86 -43.27 29.07
CA TYR A 599 -32.20 -43.33 30.49
C TYR A 599 -30.93 -43.40 31.33
N LEU A 600 -30.93 -42.69 32.46
CA LEU A 600 -29.88 -42.78 33.46
C LEU A 600 -30.49 -42.93 34.85
N GLY A 601 -30.07 -43.98 35.55
CA GLY A 601 -30.38 -44.14 36.95
C GLY A 601 -29.16 -44.59 37.73
N VAL A 602 -28.86 -43.93 38.84
CA VAL A 602 -27.71 -44.28 39.68
C VAL A 602 -28.19 -44.39 41.11
N TRP A 603 -27.90 -45.54 41.74
CA TRP A 603 -28.35 -45.90 43.06
C TRP A 603 -27.17 -46.27 43.95
N VAL A 604 -27.24 -45.86 45.22
CA VAL A 604 -26.21 -46.11 46.23
C VAL A 604 -26.85 -46.68 47.49
N PRO A 605 -26.12 -47.44 48.30
CA PRO A 605 -26.71 -47.94 49.55
C PRO A 605 -26.94 -46.82 50.55
N VAL A 606 -28.00 -46.95 51.33
CA VAL A 606 -28.34 -45.97 52.35
C VAL A 606 -27.45 -46.18 53.57
N GLY A 607 -27.03 -45.08 54.20
CA GLY A 607 -26.41 -45.12 55.50
C GLY A 607 -24.91 -45.01 55.55
N ALA A 608 -24.28 -44.45 54.52
CA ALA A 608 -22.85 -44.21 54.57
C ALA A 608 -22.59 -42.95 55.39
N ALA A 609 -21.69 -43.05 56.38
CA ALA A 609 -21.25 -41.89 57.12
C ALA A 609 -20.92 -40.74 56.18
N ALA A 610 -21.20 -39.51 56.65
CA ALA A 610 -21.00 -38.34 55.81
C ALA A 610 -19.57 -38.27 55.30
N ASP A 611 -18.62 -38.82 56.04
CA ASP A 611 -17.19 -38.73 55.72
C ASP A 611 -16.64 -40.04 55.16
N GLN A 612 -17.50 -40.97 54.73
CA GLN A 612 -17.04 -42.24 54.21
C GLN A 612 -16.14 -42.04 52.98
N ASP A 613 -14.99 -42.70 52.98
CA ASP A 613 -14.00 -42.57 51.92
C ASP A 613 -13.42 -43.96 51.64
N VAL A 614 -13.77 -44.54 50.49
CA VAL A 614 -13.36 -45.90 50.17
C VAL A 614 -12.10 -45.91 49.32
N ARG A 615 -11.47 -44.76 49.12
CA ARG A 615 -10.21 -44.72 48.39
C ARG A 615 -9.09 -45.33 49.23
N VAL A 616 -8.02 -45.74 48.56
CA VAL A 616 -6.85 -46.32 49.21
C VAL A 616 -5.59 -45.64 48.66
N ALA A 617 -4.63 -45.42 49.55
CA ALA A 617 -3.34 -44.83 49.17
C ALA A 617 -2.43 -45.87 48.55
N ALA A 618 -1.50 -45.41 47.71
CA ALA A 618 -0.55 -46.31 47.08
C ALA A 618 0.41 -46.90 48.11
N SER A 619 0.74 -48.18 47.94
CA SER A 619 1.67 -48.87 48.82
C SER A 619 3.12 -48.48 48.54
N THR A 620 3.95 -48.60 49.56
CA THR A 620 5.39 -48.44 49.44
C THR A 620 6.10 -49.78 49.29
N ALA A 621 5.37 -50.88 49.25
CA ALA A 621 5.98 -52.18 49.06
C ALA A 621 6.67 -52.24 47.69
N PRO A 622 7.78 -52.97 47.59
CA PRO A 622 8.53 -53.00 46.33
C PRO A 622 7.73 -53.60 45.19
N SER A 623 7.78 -52.94 44.03
CA SER A 623 7.23 -53.50 42.81
C SER A 623 8.11 -54.65 42.33
N THR A 624 7.49 -55.71 41.84
CA THR A 624 8.24 -56.90 41.46
C THR A 624 7.91 -57.44 40.08
N ASP A 625 7.00 -56.82 39.33
CA ASP A 625 6.60 -57.36 38.03
C ASP A 625 7.28 -56.67 36.86
N GLY A 626 8.20 -55.73 37.12
CA GLY A 626 8.89 -55.05 36.06
C GLY A 626 8.15 -53.87 35.46
N LYS A 627 7.00 -53.51 36.03
CA LYS A 627 6.22 -52.35 35.59
C LYS A 627 6.28 -51.27 36.66
N SER A 628 6.14 -50.03 36.23
CA SER A 628 6.15 -48.95 37.19
C SER A 628 4.74 -48.62 37.68
N VAL A 629 3.79 -48.49 36.76
CA VAL A 629 2.41 -48.13 37.09
C VAL A 629 1.55 -49.39 37.11
N HIS A 630 0.74 -49.53 38.15
CA HIS A 630 -0.14 -50.67 38.31
C HIS A 630 -1.57 -50.19 38.48
N GLN A 631 -2.47 -50.71 37.65
CA GLN A 631 -3.89 -50.34 37.70
C GLN A 631 -4.59 -51.15 38.78
N ASN A 632 -4.33 -50.77 40.04
CA ASN A 632 -4.94 -51.41 41.19
C ASN A 632 -5.92 -50.45 41.86
N ALA A 633 -6.40 -50.84 43.05
CA ALA A 633 -7.35 -50.00 43.77
C ALA A 633 -6.78 -48.63 44.08
N ALA A 634 -5.47 -48.53 44.32
CA ALA A 634 -4.86 -47.23 44.60
C ALA A 634 -4.88 -46.33 43.37
N LEU A 635 -4.55 -46.88 42.21
CA LEU A 635 -4.61 -46.07 41.00
C LEU A 635 -6.06 -45.76 40.62
N ASP A 636 -6.97 -46.73 40.80
CA ASP A 636 -8.39 -46.49 40.53
C ASP A 636 -8.95 -45.35 41.39
N SER A 637 -8.38 -45.11 42.58
CA SER A 637 -8.87 -44.06 43.44
C SER A 637 -8.48 -42.66 42.97
N ARG A 638 -7.67 -42.55 41.91
CA ARG A 638 -7.25 -41.27 41.39
C ARG A 638 -8.27 -40.72 40.40
N VAL A 639 -8.29 -39.39 40.28
CA VAL A 639 -9.09 -38.69 39.28
C VAL A 639 -8.24 -37.62 38.62
N MET A 640 -8.27 -37.58 37.30
CA MET A 640 -7.57 -36.60 36.50
C MET A 640 -8.56 -35.52 36.08
N PHE A 641 -8.10 -34.27 36.09
CA PHE A 641 -8.91 -33.13 35.67
C PHE A 641 -8.15 -32.34 34.62
N GLU A 642 -8.66 -32.32 33.39
CA GLU A 642 -8.10 -31.45 32.35
C GLU A 642 -8.65 -30.05 32.59
N GLY A 643 -7.84 -29.19 33.20
CA GLY A 643 -8.34 -27.95 33.76
C GLY A 643 -8.28 -26.74 32.86
N PHE A 644 -8.63 -26.89 31.59
CA PHE A 644 -8.67 -25.74 30.70
C PHE A 644 -9.52 -26.05 29.48
N SER A 645 -9.91 -24.99 28.79
CA SER A 645 -10.60 -25.06 27.51
C SER A 645 -9.80 -24.29 26.47
N ASN A 646 -9.67 -24.88 25.28
CA ASN A 646 -9.07 -24.15 24.15
C ASN A 646 -9.73 -22.79 23.95
N PHE A 647 -11.05 -22.71 24.15
CA PHE A 647 -11.83 -21.55 23.77
C PHE A 647 -12.21 -20.68 24.97
N GLN A 648 -11.50 -20.82 26.09
CA GLN A 648 -11.66 -19.90 27.20
C GLN A 648 -11.52 -18.46 26.72
N ALA A 649 -12.37 -17.58 27.24
CA ALA A 649 -12.19 -16.15 26.99
C ALA A 649 -10.87 -15.66 27.57
N PHE A 650 -10.32 -14.63 26.96
CA PHE A 650 -9.16 -13.95 27.54
C PHE A 650 -9.61 -13.15 28.75
N ALA A 651 -8.79 -13.19 29.81
CA ALA A 651 -9.12 -12.49 31.05
C ALA A 651 -9.13 -10.98 30.82
N THR A 652 -10.10 -10.31 31.46
CA THR A 652 -10.18 -8.85 31.41
C THR A 652 -9.55 -8.18 32.62
N LYS A 653 -9.46 -8.89 33.75
CA LYS A 653 -8.82 -8.38 34.95
C LYS A 653 -8.02 -9.52 35.58
N LYS A 654 -7.15 -9.17 36.51
CA LYS A 654 -6.27 -10.15 37.13
C LYS A 654 -7.06 -11.22 37.90
N GLU A 655 -8.21 -10.85 38.47
CA GLU A 655 -9.00 -11.82 39.22
C GLU A 655 -9.62 -12.90 38.33
N GLU A 656 -9.59 -12.71 37.02
CA GLU A 656 -10.15 -13.68 36.09
C GLU A 656 -9.10 -14.60 35.47
N TYR A 657 -7.83 -14.32 35.69
CA TYR A 657 -6.75 -15.20 35.22
C TYR A 657 -6.96 -16.63 35.70
N THR A 658 -6.81 -17.58 34.77
CA THR A 658 -7.04 -18.99 35.06
C THR A 658 -6.34 -19.43 36.35
N ASN A 659 -5.04 -19.15 36.45
CA ASN A 659 -4.29 -19.68 37.60
C ASN A 659 -4.68 -19.01 38.91
N VAL A 660 -5.07 -17.73 38.85
CA VAL A 660 -5.59 -17.06 40.05
C VAL A 660 -6.87 -17.74 40.52
N VAL A 661 -7.77 -18.04 39.58
CA VAL A 661 -9.02 -18.71 39.92
C VAL A 661 -8.75 -20.11 40.47
N ILE A 662 -7.78 -20.80 39.88
CA ILE A 662 -7.42 -22.15 40.36
C ILE A 662 -6.96 -22.07 41.81
N ALA A 663 -6.06 -21.13 42.11
CA ALA A 663 -5.61 -20.98 43.49
C ALA A 663 -6.78 -20.65 44.42
N LYS A 664 -7.74 -19.86 43.95
CA LYS A 664 -8.85 -19.52 44.84
C LYS A 664 -9.83 -20.68 45.04
N ASN A 665 -9.96 -21.59 44.06
CA ASN A 665 -10.98 -22.62 44.11
C ASN A 665 -10.41 -24.02 44.32
N VAL A 666 -9.22 -24.14 44.90
CA VAL A 666 -8.58 -25.44 45.04
C VAL A 666 -9.39 -26.38 45.92
N ASP A 667 -10.17 -25.82 46.86
CA ASP A 667 -11.01 -26.64 47.71
C ASP A 667 -12.05 -27.41 46.90
N LYS A 668 -12.54 -26.81 45.81
CA LYS A 668 -13.49 -27.52 44.95
C LYS A 668 -12.85 -28.75 44.35
N PHE A 669 -11.62 -28.64 43.84
CA PHE A 669 -10.95 -29.79 43.24
C PHE A 669 -10.69 -30.86 44.28
N ALA A 670 -10.32 -30.47 45.50
CA ALA A 670 -10.19 -31.47 46.56
C ALA A 670 -11.53 -32.15 46.84
N GLU A 671 -12.61 -31.38 46.85
CA GLU A 671 -13.94 -31.94 47.12
C GLU A 671 -14.36 -32.93 46.04
N TRP A 672 -13.94 -32.71 44.80
CA TRP A 672 -14.26 -33.60 43.69
C TRP A 672 -13.37 -34.84 43.65
N GLY A 673 -12.39 -34.94 44.53
CA GLY A 673 -11.48 -36.07 44.47
C GLY A 673 -10.43 -35.95 43.39
N VAL A 674 -10.23 -34.75 42.83
CA VAL A 674 -9.20 -34.56 41.83
C VAL A 674 -7.84 -34.80 42.47
N THR A 675 -7.12 -35.81 41.98
CA THR A 675 -5.78 -36.08 42.44
C THR A 675 -4.71 -35.62 41.46
N ASP A 676 -5.04 -35.46 40.18
CA ASP A 676 -4.08 -35.03 39.17
C ASP A 676 -4.68 -33.92 38.33
N PHE A 677 -4.16 -32.71 38.51
CA PHE A 677 -4.60 -31.54 37.75
C PHE A 677 -3.70 -31.38 36.52
N GLU A 678 -4.25 -31.68 35.35
CA GLU A 678 -3.53 -31.47 34.10
C GLU A 678 -3.75 -30.02 33.71
N MET A 679 -2.72 -29.20 33.90
CA MET A 679 -2.79 -27.81 33.52
C MET A 679 -2.57 -27.66 32.02
N ALA A 680 -3.13 -26.59 31.46
CA ALA A 680 -2.80 -26.19 30.11
C ALA A 680 -1.29 -25.95 29.99
N PRO A 681 -0.72 -26.14 28.81
CA PRO A 681 0.68 -25.73 28.61
C PRO A 681 0.85 -24.26 28.94
N GLN A 682 1.88 -23.95 29.71
CA GLN A 682 2.05 -22.62 30.30
C GLN A 682 2.98 -21.72 29.51
N TYR A 683 3.45 -22.19 28.35
CA TYR A 683 4.37 -21.42 27.54
C TYR A 683 3.66 -20.24 26.89
N VAL A 684 4.36 -19.09 26.83
CA VAL A 684 3.76 -17.89 26.28
C VAL A 684 3.44 -18.14 24.81
N SER A 685 2.18 -17.92 24.44
CA SER A 685 1.73 -18.28 23.10
C SER A 685 2.25 -17.29 22.06
N SER A 686 2.57 -17.82 20.87
CA SER A 686 2.74 -16.98 19.71
C SER A 686 1.40 -16.39 19.28
N THR A 687 1.45 -15.39 18.40
CA THR A 687 0.25 -14.66 17.99
C THR A 687 0.08 -14.64 16.47
N ASP A 688 0.81 -15.48 15.73
CA ASP A 688 0.75 -15.45 14.28
C ASP A 688 -0.63 -15.80 13.75
N GLY A 689 -1.40 -16.60 14.49
CA GLY A 689 -2.73 -16.99 14.05
C GLY A 689 -2.76 -17.99 12.92
N SER A 690 -1.64 -18.65 12.61
CA SER A 690 -1.61 -19.65 11.54
C SER A 690 -2.26 -20.97 11.95
N PHE A 691 -2.81 -21.06 13.16
CA PHE A 691 -3.49 -22.26 13.62
C PHE A 691 -4.39 -21.88 14.79
N LEU A 692 -5.32 -22.78 15.10
CA LEU A 692 -6.22 -22.58 16.25
C LEU A 692 -5.44 -22.18 17.51
N ASP A 693 -4.35 -22.89 17.80
CA ASP A 693 -3.60 -22.63 19.04
C ASP A 693 -3.00 -21.23 19.03
N SER A 694 -2.58 -20.76 17.87
CA SER A 694 -2.06 -19.41 17.70
C SER A 694 -3.15 -18.35 17.64
N VAL A 695 -4.42 -18.75 17.63
CA VAL A 695 -5.55 -17.82 17.60
C VAL A 695 -6.14 -17.62 18.98
N ILE A 696 -6.46 -18.71 19.69
CA ILE A 696 -6.99 -18.63 21.04
C ILE A 696 -5.91 -18.79 22.11
N GLN A 697 -4.64 -18.97 21.70
CA GLN A 697 -3.48 -18.83 22.58
C GLN A 697 -3.56 -19.77 23.78
N ASN A 698 -3.77 -21.05 23.51
CA ASN A 698 -3.90 -22.01 24.60
C ASN A 698 -2.58 -22.36 25.24
N GLY A 699 -1.47 -22.16 24.54
CA GLY A 699 -0.15 -22.49 25.05
C GLY A 699 0.59 -23.54 24.24
N TYR A 700 -0.03 -24.13 23.22
CA TYR A 700 0.61 -25.15 22.40
C TYR A 700 1.37 -24.57 21.22
N ALA A 701 1.13 -23.31 20.86
CA ALA A 701 1.90 -22.61 19.84
C ALA A 701 2.80 -21.63 20.56
N PHE A 702 4.11 -21.84 20.49
CA PHE A 702 5.03 -21.04 21.29
C PHE A 702 6.39 -20.93 20.59
N THR A 703 7.12 -19.88 20.96
CA THR A 703 8.45 -19.62 20.46
C THR A 703 9.54 -19.92 21.49
N ASP A 704 9.19 -19.94 22.78
CA ASP A 704 10.16 -20.04 23.86
C ASP A 704 9.69 -21.13 24.82
N ARG A 705 10.38 -22.27 24.81
CA ARG A 705 9.95 -23.41 25.62
C ARG A 705 10.01 -23.12 27.11
N TYR A 706 10.86 -22.20 27.54
CA TYR A 706 11.05 -21.93 28.95
C TYR A 706 10.29 -20.71 29.45
N ASP A 707 9.54 -20.02 28.57
CA ASP A 707 8.85 -18.79 28.94
C ASP A 707 7.47 -19.13 29.50
N LEU A 708 7.47 -19.55 30.76
CA LEU A 708 6.22 -19.93 31.42
C LEU A 708 5.62 -18.71 32.11
N GLY A 709 5.17 -17.78 31.26
CA GLY A 709 4.64 -16.53 31.77
C GLY A 709 5.68 -15.63 32.41
N ILE A 710 6.92 -15.66 31.91
CA ILE A 710 8.00 -14.91 32.53
C ILE A 710 8.17 -13.56 31.85
N SER A 711 8.44 -13.58 30.54
CA SER A 711 8.60 -12.34 29.80
C SER A 711 7.30 -11.55 29.68
N LYS A 712 6.18 -12.21 29.87
CA LYS A 712 4.85 -11.64 29.67
C LYS A 712 3.86 -12.67 30.19
N PRO A 713 2.67 -12.28 30.64
CA PRO A 713 1.69 -13.28 31.08
C PRO A 713 1.34 -14.22 29.94
N ASN A 714 1.14 -15.49 30.29
CA ASN A 714 0.46 -16.36 29.35
C ASN A 714 -1.04 -16.12 29.50
N LYS A 715 -1.84 -16.86 28.72
CA LYS A 715 -3.29 -16.68 28.78
C LYS A 715 -3.84 -16.89 30.19
N TYR A 716 -3.11 -17.60 31.04
CA TYR A 716 -3.60 -18.02 32.34
C TYR A 716 -3.02 -17.20 33.49
N GLY A 717 -2.11 -16.28 33.21
CA GLY A 717 -1.60 -15.38 34.21
C GLY A 717 -0.09 -15.24 34.12
N THR A 718 0.49 -14.68 35.17
CA THR A 718 1.93 -14.51 35.24
C THR A 718 2.59 -15.78 35.76
N ALA A 719 3.92 -15.83 35.63
CA ALA A 719 4.69 -16.92 36.23
C ALA A 719 4.42 -17.04 37.72
N ASP A 720 4.27 -15.92 38.42
CA ASP A 720 3.97 -15.96 39.85
C ASP A 720 2.58 -16.54 40.11
N ASP A 721 1.62 -16.21 39.24
CA ASP A 721 0.30 -16.82 39.35
C ASP A 721 0.39 -18.33 39.19
N LEU A 722 1.22 -18.79 38.25
CA LEU A 722 1.42 -20.23 38.07
C LEU A 722 2.02 -20.86 39.32
N VAL A 723 3.08 -20.24 39.86
CA VAL A 723 3.71 -20.74 41.08
C VAL A 723 2.69 -20.85 42.21
N LYS A 724 1.86 -19.83 42.37
CA LYS A 724 0.87 -19.86 43.44
C LYS A 724 -0.20 -20.90 43.19
N ALA A 725 -0.58 -21.12 41.93
CA ALA A 725 -1.56 -22.15 41.63
C ALA A 725 -1.02 -23.54 41.94
N ILE A 726 0.24 -23.78 41.59
CA ILE A 726 0.86 -25.07 41.90
C ILE A 726 0.96 -25.26 43.41
N LYS A 727 1.35 -24.21 44.13
CA LYS A 727 1.44 -24.31 45.58
C LYS A 727 0.07 -24.58 46.21
N ALA A 728 -0.97 -23.90 45.72
CA ALA A 728 -2.32 -24.14 46.24
C ALA A 728 -2.76 -25.56 45.98
N LEU A 729 -2.51 -26.07 44.76
CA LEU A 729 -2.88 -27.45 44.46
C LEU A 729 -2.13 -28.43 45.34
N HIS A 730 -0.83 -28.20 45.56
CA HIS A 730 -0.06 -29.07 46.44
C HIS A 730 -0.54 -29.01 47.87
N SER A 731 -1.02 -27.84 48.31
CA SER A 731 -1.55 -27.70 49.67
C SER A 731 -2.71 -28.66 49.93
N LYS A 732 -3.36 -29.17 48.88
CA LYS A 732 -4.45 -30.12 49.04
C LYS A 732 -4.03 -31.53 48.67
N GLY A 733 -2.73 -31.78 48.51
CA GLY A 733 -2.27 -33.09 48.10
C GLY A 733 -2.49 -33.42 46.65
N ILE A 734 -2.88 -32.44 45.84
CA ILE A 734 -3.15 -32.65 44.43
C ILE A 734 -1.85 -32.51 43.64
N LYS A 735 -1.60 -33.48 42.77
CA LYS A 735 -0.44 -33.42 41.89
C LYS A 735 -0.76 -32.59 40.66
N VAL A 736 0.29 -32.04 40.03
CA VAL A 736 0.14 -31.11 38.92
C VAL A 736 0.95 -31.62 37.73
N MET A 737 0.36 -31.51 36.54
CA MET A 737 0.91 -32.09 35.32
C MET A 737 1.30 -30.98 34.35
N ALA A 738 2.55 -31.01 33.89
CA ALA A 738 3.06 -30.10 32.87
C ALA A 738 2.90 -30.72 31.49
N ASP A 739 2.49 -29.91 30.52
CA ASP A 739 2.33 -30.37 29.15
C ASP A 739 3.67 -30.27 28.43
N TRP A 740 4.30 -31.41 28.17
CA TRP A 740 5.57 -31.50 27.47
C TRP A 740 5.30 -31.58 25.97
N VAL A 741 5.68 -30.55 25.23
CA VAL A 741 5.32 -30.43 23.82
C VAL A 741 6.56 -30.37 22.94
N PRO A 742 7.21 -31.49 22.64
CA PRO A 742 8.45 -31.47 21.86
C PRO A 742 8.29 -31.48 20.35
N ASP A 743 7.08 -31.42 19.80
CA ASP A 743 6.94 -31.64 18.36
C ASP A 743 7.31 -30.42 17.53
N GLN A 744 6.84 -29.23 17.94
CA GLN A 744 6.94 -28.08 17.04
C GLN A 744 7.12 -26.80 17.84
N MET A 745 7.51 -25.75 17.13
CA MET A 745 7.59 -24.39 17.66
C MET A 745 7.14 -23.41 16.58
N TYR A 746 6.60 -22.28 17.01
CA TYR A 746 6.01 -21.29 16.11
C TYR A 746 6.78 -19.98 16.11
N ALA A 747 6.68 -19.26 14.99
CA ALA A 747 6.90 -17.81 14.94
C ALA A 747 8.28 -17.40 15.46
N PHE A 748 9.31 -18.00 14.91
CA PHE A 748 10.66 -17.59 15.27
C PHE A 748 10.94 -16.19 14.74
N PRO A 749 11.63 -15.34 15.52
CA PRO A 749 11.78 -13.94 15.14
C PRO A 749 12.84 -13.68 14.08
N GLU A 750 13.71 -14.63 13.74
CA GLU A 750 14.80 -14.38 12.81
C GLU A 750 14.77 -15.34 11.64
N LYS A 751 14.87 -14.78 10.44
CA LYS A 751 14.83 -15.55 9.20
C LYS A 751 16.14 -16.31 9.00
N GLU A 752 16.05 -17.36 8.18
CA GLU A 752 17.20 -18.18 7.82
C GLU A 752 16.95 -18.76 6.43
N VAL A 753 18.03 -18.98 5.69
CA VAL A 753 17.95 -19.52 4.34
C VAL A 753 18.37 -20.98 4.39
N VAL A 754 17.49 -21.85 3.89
CA VAL A 754 17.68 -23.30 3.93
C VAL A 754 17.57 -23.86 2.52
N THR A 755 18.23 -24.99 2.30
CA THR A 755 17.96 -25.82 1.14
C THR A 755 16.81 -26.77 1.47
N ALA A 756 15.73 -26.70 0.70
CA ALA A 756 14.49 -27.33 1.10
C ALA A 756 13.86 -28.06 -0.08
N THR A 757 13.05 -29.06 0.25
CA THR A 757 12.27 -29.80 -0.75
C THR A 757 10.83 -29.89 -0.28
N ARG A 758 9.89 -29.59 -1.18
CA ARG A 758 8.48 -29.69 -0.86
C ARG A 758 8.09 -31.15 -0.62
N VAL A 759 7.36 -31.41 0.47
CA VAL A 759 7.05 -32.79 0.88
C VAL A 759 5.62 -32.87 1.38
N ASP A 760 5.13 -34.11 1.49
CA ASP A 760 3.89 -34.36 2.22
C ASP A 760 4.20 -34.48 3.71
N LYS A 761 3.17 -34.76 4.52
CA LYS A 761 3.37 -34.80 5.96
C LYS A 761 4.19 -36.01 6.42
N PHE A 762 4.52 -36.94 5.52
CA PHE A 762 5.42 -38.04 5.83
C PHE A 762 6.85 -37.76 5.38
N GLY A 763 7.10 -36.64 4.71
CA GLY A 763 8.42 -36.34 4.20
C GLY A 763 8.71 -36.84 2.81
N LYS A 764 7.69 -37.30 2.07
CA LYS A 764 7.88 -37.75 0.70
C LYS A 764 7.86 -36.55 -0.24
N PRO A 765 8.87 -36.38 -1.09
CA PRO A 765 8.90 -35.21 -1.98
C PRO A 765 7.70 -35.18 -2.91
N VAL A 766 7.17 -33.98 -3.12
CA VAL A 766 6.07 -33.75 -4.06
C VAL A 766 6.66 -33.54 -5.45
N GLU A 767 6.24 -34.37 -6.42
CA GLU A 767 6.80 -34.31 -7.80
C GLU A 767 6.29 -33.08 -8.55
N GLY A 768 7.18 -32.41 -9.28
CA GLY A 768 6.82 -31.27 -10.09
C GLY A 768 6.78 -30.01 -9.31
N SER A 769 7.22 -30.05 -8.06
CA SER A 769 7.29 -28.87 -7.25
C SER A 769 8.56 -28.14 -7.61
N GLN A 770 8.46 -26.82 -7.67
CA GLN A 770 9.66 -26.04 -7.96
C GLN A 770 10.58 -25.97 -6.76
N ILE A 771 10.08 -26.35 -5.57
CA ILE A 771 10.91 -26.45 -4.37
C ILE A 771 11.47 -27.87 -4.30
N LYS A 772 12.69 -28.05 -4.83
CA LYS A 772 13.35 -29.34 -4.80
C LYS A 772 14.85 -29.07 -4.72
N SER A 773 15.41 -29.18 -3.52
CA SER A 773 16.81 -28.84 -3.26
C SER A 773 17.11 -27.41 -3.69
N VAL A 774 16.27 -26.48 -3.22
CA VAL A 774 16.37 -25.08 -3.59
C VAL A 774 16.33 -24.22 -2.33
N LEU A 775 16.79 -22.99 -2.48
CA LEU A 775 16.84 -22.09 -1.33
C LEU A 775 15.44 -21.60 -0.97
N TYR A 776 15.17 -21.58 0.33
CA TYR A 776 13.88 -21.20 0.87
C TYR A 776 14.15 -20.41 2.15
N VAL A 777 13.33 -19.40 2.43
CA VAL A 777 13.51 -18.52 3.57
C VAL A 777 12.50 -18.89 4.63
N ALA A 778 12.97 -19.49 5.72
CA ALA A 778 12.14 -19.85 6.86
C ALA A 778 12.32 -18.84 7.98
N ASP A 779 11.37 -18.83 8.91
CA ASP A 779 11.53 -18.16 10.20
C ASP A 779 11.96 -19.23 11.19
N SER A 780 13.26 -19.46 11.31
CA SER A 780 13.71 -20.57 12.15
C SER A 780 14.94 -20.21 12.97
N LYS A 781 15.03 -18.97 13.47
CA LYS A 781 16.05 -18.66 14.46
C LYS A 781 15.43 -17.87 15.59
N SER A 782 15.67 -18.33 16.82
CA SER A 782 15.22 -17.63 18.01
C SER A 782 16.16 -16.47 18.32
N SER A 783 15.71 -15.61 19.23
CA SER A 783 16.42 -14.35 19.48
C SER A 783 17.84 -14.59 19.98
N GLY A 784 18.05 -15.63 20.78
CA GLY A 784 19.29 -15.72 21.52
C GLY A 784 19.31 -14.86 22.76
N LYS A 785 18.20 -14.19 23.08
CA LYS A 785 18.09 -13.31 24.23
C LYS A 785 16.86 -13.65 25.06
N ASP A 786 16.37 -14.88 24.97
CA ASP A 786 15.13 -15.26 25.61
C ASP A 786 15.41 -16.29 26.71
N GLN A 787 14.34 -16.90 27.22
CA GLN A 787 14.49 -17.89 28.27
C GLN A 787 15.25 -19.12 27.78
N GLN A 788 15.10 -19.47 26.49
CA GLN A 788 15.89 -20.55 25.92
C GLN A 788 17.38 -20.28 26.03
N ALA A 789 17.79 -19.03 25.78
CA ALA A 789 19.21 -18.68 25.89
C ALA A 789 19.68 -18.78 27.33
N LYS A 790 18.79 -18.59 28.29
CA LYS A 790 19.18 -18.66 29.70
C LYS A 790 19.29 -20.12 30.16
N TYR A 791 18.29 -20.93 29.87
CA TYR A 791 18.16 -22.26 30.46
C TYR A 791 18.59 -23.40 29.54
N GLY A 792 18.70 -23.16 28.24
CA GLY A 792 19.04 -24.22 27.30
C GLY A 792 20.29 -24.99 27.64
N GLY A 793 20.14 -26.29 27.92
CA GLY A 793 21.30 -27.10 28.28
C GLY A 793 21.90 -26.78 29.63
N ALA A 794 21.25 -25.94 30.44
CA ALA A 794 21.84 -25.49 31.69
C ALA A 794 21.94 -26.60 32.72
N PHE A 795 21.21 -27.70 32.55
CA PHE A 795 21.14 -28.77 33.53
C PHE A 795 21.79 -30.05 33.05
N LEU A 796 22.33 -30.06 31.83
CA LEU A 796 22.87 -31.31 31.29
C LEU A 796 24.06 -31.80 32.10
N GLU A 797 24.82 -30.90 32.74
CA GLU A 797 25.95 -31.32 33.56
C GLU A 797 25.46 -32.00 34.84
N GLU A 798 24.55 -31.35 35.56
CA GLU A 798 23.87 -31.95 36.70
C GLU A 798 23.24 -33.30 36.33
N LEU A 799 22.55 -33.36 35.19
CA LEU A 799 21.85 -34.59 34.81
C LEU A 799 22.82 -35.72 34.48
N GLN A 800 23.89 -35.42 33.73
CA GLN A 800 24.87 -36.45 33.43
C GLN A 800 25.63 -36.88 34.69
N ALA A 801 25.81 -35.98 35.66
CA ALA A 801 26.48 -36.35 36.89
C ALA A 801 25.62 -37.28 37.74
N LYS A 802 24.34 -36.94 37.91
CA LYS A 802 23.48 -37.76 38.75
C LYS A 802 23.08 -39.05 38.06
N TYR A 803 22.76 -38.99 36.76
CA TYR A 803 22.12 -40.09 36.04
C TYR A 803 22.89 -40.42 34.77
N PRO A 804 24.12 -40.92 34.89
CA PRO A 804 24.92 -41.21 33.68
C PRO A 804 24.29 -42.24 32.75
N GLU A 805 23.43 -43.11 33.27
N GLU A 805 23.44 -43.12 33.25
CA GLU A 805 22.82 -44.14 32.43
CA GLU A 805 22.86 -44.13 32.38
C GLU A 805 21.88 -43.53 31.39
C GLU A 805 21.87 -43.54 31.38
N LEU A 806 21.26 -42.39 31.69
CA LEU A 806 20.42 -41.70 30.70
C LEU A 806 21.21 -41.40 29.44
N PHE A 807 22.46 -40.99 29.59
CA PHE A 807 23.29 -40.61 28.47
C PHE A 807 24.14 -41.76 27.96
N ALA A 808 24.12 -42.91 28.65
CA ALA A 808 24.75 -44.10 28.10
C ALA A 808 23.85 -44.86 27.13
N ARG A 809 22.54 -44.70 27.23
CA ARG A 809 21.61 -45.47 26.40
C ARG A 809 21.79 -45.14 24.93
N LYS A 810 21.96 -46.17 24.11
CA LYS A 810 21.92 -46.01 22.66
C LYS A 810 20.47 -45.97 22.22
N GLN A 811 19.98 -44.79 21.86
CA GLN A 811 18.58 -44.64 21.51
C GLN A 811 18.24 -45.49 20.29
N ILE A 812 16.97 -45.90 20.20
CA ILE A 812 16.58 -46.92 19.23
C ILE A 812 16.63 -46.37 17.81
N SER A 813 16.02 -45.20 17.59
CA SER A 813 15.93 -44.66 16.24
C SER A 813 17.30 -44.30 15.67
N THR A 814 18.20 -43.80 16.51
CA THR A 814 19.49 -43.31 16.05
C THR A 814 20.63 -44.30 16.23
N GLY A 815 20.53 -45.21 17.20
CA GLY A 815 21.62 -46.09 17.52
C GLY A 815 22.74 -45.48 18.33
N VAL A 816 22.62 -44.21 18.70
CA VAL A 816 23.66 -43.50 19.43
C VAL A 816 23.02 -42.83 20.65
N PRO A 817 23.83 -42.50 21.66
CA PRO A 817 23.28 -41.81 22.83
C PRO A 817 22.89 -40.38 22.52
N MET A 818 22.15 -39.78 23.45
CA MET A 818 21.97 -38.34 23.46
C MET A 818 23.32 -37.63 23.47
N ASP A 819 23.37 -36.45 22.87
CA ASP A 819 24.59 -35.65 22.78
C ASP A 819 24.46 -34.39 23.61
N PRO A 820 24.86 -34.39 24.88
CA PRO A 820 24.80 -33.18 25.70
C PRO A 820 26.02 -32.27 25.55
N SER A 821 26.95 -32.61 24.66
CA SER A 821 28.15 -31.80 24.47
C SER A 821 27.87 -30.45 23.82
N VAL A 822 26.68 -30.25 23.27
CA VAL A 822 26.26 -28.98 22.69
C VAL A 822 25.00 -28.52 23.41
N LYS A 823 24.98 -27.26 23.82
CA LYS A 823 23.80 -26.67 24.45
C LYS A 823 23.08 -25.81 23.42
N ILE A 824 21.76 -26.01 23.31
CA ILE A 824 20.96 -25.25 22.37
C ILE A 824 20.55 -23.96 23.08
N LYS A 825 21.30 -22.89 22.80
CA LYS A 825 20.94 -21.57 23.32
C LYS A 825 20.12 -20.77 22.32
N GLN A 826 20.31 -21.03 21.03
CA GLN A 826 19.53 -20.41 19.98
C GLN A 826 19.04 -21.50 19.03
N TRP A 827 17.72 -21.60 18.89
CA TRP A 827 17.16 -22.53 17.92
C TRP A 827 17.52 -22.09 16.50
N SER A 828 17.71 -23.06 15.64
CA SER A 828 18.22 -22.83 14.29
C SER A 828 17.76 -23.99 13.42
N ALA A 829 17.69 -23.74 12.11
CA ALA A 829 17.11 -24.70 11.18
C ALA A 829 17.79 -26.07 11.23
N LYS A 830 19.05 -26.14 11.67
CA LYS A 830 19.72 -27.43 11.73
C LYS A 830 19.12 -28.36 12.78
N TYR A 831 18.33 -27.82 13.71
CA TYR A 831 17.68 -28.60 14.74
C TYR A 831 16.24 -28.96 14.38
N PHE A 832 15.81 -28.66 13.16
CA PHE A 832 14.43 -28.89 12.74
C PHE A 832 14.39 -29.75 11.49
N ASN A 833 13.33 -30.55 11.38
CA ASN A 833 13.11 -31.34 10.17
C ASN A 833 12.69 -30.44 9.01
N GLY A 834 11.86 -29.44 9.28
CA GLY A 834 11.33 -28.60 8.24
C GLY A 834 10.27 -27.69 8.81
N THR A 835 9.46 -27.13 7.93
CA THR A 835 8.42 -26.20 8.35
C THR A 835 7.23 -26.30 7.42
N ASN A 836 6.07 -25.88 7.93
CA ASN A 836 4.93 -25.70 7.04
C ASN A 836 5.24 -24.62 6.00
N ILE A 837 4.67 -24.79 4.81
CA ILE A 837 4.90 -23.82 3.74
C ILE A 837 4.43 -22.44 4.17
N LEU A 838 5.22 -21.42 3.82
CA LEU A 838 5.03 -20.09 4.36
C LEU A 838 4.46 -19.09 3.36
N GLY A 839 4.18 -19.50 2.13
CA GLY A 839 3.62 -18.57 1.16
C GLY A 839 4.64 -17.57 0.65
N ARG A 840 5.91 -17.97 0.60
CA ARG A 840 6.97 -17.12 0.10
C ARG A 840 7.45 -17.53 -1.28
N GLY A 841 7.06 -18.70 -1.76
CA GLY A 841 7.32 -19.10 -3.12
C GLY A 841 8.63 -19.83 -3.29
N ALA A 842 8.81 -20.39 -4.48
CA ALA A 842 10.01 -21.15 -4.81
C ALA A 842 11.18 -20.27 -5.24
N GLY A 843 10.96 -18.99 -5.49
CA GLY A 843 12.02 -18.14 -6.02
C GLY A 843 12.24 -16.87 -5.21
N TYR A 844 11.93 -16.95 -3.91
CA TYR A 844 12.05 -15.79 -3.04
C TYR A 844 13.50 -15.32 -2.91
N VAL A 845 14.47 -16.21 -3.06
CA VAL A 845 15.88 -15.85 -2.95
C VAL A 845 16.40 -15.48 -4.33
N LEU A 846 16.96 -14.27 -4.44
CA LEU A 846 17.22 -13.66 -5.73
C LEU A 846 18.45 -14.26 -6.42
N LYS A 847 18.36 -14.42 -7.73
CA LYS A 847 19.46 -14.88 -8.56
C LYS A 847 19.89 -13.77 -9.52
N ASP A 848 21.14 -13.85 -9.95
CA ASP A 848 21.61 -13.06 -11.08
C ASP A 848 21.10 -13.73 -12.35
N GLN A 849 20.38 -12.97 -13.19
CA GLN A 849 19.65 -13.56 -14.31
C GLN A 849 20.58 -14.20 -15.33
N ALA A 850 21.73 -13.58 -15.59
CA ALA A 850 22.66 -14.13 -16.57
C ALA A 850 23.29 -15.42 -16.07
N THR A 851 23.93 -15.37 -14.91
CA THR A 851 24.66 -16.52 -14.38
C THR A 851 23.75 -17.65 -13.92
N ASN A 852 22.50 -17.36 -13.59
CA ASN A 852 21.60 -18.31 -12.91
C ASN A 852 22.17 -18.74 -11.57
N THR A 853 22.87 -17.83 -10.89
CA THR A 853 23.46 -18.08 -9.58
C THR A 853 22.79 -17.20 -8.55
N TYR A 854 22.59 -17.73 -7.35
CA TYR A 854 22.10 -16.93 -6.25
C TYR A 854 23.10 -15.84 -5.88
N PHE A 855 22.58 -14.64 -5.63
CA PHE A 855 23.41 -13.56 -5.10
C PHE A 855 23.88 -13.93 -3.70
N ASN A 856 25.18 -13.80 -3.45
CA ASN A 856 25.71 -13.91 -2.09
C ASN A 856 26.68 -12.77 -1.84
N ILE A 857 26.38 -11.96 -0.84
CA ILE A 857 27.22 -10.83 -0.46
C ILE A 857 28.26 -11.27 0.58
N VAL B 22 -28.61 6.22 7.83
CA VAL B 22 -28.95 5.28 6.72
C VAL B 22 -27.67 4.90 6.00
N THR B 23 -26.80 4.10 6.63
CA THR B 23 -25.53 3.72 5.99
C THR B 23 -25.14 2.29 6.37
N THR B 24 -24.23 2.16 7.33
CA THR B 24 -23.73 0.87 7.83
C THR B 24 -24.99 0.01 7.98
N ARG B 25 -25.05 -1.11 7.25
CA ARG B 25 -26.20 -2.02 7.28
C ARG B 25 -25.71 -3.28 7.97
N LEU B 28 -21.65 -7.05 9.74
CA LEU B 28 -21.29 -7.81 10.94
C LEU B 28 -20.63 -6.92 11.97
N TYR B 29 -21.40 -6.50 12.99
CA TYR B 29 -21.02 -5.55 14.04
C TYR B 29 -21.46 -4.14 13.72
N LYS B 30 -22.70 -3.99 13.22
CA LYS B 30 -23.19 -2.70 12.79
C LYS B 30 -23.44 -1.79 13.98
N LYS B 31 -23.70 -2.39 15.15
CA LYS B 31 -23.90 -1.59 16.35
C LYS B 31 -22.63 -0.93 16.83
N TYR B 32 -21.47 -1.48 16.46
CA TYR B 32 -20.18 -0.86 16.76
C TYR B 32 -19.65 0.00 15.62
N ASN B 33 -19.97 -0.35 14.37
CA ASN B 33 -19.40 0.32 13.21
C ASN B 33 -20.24 1.47 12.67
N GLN B 34 -21.51 1.58 13.08
CA GLN B 34 -22.33 2.69 12.59
C GLN B 34 -21.72 4.02 13.03
N VAL B 35 -22.04 5.08 12.27
CA VAL B 35 -21.40 6.37 12.51
C VAL B 35 -21.81 6.90 13.88
N TYR B 36 -20.90 7.64 14.52
CA TYR B 36 -21.05 8.16 15.87
C TYR B 36 -22.38 8.86 16.10
N ASP B 37 -22.61 10.00 15.41
CA ASP B 37 -23.85 10.75 15.55
C ASP B 37 -24.29 11.21 14.17
N ARG B 38 -25.46 11.84 14.11
CA ARG B 38 -25.97 12.39 12.85
C ARG B 38 -25.52 13.82 12.61
N SER B 39 -24.26 14.14 12.91
CA SER B 39 -23.72 15.48 12.73
C SER B 39 -22.59 15.43 11.69
N ALA B 40 -22.35 16.59 11.07
CA ALA B 40 -21.39 16.67 9.97
C ALA B 40 -19.95 16.39 10.41
N GLN B 41 -19.60 16.68 11.66
CA GLN B 41 -18.22 16.47 12.09
C GLN B 41 -17.84 15.00 12.18
N SER B 42 -18.81 14.09 12.08
CA SER B 42 -18.51 12.66 12.05
C SER B 42 -17.99 12.19 10.70
N PHE B 43 -18.21 12.96 9.64
CA PHE B 43 -17.90 12.56 8.28
C PHE B 43 -16.86 13.50 7.67
N GLU B 44 -15.98 12.93 6.85
CA GLU B 44 -15.14 13.71 5.94
C GLU B 44 -15.97 13.97 4.69
N HIS B 45 -16.67 15.10 4.68
CA HIS B 45 -17.59 15.43 3.60
C HIS B 45 -17.05 16.56 2.75
N VAL B 46 -17.68 16.75 1.59
CA VAL B 46 -17.44 17.90 0.73
C VAL B 46 -18.80 18.52 0.44
N ASP B 47 -19.03 19.73 0.96
CA ASP B 47 -20.33 20.41 0.85
C ASP B 47 -21.48 19.48 1.24
N HIS B 48 -21.24 18.70 2.30
CA HIS B 48 -22.21 17.78 2.92
C HIS B 48 -22.52 16.56 2.05
N TYR B 49 -21.72 16.30 1.03
CA TYR B 49 -21.79 15.07 0.26
C TYR B 49 -20.60 14.19 0.65
N LEU B 50 -20.71 12.90 0.34
CA LEU B 50 -19.64 11.97 0.64
C LEU B 50 -19.04 11.38 -0.63
N THR B 51 -17.76 11.05 -0.55
CA THR B 51 -17.01 10.48 -1.66
C THR B 51 -16.48 9.11 -1.29
N ALA B 52 -16.10 8.34 -2.32
CA ALA B 52 -15.54 7.01 -2.08
C ALA B 52 -14.36 7.03 -1.13
N GLU B 53 -13.61 8.13 -1.08
CA GLU B 53 -12.43 8.23 -0.22
C GLU B 53 -12.73 8.90 1.11
N SER B 54 -13.99 9.17 1.41
CA SER B 54 -14.35 9.76 2.70
C SER B 54 -14.06 8.79 3.83
N TRP B 55 -13.50 9.32 4.91
CA TRP B 55 -13.43 8.60 6.17
C TRP B 55 -14.47 9.15 7.12
N TYR B 56 -14.73 8.39 8.18
CA TYR B 56 -15.75 8.75 9.15
C TYR B 56 -15.36 8.21 10.51
N ARG B 57 -16.02 8.71 11.54
CA ARG B 57 -15.73 8.25 12.87
C ARG B 57 -16.82 7.27 13.31
N PRO B 58 -16.50 6.00 13.53
CA PRO B 58 -17.49 5.06 14.04
C PRO B 58 -17.65 5.23 15.54
N LYS B 59 -18.69 4.59 16.09
CA LYS B 59 -18.93 4.69 17.53
C LYS B 59 -17.85 3.97 18.32
N TYR B 60 -17.45 2.80 17.86
CA TYR B 60 -16.35 2.07 18.46
C TYR B 60 -15.38 1.60 17.40
N ILE B 61 -14.11 1.50 17.78
CA ILE B 61 -13.05 0.95 16.94
C ILE B 61 -12.58 -0.34 17.59
N LEU B 62 -12.61 -1.43 16.80
CA LEU B 62 -12.02 -2.72 17.23
C LEU B 62 -10.52 -2.44 17.21
N LYS B 63 -9.94 -2.18 18.37
CA LYS B 63 -8.56 -1.66 18.40
C LYS B 63 -7.58 -2.57 17.69
N ASP B 64 -7.78 -3.89 17.76
CA ASP B 64 -6.93 -4.84 17.02
C ASP B 64 -7.68 -6.02 16.46
N THR B 67 -10.41 -5.76 20.77
CA THR B 67 -11.17 -5.14 21.86
C THR B 67 -11.84 -3.84 21.39
N TRP B 68 -13.17 -3.83 21.41
CA TRP B 68 -13.96 -2.69 20.98
C TRP B 68 -13.76 -1.48 21.90
N THR B 69 -13.36 -0.36 21.32
CA THR B 69 -13.20 0.90 22.06
C THR B 69 -13.99 2.01 21.36
N THR B 72 -13.91 7.92 21.24
CA THR B 72 -13.11 7.68 20.04
C THR B 72 -12.44 9.02 19.64
N GLU B 73 -13.29 9.93 19.13
CA GLU B 73 -12.95 11.34 18.75
C GLU B 73 -12.00 11.42 17.56
N LYS B 74 -10.72 11.02 17.69
CA LYS B 74 -9.83 11.22 16.54
C LYS B 74 -9.46 9.91 15.87
N ASP B 75 -10.35 8.94 15.88
CA ASP B 75 -10.12 7.64 15.24
C ASP B 75 -11.04 7.55 14.02
N PHE B 76 -10.66 8.26 12.96
CA PHE B 76 -11.40 8.16 11.71
C PHE B 76 -10.92 6.95 10.93
N ARG B 77 -11.86 6.30 10.24
CA ARG B 77 -11.63 5.07 9.52
C ARG B 77 -12.31 5.16 8.17
N PRO B 78 -11.80 4.44 7.16
CA PRO B 78 -12.42 4.50 5.83
C PRO B 78 -13.86 4.03 5.86
N LEU B 79 -14.71 4.79 5.16
CA LEU B 79 -16.11 4.38 5.00
C LEU B 79 -16.21 3.07 4.24
N LEU B 80 -15.27 2.81 3.33
CA LEU B 80 -15.28 1.57 2.56
C LEU B 80 -14.80 0.37 3.36
N MET B 81 -14.29 0.59 4.58
CA MET B 81 -14.04 -0.51 5.49
C MET B 81 -15.34 -1.17 5.93
N THR B 82 -16.41 -0.38 6.04
CA THR B 82 -17.64 -0.82 6.67
C THR B 82 -18.87 -0.69 5.78
N TRP B 83 -18.74 -0.06 4.62
CA TRP B 83 -19.88 0.22 3.75
C TRP B 83 -19.41 0.12 2.30
N TRP B 84 -20.33 -0.24 1.41
CA TRP B 84 -20.00 -0.39 0.01
C TRP B 84 -21.21 0.04 -0.82
N PRO B 85 -20.98 0.65 -1.98
CA PRO B 85 -22.12 1.09 -2.81
C PRO B 85 -22.88 -0.08 -3.40
N SER B 86 -22.16 -1.16 -3.67
CA SER B 86 -22.69 -2.43 -4.16
C SER B 86 -21.76 -3.50 -3.65
N GLN B 87 -22.35 -4.71 -3.60
CA GLN B 87 -21.69 -5.97 -3.17
C GLN B 87 -20.58 -6.28 -4.17
N GLU B 88 -20.80 -5.99 -5.46
CA GLU B 88 -19.72 -6.16 -6.42
C GLU B 88 -18.49 -5.40 -5.94
N THR B 89 -18.71 -4.17 -5.46
CA THR B 89 -17.61 -3.38 -4.93
C THR B 89 -17.11 -3.95 -3.61
N GLN B 90 -17.99 -4.54 -2.79
CA GLN B 90 -17.53 -5.21 -1.58
C GLN B 90 -16.62 -6.38 -1.92
N ARG B 91 -16.99 -7.18 -2.92
CA ARG B 91 -16.14 -8.28 -3.36
C ARG B 91 -14.79 -7.77 -3.85
N GLN B 92 -14.81 -6.70 -4.64
CA GLN B 92 -13.56 -6.14 -5.13
C GLN B 92 -12.68 -5.66 -3.97
N TYR B 93 -13.30 -4.98 -2.99
CA TYR B 93 -12.57 -4.52 -1.81
C TYR B 93 -11.98 -5.68 -1.03
N VAL B 94 -12.75 -6.76 -0.88
CA VAL B 94 -12.27 -7.92 -0.13
C VAL B 94 -11.06 -8.53 -0.83
N ASN B 95 -11.17 -8.77 -2.13
CA ASN B 95 -10.05 -9.33 -2.89
C ASN B 95 -8.82 -8.43 -2.79
N TYR B 96 -9.02 -7.13 -3.02
CA TYR B 96 -7.92 -6.18 -3.02
C TYR B 96 -7.17 -6.17 -1.68
N MET B 97 -7.91 -5.95 -0.58
CA MET B 97 -7.26 -5.84 0.72
C MET B 97 -6.79 -7.19 1.25
N ASN B 98 -7.41 -8.29 0.82
CA ASN B 98 -6.83 -9.61 1.05
C ASN B 98 -5.42 -9.66 0.48
N ALA B 99 -5.27 -9.25 -0.78
CA ALA B 99 -3.94 -9.20 -1.38
C ALA B 99 -3.03 -8.22 -0.65
N GLN B 100 -3.59 -7.14 -0.10
CA GLN B 100 -2.77 -6.13 0.56
C GLN B 100 -2.31 -6.56 1.94
N LEU B 101 -3.09 -7.35 2.66
CA LEU B 101 -2.81 -7.68 4.06
C LEU B 101 -2.30 -9.11 4.24
N GLY B 102 -1.90 -9.79 3.16
CA GLY B 102 -1.38 -11.14 3.31
C GLY B 102 -2.39 -12.21 3.63
N ILE B 103 -3.66 -12.02 3.25
CA ILE B 103 -4.69 -13.03 3.41
C ILE B 103 -4.74 -13.84 2.13
N ASN B 104 -4.16 -15.04 2.15
CA ASN B 104 -4.16 -15.87 0.95
C ASN B 104 -5.51 -16.55 0.79
N LYS B 105 -6.43 -15.81 0.15
CA LYS B 105 -7.71 -16.35 -0.30
C LYS B 105 -8.47 -15.30 -1.09
N THR B 106 -8.87 -15.67 -2.29
CA THR B 106 -9.68 -14.87 -3.19
C THR B 106 -11.14 -15.25 -3.03
N TYR B 107 -12.04 -14.36 -3.45
CA TYR B 107 -13.47 -14.62 -3.41
C TYR B 107 -13.99 -14.38 -4.82
N ASP B 108 -14.61 -15.41 -5.40
CA ASP B 108 -15.00 -15.34 -6.80
C ASP B 108 -16.41 -14.79 -6.94
N ASP B 109 -16.91 -14.74 -8.18
CA ASP B 109 -18.19 -14.10 -8.47
C ASP B 109 -19.36 -14.82 -7.79
N THR B 110 -19.17 -16.06 -7.39
CA THR B 110 -20.29 -16.80 -6.80
C THR B 110 -20.42 -16.53 -5.30
N SER B 111 -19.57 -15.65 -4.77
CA SER B 111 -19.50 -15.39 -3.34
C SER B 111 -20.85 -14.93 -2.78
N ASN B 112 -21.16 -15.38 -1.57
CA ASN B 112 -22.39 -14.97 -0.88
C ASN B 112 -22.12 -13.83 0.11
N GLN B 113 -23.20 -13.20 0.58
CA GLN B 113 -23.07 -12.01 1.44
C GLN B 113 -22.37 -12.32 2.76
N LEU B 114 -22.69 -13.46 3.38
CA LEU B 114 -22.12 -13.73 4.71
C LEU B 114 -20.62 -13.97 4.62
N GLN B 115 -20.16 -14.66 3.57
CA GLN B 115 -18.73 -14.82 3.36
C GLN B 115 -18.05 -13.47 3.18
N LEU B 116 -18.65 -12.59 2.39
CA LEU B 116 -18.07 -11.27 2.19
C LEU B 116 -18.06 -10.46 3.48
N ASN B 117 -19.12 -10.58 4.29
CA ASN B 117 -19.20 -9.84 5.55
C ASN B 117 -18.11 -10.30 6.52
N ILE B 118 -17.93 -11.61 6.68
CA ILE B 118 -16.92 -12.06 7.63
C ILE B 118 -15.52 -11.84 7.07
N ALA B 119 -15.35 -11.95 5.74
CA ALA B 119 -14.10 -11.57 5.12
C ALA B 119 -13.76 -10.13 5.44
N ALA B 120 -14.71 -9.22 5.26
CA ALA B 120 -14.51 -7.82 5.58
C ALA B 120 -14.22 -7.62 7.06
N ALA B 121 -14.83 -8.43 7.92
CA ALA B 121 -14.54 -8.33 9.35
C ALA B 121 -13.10 -8.72 9.67
N THR B 122 -12.61 -9.80 9.05
CA THR B 122 -11.21 -10.20 9.21
C THR B 122 -10.28 -9.10 8.69
N ILE B 123 -10.69 -8.49 7.57
CA ILE B 123 -9.91 -7.37 6.96
C ILE B 123 -9.83 -6.22 7.97
N GLN B 124 -10.98 -5.88 8.57
CA GLN B 124 -11.02 -4.83 9.58
C GLN B 124 -10.12 -5.15 10.76
N ALA B 125 -10.18 -6.40 11.24
CA ALA B 125 -9.39 -6.79 12.39
C ALA B 125 -7.91 -6.64 12.10
N LYS B 126 -7.47 -7.07 10.91
CA LYS B 126 -6.05 -6.99 10.59
C LYS B 126 -5.64 -5.56 10.19
N ILE B 127 -6.58 -4.75 9.70
CA ILE B 127 -6.28 -3.34 9.49
C ILE B 127 -5.95 -2.68 10.82
N GLU B 128 -6.81 -2.90 11.82
CA GLU B 128 -6.57 -2.31 13.12
C GLU B 128 -5.32 -2.88 13.78
N ALA B 129 -5.05 -4.17 13.53
CA ALA B 129 -3.83 -4.77 14.03
C ALA B 129 -2.59 -4.04 13.50
N LYS B 130 -2.61 -3.72 12.20
CA LYS B 130 -1.49 -3.01 11.55
C LYS B 130 -1.43 -1.57 12.09
N ILE B 131 -2.60 -0.93 12.24
CA ILE B 131 -2.65 0.43 12.75
C ILE B 131 -1.97 0.51 14.11
N THR B 132 -2.22 -0.49 14.97
CA THR B 132 -1.53 -0.57 16.25
C THR B 132 -0.06 -0.96 16.10
N THR B 133 0.27 -1.85 15.17
CA THR B 133 1.67 -2.31 15.03
C THR B 133 2.58 -1.15 14.65
N LEU B 134 2.19 -0.43 13.61
CA LEU B 134 2.75 0.89 13.37
C LEU B 134 1.90 1.82 14.23
N LYS B 135 1.93 3.12 13.93
CA LYS B 135 1.15 4.11 14.72
C LYS B 135 0.66 5.24 13.81
N ASN B 136 0.38 4.93 12.54
CA ASN B 136 -0.11 5.92 11.62
C ASN B 136 -1.03 5.18 10.67
N THR B 137 -1.97 5.93 10.10
CA THR B 137 -2.90 5.35 9.15
C THR B 137 -2.58 5.80 7.73
N ASP B 138 -1.39 6.36 7.51
CA ASP B 138 -0.95 6.80 6.19
C ASP B 138 -1.11 5.66 5.18
N TRP B 139 -0.51 4.52 5.49
CA TRP B 139 -0.57 3.35 4.62
C TRP B 139 -2.01 3.00 4.23
N LEU B 140 -2.96 3.22 5.13
CA LEU B 140 -4.34 2.83 4.83
C LEU B 140 -5.04 3.86 3.96
N ARG B 141 -4.76 5.15 4.17
CA ARG B 141 -5.17 6.16 3.21
C ARG B 141 -4.71 5.81 1.81
N GLN B 142 -3.42 5.51 1.67
CA GLN B 142 -2.86 5.18 0.36
C GLN B 142 -3.54 3.92 -0.21
N THR B 143 -3.70 2.89 0.62
CA THR B 143 -4.25 1.63 0.13
C THR B 143 -5.69 1.79 -0.33
N ILE B 144 -6.50 2.54 0.41
CA ILE B 144 -7.90 2.69 0.03
C ILE B 144 -8.04 3.56 -1.20
N SER B 145 -7.22 4.62 -1.31
CA SER B 145 -7.21 5.41 -2.54
C SER B 145 -6.87 4.54 -3.74
N ALA B 146 -5.79 3.74 -3.62
CA ALA B 146 -5.38 2.88 -4.71
C ALA B 146 -6.49 1.90 -5.10
N PHE B 147 -7.17 1.31 -4.11
CA PHE B 147 -8.29 0.44 -4.44
C PHE B 147 -9.39 1.19 -5.17
N VAL B 148 -9.77 2.37 -4.65
CA VAL B 148 -10.88 3.12 -5.23
C VAL B 148 -10.61 3.43 -6.69
N LYS B 149 -9.36 3.72 -7.03
CA LYS B 149 -9.06 4.05 -8.42
C LYS B 149 -9.01 2.82 -9.33
N THR B 150 -9.28 1.63 -8.83
CA THR B 150 -9.40 0.44 -9.66
C THR B 150 -10.82 0.24 -10.20
N GLN B 151 -11.80 0.97 -9.70
CA GLN B 151 -13.19 0.82 -10.12
C GLN B 151 -13.53 1.88 -11.15
N SER B 152 -14.11 1.43 -12.27
CA SER B 152 -14.32 2.32 -13.41
C SER B 152 -15.19 3.53 -13.07
N ALA B 153 -16.09 3.39 -12.10
CA ALA B 153 -16.91 4.53 -11.70
C ALA B 153 -16.12 5.54 -10.88
N TRP B 154 -14.88 5.22 -10.50
CA TRP B 154 -14.07 6.09 -9.66
C TRP B 154 -12.70 6.38 -10.29
N ASN B 155 -12.58 6.29 -11.61
CA ASN B 155 -11.34 6.63 -12.29
C ASN B 155 -11.69 7.16 -13.69
N SER B 156 -10.66 7.30 -14.53
CA SER B 156 -10.81 7.95 -15.82
C SER B 156 -11.72 7.20 -16.77
N ASP B 157 -11.94 5.89 -16.56
CA ASP B 157 -12.74 5.08 -17.47
C ASP B 157 -14.12 5.69 -17.71
N SER B 158 -14.74 6.23 -16.67
CA SER B 158 -16.04 6.87 -16.81
C SER B 158 -15.93 8.32 -17.26
N GLU B 159 -14.71 8.83 -17.45
CA GLU B 159 -14.50 10.16 -18.00
C GLU B 159 -14.20 10.13 -19.50
N LYS B 160 -14.14 8.93 -20.05
CA LYS B 160 -13.89 8.71 -21.48
C LYS B 160 -15.19 8.97 -22.26
N PRO B 161 -15.17 9.25 -23.58
CA PRO B 161 -13.96 9.22 -24.37
C PRO B 161 -13.12 10.49 -24.26
N PHE B 162 -11.79 10.34 -24.33
CA PHE B 162 -10.91 11.50 -24.34
C PHE B 162 -11.06 12.27 -25.64
N ASP B 163 -10.75 13.56 -25.59
CA ASP B 163 -10.83 14.43 -26.75
C ASP B 163 -9.57 15.29 -26.80
N ASP B 164 -9.52 16.18 -27.78
CA ASP B 164 -8.29 16.92 -28.08
C ASP B 164 -8.04 18.09 -27.13
N HIS B 165 -8.80 18.20 -26.04
CA HIS B 165 -8.36 19.00 -24.91
C HIS B 165 -6.93 18.63 -24.55
N LEU B 166 -6.14 19.64 -24.15
CA LEU B 166 -4.73 19.38 -23.87
C LEU B 166 -4.54 18.34 -22.77
N GLN B 167 -5.49 18.23 -21.85
CA GLN B 167 -5.46 17.26 -20.76
C GLN B 167 -6.56 16.22 -20.90
N ASN B 168 -6.89 15.86 -22.14
CA ASN B 168 -7.71 14.69 -22.49
C ASN B 168 -9.20 14.93 -22.37
N GLY B 169 -9.60 15.99 -21.66
CA GLY B 169 -11.02 16.27 -21.56
C GLY B 169 -11.29 17.36 -20.56
N ALA B 170 -12.52 17.86 -20.61
CA ALA B 170 -12.96 18.93 -19.72
C ALA B 170 -14.40 18.70 -19.30
N VAL B 171 -14.74 19.33 -18.17
CA VAL B 171 -16.10 19.27 -17.55
C VAL B 171 -16.59 20.71 -17.36
N LEU B 172 -17.82 20.99 -17.79
CA LEU B 172 -18.43 22.30 -17.70
C LEU B 172 -19.41 22.33 -16.53
N TYR B 173 -19.27 23.35 -15.68
CA TYR B 173 -20.17 23.50 -14.54
C TYR B 173 -21.51 24.07 -15.02
N ASP B 174 -22.59 23.41 -14.63
CA ASP B 174 -23.91 23.82 -15.08
C ASP B 174 -24.35 25.10 -14.38
N ASN B 175 -25.04 25.97 -15.12
CA ASN B 175 -25.46 27.25 -14.57
C ASN B 175 -26.56 27.09 -13.53
N GLU B 176 -27.41 26.07 -13.66
CA GLU B 176 -28.49 25.81 -12.72
C GLU B 176 -28.43 24.36 -12.25
N GLY B 177 -27.84 24.14 -11.07
CA GLY B 177 -27.83 22.84 -10.45
C GLY B 177 -28.54 22.84 -9.12
N LYS B 178 -29.69 22.16 -9.02
CA LYS B 178 -30.47 22.23 -7.79
C LYS B 178 -29.69 21.67 -6.60
N LEU B 179 -28.75 20.75 -6.86
CA LEU B 179 -27.99 20.12 -5.75
C LEU B 179 -26.83 21.02 -5.30
N THR B 180 -26.33 21.91 -6.18
CA THR B 180 -25.17 22.74 -5.86
C THR B 180 -25.47 24.19 -6.23
N PRO B 181 -26.48 24.80 -5.61
CA PRO B 181 -26.85 26.18 -5.98
C PRO B 181 -25.75 27.18 -5.70
N TYR B 182 -24.80 26.87 -4.82
CA TYR B 182 -23.69 27.77 -4.54
C TYR B 182 -22.70 27.85 -5.70
N ALA B 183 -22.80 26.94 -6.68
CA ALA B 183 -21.96 26.98 -7.86
C ALA B 183 -22.74 27.44 -9.09
N ASN B 184 -23.94 27.95 -8.90
CA ASN B 184 -24.71 28.50 -10.01
C ASN B 184 -24.03 29.75 -10.57
N SER B 185 -24.44 30.12 -11.77
CA SER B 185 -23.98 31.35 -12.39
C SER B 185 -24.97 31.74 -13.48
N ASN B 186 -25.04 33.05 -13.74
CA ASN B 186 -25.83 33.58 -14.85
C ASN B 186 -24.98 33.81 -16.09
N TYR B 187 -23.74 33.33 -16.09
CA TYR B 187 -22.82 33.64 -17.19
C TYR B 187 -22.21 32.37 -17.76
N ARG B 188 -20.91 32.18 -17.59
CA ARG B 188 -20.18 31.09 -18.24
C ARG B 188 -20.43 31.12 -19.75
N ILE B 189 -20.32 32.32 -20.32
CA ILE B 189 -20.47 32.50 -21.76
C ILE B 189 -19.15 32.10 -22.41
N LEU B 190 -19.18 31.03 -23.19
CA LEU B 190 -17.99 30.33 -23.64
C LEU B 190 -17.60 30.75 -25.05
N ASN B 191 -16.28 30.66 -25.33
CA ASN B 191 -15.72 30.79 -26.68
C ASN B 191 -15.88 32.19 -27.24
N ARG B 192 -15.89 33.20 -26.37
CA ARG B 192 -16.03 34.59 -26.82
C ARG B 192 -14.67 35.20 -27.18
N THR B 193 -13.96 34.50 -28.06
CA THR B 193 -12.71 34.93 -28.67
C THR B 193 -12.93 36.23 -29.44
N PRO B 194 -11.87 36.95 -29.81
CA PRO B 194 -12.08 38.15 -30.65
C PRO B 194 -12.88 37.88 -31.91
N THR B 195 -12.62 36.76 -32.59
CA THR B 195 -13.42 36.38 -33.75
C THR B 195 -14.88 36.20 -33.40
N ASN B 196 -15.15 35.64 -32.21
CA ASN B 196 -16.49 35.18 -31.83
C ASN B 196 -17.04 35.96 -30.64
N GLN B 197 -16.55 37.20 -30.43
CA GLN B 197 -16.84 37.93 -29.19
C GLN B 197 -18.33 38.11 -28.97
N THR B 198 -19.10 38.33 -30.03
CA THR B 198 -20.53 38.54 -29.92
C THR B 198 -21.31 37.23 -29.89
N GLY B 199 -20.63 36.08 -29.81
CA GLY B 199 -21.29 34.80 -29.88
C GLY B 199 -21.59 34.33 -31.29
N LYS B 200 -21.26 35.18 -32.26
CA LYS B 200 -21.43 34.88 -33.70
C LYS B 200 -20.14 35.26 -34.41
N LYS B 201 -19.65 34.39 -35.31
CA LYS B 201 -18.40 34.66 -36.02
C LYS B 201 -18.43 36.03 -36.67
N ASP B 202 -17.41 36.84 -36.39
CA ASP B 202 -17.34 38.20 -36.92
C ASP B 202 -17.24 38.19 -38.45
N PRO B 203 -18.17 38.82 -39.16
CA PRO B 203 -18.09 38.84 -40.63
C PRO B 203 -16.98 39.73 -41.17
N ARG B 204 -16.36 40.57 -40.34
CA ARG B 204 -15.33 41.47 -40.83
C ARG B 204 -14.03 40.75 -41.16
N TYR B 205 -13.75 39.63 -40.50
CA TYR B 205 -12.44 39.00 -40.53
C TYR B 205 -12.56 37.61 -41.12
N THR B 206 -11.93 37.39 -42.27
CA THR B 206 -12.10 36.18 -43.05
C THR B 206 -10.82 35.35 -43.15
N ALA B 207 -9.70 35.83 -42.61
CA ALA B 207 -8.45 35.08 -42.72
C ALA B 207 -8.51 33.74 -41.99
N ASP B 208 -9.35 33.62 -40.97
CA ASP B 208 -9.47 32.41 -40.18
C ASP B 208 -10.88 31.86 -40.31
N ASN B 209 -10.99 30.63 -40.86
CA ASN B 209 -12.28 29.99 -41.09
C ASN B 209 -13.04 29.73 -39.80
N THR B 210 -12.34 29.60 -38.69
CA THR B 210 -12.93 29.06 -37.47
C THR B 210 -13.54 30.17 -36.60
N ILE B 211 -13.95 29.79 -35.39
CA ILE B 211 -14.37 30.77 -34.39
C ILE B 211 -13.18 31.40 -33.69
N GLY B 212 -11.95 31.03 -34.07
CA GLY B 212 -10.78 31.74 -33.62
C GLY B 212 -10.32 31.42 -32.22
N GLY B 213 -10.56 30.20 -31.75
CA GLY B 213 -10.11 29.78 -30.43
C GLY B 213 -11.10 28.80 -29.82
N TYR B 214 -10.96 28.60 -28.51
CA TYR B 214 -11.77 27.67 -27.74
C TYR B 214 -11.57 27.98 -26.26
N GLU B 215 -12.60 27.70 -25.46
CA GLU B 215 -12.64 28.18 -24.08
C GLU B 215 -11.73 27.39 -23.16
N PHE B 216 -11.79 26.06 -23.23
CA PHE B 216 -11.11 25.22 -22.26
C PHE B 216 -9.71 24.90 -22.77
N LEU B 217 -8.71 25.48 -22.13
CA LEU B 217 -7.32 25.25 -22.47
C LEU B 217 -6.66 24.31 -21.45
N LEU B 218 -6.58 24.75 -20.19
CA LEU B 218 -5.86 24.02 -19.16
C LEU B 218 -6.54 24.24 -17.82
N ALA B 219 -6.52 23.21 -16.99
CA ALA B 219 -6.72 23.32 -15.52
C ALA B 219 -8.10 23.92 -15.26
N ASN B 220 -8.24 24.75 -14.22
CA ASN B 220 -9.52 25.36 -13.88
C ASN B 220 -9.74 26.59 -14.76
N ASP B 221 -10.77 26.55 -15.59
CA ASP B 221 -10.97 27.61 -16.56
C ASP B 221 -11.73 28.77 -15.92
N VAL B 222 -11.07 29.93 -15.84
CA VAL B 222 -11.70 31.13 -15.28
C VAL B 222 -12.81 31.60 -16.20
N ASP B 223 -13.98 31.90 -15.61
CA ASP B 223 -15.11 32.44 -16.36
C ASP B 223 -14.90 33.95 -16.50
N ASN B 224 -14.20 34.35 -17.54
CA ASN B 224 -13.97 35.77 -17.80
C ASN B 224 -15.15 36.46 -18.47
N SER B 225 -16.29 35.79 -18.60
CA SER B 225 -17.52 36.48 -18.98
C SER B 225 -18.29 36.97 -17.77
N ASN B 226 -17.90 36.56 -16.57
CA ASN B 226 -18.53 37.04 -15.35
C ASN B 226 -18.06 38.47 -15.06
N PRO B 227 -18.97 39.45 -14.99
CA PRO B 227 -18.55 40.83 -14.74
C PRO B 227 -17.76 41.03 -13.45
N VAL B 228 -18.08 40.27 -12.41
CA VAL B 228 -17.30 40.34 -11.17
C VAL B 228 -15.89 39.85 -11.43
N VAL B 229 -15.75 38.74 -12.15
CA VAL B 229 -14.43 38.24 -12.50
C VAL B 229 -13.69 39.24 -13.38
N GLN B 230 -14.41 39.89 -14.30
CA GLN B 230 -13.78 40.90 -15.15
C GLN B 230 -13.19 42.03 -14.30
N ALA B 231 -13.98 42.53 -13.35
CA ALA B 231 -13.48 43.57 -12.46
C ALA B 231 -12.26 43.08 -11.67
N GLU B 232 -12.26 41.81 -11.26
CA GLU B 232 -11.10 41.30 -10.54
C GLU B 232 -9.88 41.17 -11.43
N GLN B 233 -10.07 40.88 -12.72
CA GLN B 233 -8.94 40.88 -13.65
C GLN B 233 -8.39 42.30 -13.81
N LEU B 234 -9.27 43.30 -13.88
CA LEU B 234 -8.81 44.67 -13.89
C LEU B 234 -8.02 45.01 -12.62
N ASN B 235 -8.53 44.57 -11.46
CA ASN B 235 -7.84 44.78 -10.20
C ASN B 235 -6.44 44.19 -10.23
N TRP B 236 -6.32 42.95 -10.73
CA TRP B 236 -5.04 42.29 -10.85
C TRP B 236 -4.11 43.03 -11.80
N LEU B 237 -4.67 43.55 -12.90
CA LEU B 237 -3.89 44.31 -13.86
C LEU B 237 -3.30 45.56 -13.20
N HIS B 238 -4.15 46.30 -12.48
CA HIS B 238 -3.67 47.46 -11.73
C HIS B 238 -2.59 47.07 -10.73
N PHE B 239 -2.81 45.96 -10.02
CA PHE B 239 -1.81 45.45 -9.08
C PHE B 239 -0.46 45.23 -9.77
N LEU B 240 -0.47 44.56 -10.92
CA LEU B 240 0.79 44.29 -11.60
C LEU B 240 1.46 45.58 -12.08
N MET B 241 0.67 46.53 -12.60
CA MET B 241 1.25 47.78 -13.06
C MET B 241 1.67 48.69 -11.91
N ASN B 242 1.29 48.37 -10.67
CA ASN B 242 1.73 49.14 -9.51
C ASN B 242 2.40 48.26 -8.46
N PHE B 243 2.96 47.13 -8.89
CA PHE B 243 3.55 46.17 -7.98
C PHE B 243 4.58 46.81 -7.05
N GLY B 244 5.45 47.66 -7.60
CA GLY B 244 6.42 48.34 -6.76
C GLY B 244 5.78 49.14 -5.65
N ASN B 245 4.88 50.05 -6.02
CA ASN B 245 4.14 50.85 -5.05
C ASN B 245 3.49 49.98 -3.99
N ILE B 246 2.83 48.90 -4.42
CA ILE B 246 1.97 48.13 -3.52
C ILE B 246 2.80 47.26 -2.59
N TYR B 247 3.72 46.47 -3.15
CA TYR B 247 4.46 45.51 -2.35
C TYR B 247 5.62 46.17 -1.60
N ALA B 248 6.41 46.99 -2.29
CA ALA B 248 7.66 47.50 -1.71
C ALA B 248 7.63 48.99 -1.45
N ASN B 249 6.50 49.67 -1.68
CA ASN B 249 6.40 51.12 -1.56
C ASN B 249 7.51 51.82 -2.35
N ASP B 250 7.78 51.30 -3.55
CA ASP B 250 8.88 51.77 -4.38
C ASP B 250 8.36 52.01 -5.79
N PRO B 251 8.28 53.27 -6.24
CA PRO B 251 7.73 53.53 -7.58
C PRO B 251 8.65 53.12 -8.71
N ASP B 252 9.88 52.72 -8.42
CA ASP B 252 10.82 52.27 -9.44
C ASP B 252 10.77 50.77 -9.65
N ALA B 253 9.83 50.07 -9.01
CA ALA B 253 9.72 48.62 -9.16
C ALA B 253 8.39 48.19 -9.77
N ASN B 254 7.73 49.08 -10.51
CA ASN B 254 6.47 48.73 -11.16
C ASN B 254 6.73 48.07 -12.51
N PHE B 255 5.90 47.09 -12.85
CA PHE B 255 5.84 46.61 -14.22
C PHE B 255 5.34 47.73 -15.12
N ASP B 256 5.96 47.88 -16.29
CA ASP B 256 5.57 48.94 -17.21
C ASP B 256 4.54 48.48 -18.23
N SER B 257 4.52 47.20 -18.57
CA SER B 257 3.65 46.76 -19.65
C SER B 257 3.13 45.35 -19.34
N ILE B 258 2.24 44.86 -20.19
CA ILE B 258 1.69 43.53 -20.00
C ILE B 258 1.77 42.72 -21.28
N ARG B 259 1.83 41.41 -21.12
CA ARG B 259 1.56 40.44 -22.17
C ARG B 259 0.23 39.76 -21.83
N VAL B 260 -0.71 39.79 -22.76
CA VAL B 260 -2.01 39.17 -22.54
C VAL B 260 -1.92 37.72 -22.99
N ASP B 261 -2.00 36.82 -22.01
CA ASP B 261 -1.82 35.40 -22.24
C ASP B 261 -3.08 34.74 -22.78
N ALA B 262 -2.90 33.83 -23.73
CA ALA B 262 -3.96 32.93 -24.18
C ALA B 262 -5.21 33.69 -24.62
N VAL B 263 -4.99 34.74 -25.40
CA VAL B 263 -6.07 35.60 -25.88
C VAL B 263 -7.20 34.77 -26.49
N ASP B 264 -6.84 33.74 -27.25
CA ASP B 264 -7.84 32.97 -27.98
C ASP B 264 -8.63 31.99 -27.12
N ASN B 265 -8.40 31.98 -25.80
CA ASN B 265 -9.13 31.08 -24.92
C ASN B 265 -9.85 31.80 -23.79
N VAL B 266 -10.00 33.11 -23.88
CA VAL B 266 -10.68 33.88 -22.84
C VAL B 266 -11.67 34.81 -23.51
N ASP B 267 -12.62 35.29 -22.73
CA ASP B 267 -13.58 36.27 -23.23
C ASP B 267 -12.82 37.52 -23.67
N ALA B 268 -13.01 37.91 -24.93
CA ALA B 268 -12.25 39.02 -25.49
C ALA B 268 -12.59 40.37 -24.86
N ASP B 269 -13.63 40.43 -24.01
CA ASP B 269 -13.90 41.66 -23.28
C ASP B 269 -12.68 42.14 -22.52
N LEU B 270 -11.83 41.22 -22.05
CA LEU B 270 -10.61 41.59 -21.36
C LEU B 270 -9.74 42.51 -22.19
N LEU B 271 -9.71 42.30 -23.52
CA LEU B 271 -8.92 43.16 -24.38
C LEU B 271 -9.38 44.61 -24.32
N GLN B 272 -10.70 44.82 -24.25
CA GLN B 272 -11.21 46.17 -24.05
C GLN B 272 -10.88 46.66 -22.64
N ILE B 273 -10.96 45.77 -21.66
CA ILE B 273 -10.70 46.17 -20.27
C ILE B 273 -9.24 46.60 -20.12
N ALA B 274 -8.31 45.80 -20.64
CA ALA B 274 -6.90 46.15 -20.57
C ALA B 274 -6.61 47.44 -21.32
N GLY B 275 -7.08 47.52 -22.58
CA GLY B 275 -6.78 48.70 -23.38
C GLY B 275 -7.31 49.97 -22.74
N ASP B 276 -8.58 49.94 -22.34
CA ASP B 276 -9.15 51.06 -21.59
C ASP B 276 -8.24 51.46 -20.44
N TYR B 277 -7.81 50.47 -19.65
CA TYR B 277 -6.95 50.79 -18.52
C TYR B 277 -5.68 51.48 -18.99
N LEU B 278 -5.02 50.90 -20.00
CA LEU B 278 -3.79 51.50 -20.50
C LEU B 278 -4.03 52.94 -20.93
N LYS B 279 -5.20 53.22 -21.52
CA LYS B 279 -5.51 54.58 -21.90
C LYS B 279 -5.83 55.43 -20.68
N ALA B 280 -6.66 54.90 -19.78
CA ALA B 280 -7.11 55.72 -18.65
C ALA B 280 -5.96 55.99 -17.68
N ALA B 281 -5.20 54.95 -17.32
CA ALA B 281 -4.20 55.08 -16.28
C ALA B 281 -2.84 55.50 -16.80
N LYS B 282 -2.48 55.12 -18.02
CA LYS B 282 -1.15 55.43 -18.56
C LYS B 282 -1.18 56.40 -19.73
N GLY B 283 -2.35 56.74 -20.26
CA GLY B 283 -2.44 57.74 -21.32
C GLY B 283 -1.75 57.36 -22.61
N ILE B 284 -1.76 56.08 -22.98
CA ILE B 284 -1.02 55.63 -24.16
C ILE B 284 -1.60 56.20 -25.45
N HIS B 285 -2.88 56.58 -25.45
CA HIS B 285 -3.50 57.14 -26.64
C HIS B 285 -3.06 58.57 -26.93
N LYS B 286 -2.43 59.25 -25.99
CA LYS B 286 -2.14 60.68 -26.15
C LYS B 286 -0.95 60.92 -27.08
N ASN B 287 0.13 60.17 -26.90
CA ASN B 287 1.31 60.38 -27.73
C ASN B 287 2.17 59.13 -27.69
N ASP B 288 3.16 59.09 -28.57
CA ASP B 288 3.96 57.88 -28.75
C ASP B 288 4.88 57.62 -27.56
N LYS B 289 5.31 58.66 -26.85
CA LYS B 289 6.16 58.45 -25.68
C LYS B 289 5.41 57.67 -24.61
N ALA B 290 4.16 58.08 -24.33
CA ALA B 290 3.34 57.35 -23.37
C ALA B 290 3.08 55.92 -23.84
N ALA B 291 2.74 55.74 -25.12
CA ALA B 291 2.46 54.40 -25.62
C ALA B 291 3.68 53.50 -25.52
N ASN B 292 4.84 54.00 -25.97
CA ASN B 292 6.05 53.19 -25.99
C ASN B 292 6.63 52.98 -24.61
N ASP B 293 6.23 53.79 -23.62
CA ASP B 293 6.64 53.53 -22.25
C ASP B 293 5.85 52.39 -21.61
N HIS B 294 4.79 51.92 -22.26
CA HIS B 294 3.93 50.86 -21.71
C HIS B 294 3.54 49.88 -22.82
N LEU B 295 4.46 49.60 -23.73
CA LEU B 295 4.21 48.79 -24.92
C LEU B 295 3.78 47.36 -24.55
N SER B 296 2.51 47.03 -24.84
CA SER B 296 1.91 45.79 -24.40
C SER B 296 1.58 44.89 -25.59
N ILE B 297 1.63 43.58 -25.36
CA ILE B 297 1.50 42.62 -26.46
C ILE B 297 0.41 41.60 -26.15
N LEU B 298 -0.16 41.04 -27.21
CA LEU B 298 -1.04 39.88 -27.14
C LEU B 298 -0.30 38.63 -27.62
N GLU B 299 -0.65 37.49 -27.03
CA GLU B 299 -0.36 36.20 -27.64
C GLU B 299 -1.66 35.68 -28.23
N ALA B 300 -1.96 36.09 -29.46
CA ALA B 300 -3.21 35.77 -30.13
C ALA B 300 -2.90 35.09 -31.44
N TRP B 301 -3.24 33.80 -31.55
CA TRP B 301 -2.74 32.96 -32.62
C TRP B 301 -3.61 32.95 -33.87
N SER B 302 -4.86 33.40 -33.77
CA SER B 302 -5.74 33.37 -34.94
C SER B 302 -5.43 34.55 -35.85
N ASP B 303 -5.52 34.30 -37.16
CA ASP B 303 -5.20 35.33 -38.15
C ASP B 303 -6.21 36.49 -38.15
N ASN B 304 -7.35 36.33 -37.48
CA ASN B 304 -8.29 37.43 -37.33
C ASN B 304 -7.89 38.40 -36.22
N ASP B 305 -7.01 37.98 -35.31
CA ASP B 305 -6.76 38.76 -34.11
C ASP B 305 -6.00 40.04 -34.42
N THR B 306 -5.09 40.03 -35.40
CA THR B 306 -4.40 41.27 -35.74
C THR B 306 -5.33 42.30 -36.35
N PRO B 307 -6.14 42.00 -37.37
CA PRO B 307 -7.12 43.00 -37.84
C PRO B 307 -8.10 43.42 -36.74
N TYR B 308 -8.55 42.48 -35.89
CA TYR B 308 -9.38 42.84 -34.75
C TYR B 308 -8.69 43.90 -33.89
N LEU B 309 -7.45 43.63 -33.49
CA LEU B 309 -6.72 44.53 -32.61
C LEU B 309 -6.44 45.87 -33.28
N HIS B 310 -6.22 45.86 -34.60
CA HIS B 310 -6.03 47.10 -35.33
C HIS B 310 -7.29 47.95 -35.29
N ASP B 311 -8.44 47.33 -35.58
CA ASP B 311 -9.72 48.04 -35.49
C ASP B 311 -10.00 48.50 -34.06
N ASP B 312 -9.54 47.75 -33.06
CA ASP B 312 -9.80 48.10 -31.67
C ASP B 312 -9.03 49.34 -31.20
N GLY B 313 -8.02 49.78 -31.95
CA GLY B 313 -7.35 51.02 -31.65
C GLY B 313 -5.83 50.93 -31.48
N ASP B 314 -5.26 49.77 -31.77
CA ASP B 314 -3.83 49.52 -31.60
C ASP B 314 -3.38 49.92 -30.20
N ASN B 315 -4.14 49.49 -29.21
CA ASN B 315 -3.76 49.70 -27.82
C ASN B 315 -2.73 48.67 -27.34
N MET B 316 -2.62 47.57 -28.07
CA MET B 316 -1.58 46.57 -27.88
C MET B 316 -1.14 46.11 -29.26
N ILE B 317 -0.07 45.31 -29.32
CA ILE B 317 0.42 44.79 -30.59
C ILE B 317 0.40 43.27 -30.54
N ASN B 318 0.12 42.66 -31.69
CA ASN B 318 0.12 41.21 -31.84
C ASN B 318 1.38 40.75 -32.58
N MET B 319 1.61 39.44 -32.53
CA MET B 319 2.67 38.82 -33.30
C MET B 319 2.38 38.91 -34.80
N ASP B 320 3.45 38.87 -35.60
CA ASP B 320 3.34 38.64 -37.05
C ASP B 320 3.47 37.15 -37.28
N ASN B 321 2.35 36.43 -37.22
CA ASN B 321 2.41 34.98 -37.38
C ASN B 321 2.76 34.59 -38.81
N LYS B 322 2.36 35.38 -39.80
CA LYS B 322 2.68 35.07 -41.19
C LYS B 322 4.19 35.08 -41.41
N LEU B 323 4.88 36.12 -40.95
CA LEU B 323 6.33 36.17 -41.08
C LEU B 323 6.99 35.05 -40.30
N ARG B 324 6.46 34.74 -39.12
CA ARG B 324 6.99 33.63 -38.34
C ARG B 324 6.94 32.33 -39.13
N LEU B 325 5.79 32.04 -39.75
CA LEU B 325 5.67 30.84 -40.57
C LEU B 325 6.60 30.89 -41.77
N SER B 326 6.75 32.06 -42.38
CA SER B 326 7.65 32.20 -43.51
C SER B 326 9.09 31.88 -43.12
N LEU B 327 9.54 32.43 -41.98
CA LEU B 327 10.86 32.10 -41.46
C LEU B 327 10.98 30.60 -41.18
N LEU B 328 10.00 30.05 -40.47
CA LEU B 328 10.04 28.64 -40.09
C LEU B 328 10.18 27.73 -41.29
N PHE B 329 9.38 27.96 -42.34
CA PHE B 329 9.36 27.05 -43.48
C PHE B 329 10.39 27.40 -44.56
N SER B 330 10.88 28.63 -44.60
CA SER B 330 11.90 28.99 -45.58
C SER B 330 13.31 28.73 -45.07
N LEU B 331 13.53 28.80 -43.77
CA LEU B 331 14.88 28.70 -43.22
C LEU B 331 15.05 27.56 -42.23
N ALA B 332 14.09 27.35 -41.34
CA ALA B 332 14.28 26.49 -40.17
C ALA B 332 13.99 25.02 -40.43
N LYS B 333 13.12 24.71 -41.39
CA LYS B 333 12.70 23.34 -41.61
C LYS B 333 13.85 22.50 -42.18
N PRO B 334 13.76 21.17 -42.05
CA PRO B 334 14.70 20.29 -42.75
C PRO B 334 14.73 20.59 -44.25
N LEU B 335 15.87 20.31 -44.87
CA LEU B 335 16.13 20.74 -46.24
C LEU B 335 15.05 20.28 -47.22
N ASN B 336 14.54 19.06 -47.06
CA ASN B 336 13.56 18.55 -48.00
C ASN B 336 12.15 19.07 -47.73
N GLN B 337 11.90 19.67 -46.57
CA GLN B 337 10.61 20.28 -46.26
C GLN B 337 10.63 21.79 -46.41
N ARG B 338 11.69 22.34 -47.00
CA ARG B 338 11.92 23.77 -47.01
C ARG B 338 11.24 24.42 -48.20
N SER B 339 10.63 25.57 -47.96
CA SER B 339 9.94 26.31 -49.02
C SER B 339 10.91 27.23 -49.75
N GLY B 340 10.42 27.80 -50.85
CA GLY B 340 11.12 28.89 -51.50
C GLY B 340 11.32 30.07 -50.55
N MET B 341 12.13 31.03 -51.01
CA MET B 341 12.53 32.12 -50.14
C MET B 341 11.63 33.35 -50.25
N ASN B 342 10.87 33.47 -51.34
CA ASN B 342 10.09 34.69 -51.53
C ASN B 342 9.06 34.96 -50.42
N PRO B 343 8.50 33.98 -49.71
CA PRO B 343 7.61 34.33 -48.58
C PRO B 343 8.25 35.24 -47.55
N LEU B 344 9.56 35.07 -47.29
CA LEU B 344 10.28 35.95 -46.38
C LEU B 344 10.12 37.42 -46.74
N ILE B 345 9.78 37.71 -47.99
CA ILE B 345 9.55 39.10 -48.42
C ILE B 345 8.08 39.47 -48.35
N THR B 346 7.20 38.56 -48.76
CA THR B 346 5.83 38.94 -49.04
C THR B 346 4.80 38.34 -48.11
N ASN B 347 5.11 37.22 -47.45
CA ASN B 347 4.14 36.58 -46.56
C ASN B 347 4.40 37.11 -45.17
N SER B 348 3.79 38.26 -44.88
CA SER B 348 4.00 38.98 -43.65
C SER B 348 2.94 40.06 -43.56
N LEU B 349 2.74 40.59 -42.35
CA LEU B 349 1.93 41.79 -42.18
C LEU B 349 2.37 42.90 -43.12
N VAL B 350 3.67 43.02 -43.37
CA VAL B 350 4.24 44.09 -44.17
C VAL B 350 4.97 43.45 -45.34
N ASN B 351 4.59 43.84 -46.55
CA ASN B 351 5.33 43.45 -47.74
C ASN B 351 6.60 44.29 -47.80
N ARG B 352 7.74 43.64 -47.59
CA ARG B 352 9.01 44.35 -47.45
C ARG B 352 9.78 44.46 -48.77
N THR B 353 9.10 44.24 -49.90
CA THR B 353 9.71 44.48 -51.20
C THR B 353 10.28 45.89 -51.28
N ASP B 354 9.45 46.89 -51.01
CA ASP B 354 9.89 48.27 -50.84
C ASP B 354 9.08 48.88 -49.72
N ASP B 355 9.65 48.89 -48.51
CA ASP B 355 9.01 49.45 -47.32
C ASP B 355 9.58 50.83 -47.09
N ASN B 356 8.87 51.85 -47.58
CA ASN B 356 9.33 53.22 -47.51
C ASN B 356 8.46 54.08 -46.60
N ALA B 357 7.59 53.46 -45.82
CA ALA B 357 6.61 54.18 -45.05
C ALA B 357 7.24 54.76 -43.79
N GLU B 358 6.86 55.99 -43.45
CA GLU B 358 7.30 56.56 -42.19
C GLU B 358 6.61 55.85 -41.02
N THR B 359 5.36 55.45 -41.21
CA THR B 359 4.63 54.63 -40.25
C THR B 359 3.97 53.48 -41.00
N ALA B 360 4.23 52.25 -40.57
CA ALA B 360 3.61 51.09 -41.18
C ALA B 360 2.12 51.05 -40.87
N ALA B 361 1.38 50.31 -41.71
CA ALA B 361 -0.07 50.23 -41.56
C ALA B 361 -0.47 49.64 -40.22
N VAL B 362 0.15 48.53 -39.82
CA VAL B 362 -0.21 47.81 -38.59
C VAL B 362 1.07 47.54 -37.79
N PRO B 363 1.09 47.82 -36.49
CA PRO B 363 2.25 47.46 -35.68
C PRO B 363 2.21 46.01 -35.24
N SER B 364 3.40 45.46 -35.00
CA SER B 364 3.52 44.05 -34.63
C SER B 364 4.87 43.79 -34.00
N TYR B 365 4.99 42.63 -33.35
CA TYR B 365 6.28 42.08 -32.97
C TYR B 365 6.51 40.78 -33.74
N SER B 366 7.78 40.48 -33.99
CA SER B 366 8.18 39.35 -34.81
C SER B 366 9.15 38.47 -34.02
N PHE B 367 9.02 37.16 -34.19
CA PHE B 367 9.92 36.22 -33.55
C PHE B 367 9.96 34.93 -34.35
N ILE B 368 10.98 34.11 -34.08
CA ILE B 368 11.10 32.79 -34.68
C ILE B 368 10.84 31.68 -33.66
N ARG B 369 11.24 31.89 -32.41
CA ARG B 369 10.97 30.95 -31.32
C ARG B 369 10.46 31.72 -30.11
N ALA B 370 9.70 31.02 -29.27
CA ALA B 370 9.28 31.53 -27.98
C ALA B 370 9.46 30.42 -26.95
N HIS B 371 9.26 30.77 -25.67
CA HIS B 371 9.45 29.79 -24.60
C HIS B 371 8.62 28.54 -24.83
N ASP B 372 7.47 28.67 -25.48
CA ASP B 372 6.66 27.53 -25.86
C ASP B 372 6.74 27.23 -27.34
N SER B 373 6.52 28.24 -28.20
CA SER B 373 6.47 28.03 -29.64
C SER B 373 7.84 27.60 -30.18
N GLU B 374 7.88 26.42 -30.80
CA GLU B 374 9.07 25.85 -31.41
C GLU B 374 10.15 25.50 -30.39
N VAL B 375 9.76 25.22 -29.15
CA VAL B 375 10.67 24.64 -28.18
C VAL B 375 10.02 23.42 -27.57
N GLN B 376 8.96 23.63 -26.77
CA GLN B 376 8.25 22.51 -26.19
C GLN B 376 7.61 21.64 -27.26
N ASP B 377 7.29 22.22 -28.42
CA ASP B 377 6.84 21.41 -29.56
C ASP B 377 7.92 20.42 -29.99
N LEU B 378 9.19 20.87 -30.00
CA LEU B 378 10.27 19.98 -30.40
C LEU B 378 10.52 18.90 -29.36
N ILE B 379 10.43 19.25 -28.08
CA ILE B 379 10.53 18.26 -27.02
C ILE B 379 9.44 17.22 -27.16
N ARG B 380 8.21 17.65 -27.48
CA ARG B 380 7.13 16.70 -27.73
C ARG B 380 7.45 15.80 -28.91
N ASP B 381 7.98 16.38 -30.00
CA ASP B 381 8.37 15.55 -31.15
C ASP B 381 9.35 14.47 -30.73
N ILE B 382 10.38 14.84 -29.96
CA ILE B 382 11.40 13.88 -29.56
C ILE B 382 10.79 12.79 -28.66
N ILE B 383 9.96 13.21 -27.71
CA ILE B 383 9.35 12.25 -26.77
C ILE B 383 8.45 11.29 -27.53
N LYS B 384 7.62 11.81 -28.43
CA LYS B 384 6.67 10.97 -29.15
C LYS B 384 7.39 10.06 -30.15
N ALA B 385 8.57 10.45 -30.62
CA ALA B 385 9.25 9.65 -31.62
C ALA B 385 10.25 8.68 -31.04
N GLU B 386 10.69 8.86 -29.79
CA GLU B 386 11.79 8.06 -29.27
C GLU B 386 11.64 7.61 -27.83
N ILE B 387 10.64 8.08 -27.09
CA ILE B 387 10.56 7.78 -25.67
C ILE B 387 9.17 7.21 -25.36
N ASN B 388 8.13 8.03 -25.50
CA ASN B 388 6.77 7.66 -25.15
C ASN B 388 5.85 8.07 -26.29
N PRO B 389 5.54 7.14 -27.21
CA PRO B 389 4.69 7.48 -28.36
C PRO B 389 3.26 7.84 -27.97
N ASN B 390 2.88 7.68 -26.72
CA ASN B 390 1.52 7.97 -26.28
C ASN B 390 1.43 9.25 -25.46
N VAL B 391 2.51 10.05 -25.41
CA VAL B 391 2.51 11.28 -24.62
C VAL B 391 1.30 12.13 -25.01
N VAL B 392 0.62 12.65 -23.99
CA VAL B 392 -0.59 13.45 -24.18
C VAL B 392 -0.21 14.93 -24.17
N GLY B 393 -0.49 15.61 -25.28
CA GLY B 393 -0.23 17.03 -25.41
C GLY B 393 1.16 17.46 -24.98
N TYR B 394 1.24 18.30 -23.95
CA TYR B 394 2.52 18.69 -23.36
C TYR B 394 2.62 18.24 -21.91
N SER B 395 1.87 17.20 -21.54
CA SER B 395 1.87 16.67 -20.18
C SER B 395 3.06 15.72 -20.02
N PHE B 396 4.25 16.31 -20.02
CA PHE B 396 5.47 15.55 -19.88
C PHE B 396 5.74 15.25 -18.40
N THR B 397 6.46 14.16 -18.17
CA THR B 397 7.11 13.93 -16.89
C THR B 397 8.52 14.48 -16.93
N MET B 398 9.04 14.86 -15.76
CA MET B 398 10.41 15.35 -15.67
C MET B 398 11.40 14.38 -16.29
N GLU B 399 11.15 13.08 -16.15
CA GLU B 399 12.08 12.09 -16.67
C GLU B 399 12.07 12.07 -18.19
N GLU B 400 10.87 12.15 -18.79
CA GLU B 400 10.79 12.28 -20.24
C GLU B 400 11.52 13.53 -20.73
N ILE B 401 11.41 14.63 -19.99
CA ILE B 401 12.09 15.87 -20.38
C ILE B 401 13.60 15.67 -20.35
N LYS B 402 14.11 15.09 -19.26
CA LYS B 402 15.56 14.93 -19.16
C LYS B 402 16.09 13.96 -20.20
N LYS B 403 15.32 12.93 -20.56
CA LYS B 403 15.76 12.03 -21.60
C LYS B 403 15.72 12.71 -22.97
N ALA B 404 14.63 13.43 -23.26
CA ALA B 404 14.52 14.12 -24.53
C ALA B 404 15.60 15.17 -24.72
N PHE B 405 16.05 15.80 -23.63
CA PHE B 405 17.02 16.87 -23.79
C PHE B 405 18.41 16.36 -24.17
N GLU B 406 18.74 15.10 -23.91
CA GLU B 406 20.03 14.60 -24.41
C GLU B 406 20.03 14.54 -25.93
N ILE B 407 18.95 13.98 -26.49
CA ILE B 407 18.76 13.97 -27.94
C ILE B 407 18.71 15.39 -28.47
N TYR B 408 17.94 16.25 -27.81
CA TYR B 408 17.79 17.65 -28.25
C TYR B 408 19.12 18.37 -28.30
N ASN B 409 19.91 18.27 -27.22
CA ASN B 409 21.16 19.01 -27.15
C ASN B 409 22.18 18.46 -28.12
N LYS B 410 22.15 17.16 -28.43
CA LYS B 410 23.08 16.68 -29.44
C LYS B 410 22.61 17.06 -30.84
N ASP B 411 21.30 17.11 -31.07
CA ASP B 411 20.77 17.54 -32.35
C ASP B 411 21.12 19.01 -32.63
N LEU B 412 21.12 19.84 -31.58
CA LEU B 412 21.46 21.25 -31.75
C LEU B 412 22.82 21.43 -32.44
N LEU B 413 23.79 20.58 -32.11
CA LEU B 413 25.15 20.73 -32.58
C LEU B 413 25.41 20.03 -33.92
N ALA B 414 24.43 19.30 -34.44
CA ALA B 414 24.64 18.55 -35.68
C ALA B 414 24.50 19.45 -36.90
N THR B 415 25.16 19.04 -37.99
CA THR B 415 24.94 19.68 -39.28
C THR B 415 23.60 19.27 -39.87
N GLU B 416 23.29 17.97 -39.85
CA GLU B 416 21.98 17.47 -40.26
C GLU B 416 21.15 17.28 -39.00
N LYS B 417 20.14 18.12 -38.83
CA LYS B 417 19.32 18.12 -37.63
C LYS B 417 18.01 17.40 -37.92
N LYS B 418 17.62 16.49 -37.02
CA LYS B 418 16.37 15.77 -37.16
C LYS B 418 15.22 16.43 -36.40
N TYR B 419 15.51 17.20 -35.35
CA TYR B 419 14.48 17.74 -34.48
C TYR B 419 14.53 19.25 -34.31
N THR B 420 15.67 19.89 -34.49
CA THR B 420 15.85 21.29 -34.13
C THR B 420 16.00 22.16 -35.38
N HIS B 421 15.89 23.47 -35.15
CA HIS B 421 15.84 24.44 -36.25
C HIS B 421 17.18 24.57 -36.97
N TYR B 422 17.10 24.65 -38.29
CA TYR B 422 18.22 25.10 -39.10
C TYR B 422 18.21 26.63 -39.17
N ASN B 423 19.39 27.20 -39.44
CA ASN B 423 19.51 28.58 -39.92
C ASN B 423 18.97 29.60 -38.92
N THR B 424 19.16 29.33 -37.62
CA THR B 424 18.73 30.29 -36.59
C THR B 424 19.31 31.67 -36.87
N ALA B 425 20.59 31.75 -37.18
CA ALA B 425 21.24 33.03 -37.41
C ALA B 425 20.68 33.74 -38.64
N LEU B 426 20.26 33.00 -39.66
CA LEU B 426 19.62 33.64 -40.82
C LEU B 426 18.28 34.25 -40.42
N SER B 427 17.49 33.52 -39.64
CA SER B 427 16.21 34.04 -39.15
C SER B 427 16.41 35.30 -38.34
N TYR B 428 17.41 35.31 -37.45
CA TYR B 428 17.64 36.51 -36.63
C TYR B 428 18.25 37.64 -37.44
N ALA B 429 19.06 37.34 -38.47
CA ALA B 429 19.56 38.41 -39.33
C ALA B 429 18.40 39.12 -40.03
N LEU B 430 17.38 38.36 -40.45
CA LEU B 430 16.21 39.02 -41.02
C LEU B 430 15.41 39.74 -39.94
N LEU B 431 15.20 39.09 -38.79
CA LEU B 431 14.40 39.69 -37.72
C LEU B 431 14.99 41.01 -37.23
N LEU B 432 16.31 41.07 -37.09
CA LEU B 432 16.93 42.23 -36.45
C LEU B 432 17.30 43.33 -37.43
N THR B 433 17.06 43.14 -38.73
CA THR B 433 17.22 44.20 -39.71
C THR B 433 15.92 44.58 -40.41
N ASN B 434 14.88 43.76 -40.29
CA ASN B 434 13.58 44.10 -40.87
C ASN B 434 13.07 45.44 -40.36
N LYS B 435 12.48 46.21 -41.27
CA LYS B 435 11.72 47.40 -40.92
C LYS B 435 10.28 47.00 -40.58
N SER B 436 9.63 47.85 -39.78
CA SER B 436 8.18 47.82 -39.55
C SER B 436 7.74 46.68 -38.63
N SER B 437 8.61 46.26 -37.71
CA SER B 437 8.20 45.34 -36.67
C SER B 437 9.20 45.41 -35.52
N VAL B 438 8.72 45.13 -34.32
CA VAL B 438 9.55 45.06 -33.13
C VAL B 438 10.07 43.61 -33.02
N PRO B 439 11.36 43.37 -33.15
CA PRO B 439 11.86 42.00 -32.98
C PRO B 439 11.80 41.58 -31.52
N ARG B 440 11.50 40.31 -31.29
CA ARG B 440 11.59 39.71 -29.97
C ARG B 440 12.59 38.58 -29.99
N VAL B 441 13.67 38.74 -29.24
CA VAL B 441 14.70 37.71 -29.14
C VAL B 441 14.28 36.70 -28.08
N TYR B 442 14.41 35.41 -28.39
CA TYR B 442 14.13 34.36 -27.43
C TYR B 442 15.41 34.04 -26.66
N TYR B 443 15.29 34.03 -25.32
CA TYR B 443 16.42 33.68 -24.45
C TYR B 443 17.12 32.41 -24.92
N GLY B 444 16.36 31.35 -25.18
CA GLY B 444 16.91 30.04 -25.50
C GLY B 444 17.59 29.93 -26.86
N ASP B 445 17.64 31.01 -27.64
CA ASP B 445 18.43 31.02 -28.85
C ASP B 445 19.82 31.63 -28.63
N MET B 446 20.02 32.35 -27.54
CA MET B 446 21.32 32.86 -27.14
C MET B 446 21.94 32.02 -26.02
N PHE B 447 21.13 31.53 -25.10
CA PHE B 447 21.59 30.63 -24.06
C PHE B 447 20.87 29.30 -24.19
N THR B 448 21.43 28.27 -23.56
CA THR B 448 20.87 26.93 -23.65
C THR B 448 19.46 26.92 -23.06
N ASP B 449 18.57 26.15 -23.69
CA ASP B 449 17.18 26.06 -23.21
C ASP B 449 17.12 25.44 -21.83
N ASP B 450 18.04 24.52 -21.53
CA ASP B 450 18.16 23.92 -20.21
C ASP B 450 19.36 24.52 -19.49
N GLY B 451 19.54 24.11 -18.24
CA GLY B 451 20.65 24.62 -17.46
C GLY B 451 20.31 25.91 -16.76
N GLN B 452 21.31 26.42 -16.05
CA GLN B 452 21.12 27.59 -15.21
C GLN B 452 21.07 28.86 -16.05
N TYR B 453 20.38 29.87 -15.52
CA TYR B 453 20.10 31.08 -16.27
C TYR B 453 21.39 31.77 -16.72
N MET B 454 21.53 31.94 -18.04
CA MET B 454 22.65 32.62 -18.68
C MET B 454 23.98 31.93 -18.44
N ALA B 455 23.95 30.65 -18.07
CA ALA B 455 25.18 29.95 -17.73
C ALA B 455 25.94 29.48 -18.97
N HIS B 456 25.23 29.07 -20.02
CA HIS B 456 25.85 28.46 -21.19
C HIS B 456 25.29 29.08 -22.45
N LYS B 457 26.18 29.61 -23.29
CA LYS B 457 25.78 30.22 -24.55
C LYS B 457 25.56 29.16 -25.63
N THR B 458 24.60 29.42 -26.52
CA THR B 458 24.44 28.58 -27.70
C THR B 458 25.52 28.88 -28.72
N ILE B 459 25.63 28.02 -29.73
CA ILE B 459 26.58 28.29 -30.80
C ILE B 459 26.22 29.53 -31.61
N ASN B 460 25.01 30.06 -31.45
CA ASN B 460 24.58 31.24 -32.18
C ASN B 460 24.62 32.52 -31.34
N TYR B 461 25.04 32.41 -30.08
CA TYR B 461 25.13 33.58 -29.21
C TYR B 461 25.91 34.71 -29.88
N GLU B 462 27.07 34.38 -30.47
CA GLU B 462 27.93 35.42 -31.01
C GLU B 462 27.28 36.15 -32.18
N ALA B 463 26.71 35.38 -33.12
CA ALA B 463 26.03 36.00 -34.26
C ALA B 463 24.89 36.91 -33.81
N ILE B 464 24.07 36.44 -32.86
CA ILE B 464 22.93 37.23 -32.44
C ILE B 464 23.36 38.48 -31.68
N GLU B 465 24.35 38.36 -30.79
CA GLU B 465 24.86 39.53 -30.09
C GLU B 465 25.44 40.55 -31.08
N THR B 466 26.21 40.07 -32.05
CA THR B 466 26.74 40.95 -33.10
C THR B 466 25.60 41.68 -33.81
N LEU B 467 24.54 40.95 -34.16
CA LEU B 467 23.41 41.57 -34.85
C LEU B 467 22.72 42.60 -33.98
N LEU B 468 22.56 42.33 -32.68
CA LEU B 468 21.88 43.29 -31.80
C LEU B 468 22.67 44.60 -31.70
N LYS B 469 23.98 44.48 -31.49
CA LYS B 469 24.80 45.69 -31.39
C LYS B 469 24.83 46.45 -32.71
N ALA B 470 24.95 45.72 -33.82
CA ALA B 470 24.91 46.37 -35.13
C ALA B 470 23.54 46.95 -35.42
N ARG B 471 22.48 46.40 -34.83
CA ARG B 471 21.16 46.99 -35.03
C ARG B 471 21.10 48.37 -34.42
N ILE B 472 21.62 48.49 -33.18
CA ILE B 472 21.75 49.82 -32.58
C ILE B 472 22.52 50.75 -33.50
N LYS B 473 23.65 50.28 -34.03
CA LYS B 473 24.57 51.20 -34.71
C LYS B 473 24.15 51.54 -36.14
N TYR B 474 23.54 50.61 -36.88
CA TYR B 474 23.44 50.72 -38.33
C TYR B 474 22.02 50.66 -38.89
N VAL B 475 21.09 50.01 -38.19
CA VAL B 475 19.82 49.61 -38.81
C VAL B 475 18.82 50.77 -38.69
N SER B 476 18.57 51.44 -39.81
CA SER B 476 17.56 52.48 -39.88
C SER B 476 17.29 52.78 -41.35
N GLY B 477 16.21 53.53 -41.60
CA GLY B 477 15.82 53.89 -42.95
C GLY B 477 14.85 52.93 -43.58
N GLY B 478 14.49 53.23 -44.82
CA GLY B 478 13.62 52.35 -45.59
C GLY B 478 14.27 51.00 -45.86
N GLN B 479 13.44 50.07 -46.33
CA GLN B 479 13.88 48.70 -46.60
C GLN B 479 13.56 48.31 -48.03
N ALA B 480 14.46 47.52 -48.61
CA ALA B 480 14.22 46.88 -49.89
C ALA B 480 14.59 45.40 -49.78
N MET B 481 13.70 44.52 -50.23
CA MET B 481 14.01 43.10 -50.30
C MET B 481 13.87 42.63 -51.75
N ARG B 482 14.83 41.83 -52.18
CA ARG B 482 14.83 41.28 -53.52
C ARG B 482 15.04 39.78 -53.49
N ASN B 483 14.43 39.10 -54.44
CA ASN B 483 14.55 37.66 -54.62
C ASN B 483 15.15 37.41 -56.00
N GLN B 484 16.35 36.83 -56.03
CA GLN B 484 17.06 36.62 -57.29
C GLN B 484 17.30 35.14 -57.51
N GLN B 485 16.87 34.63 -58.66
CA GLN B 485 17.24 33.31 -59.14
C GLN B 485 18.66 33.35 -59.69
N VAL B 486 19.58 32.62 -59.06
CA VAL B 486 20.96 32.54 -59.53
C VAL B 486 21.41 31.09 -59.52
N GLY B 487 22.13 30.71 -60.57
CA GLY B 487 22.61 29.35 -60.72
C GLY B 487 21.50 28.34 -60.57
N ASN B 488 21.70 27.38 -59.68
CA ASN B 488 20.73 26.31 -59.45
C ASN B 488 19.70 26.68 -58.41
N SER B 489 19.80 27.85 -57.77
CA SER B 489 18.89 28.16 -56.68
C SER B 489 18.53 29.65 -56.65
N GLU B 490 18.39 30.19 -55.46
CA GLU B 490 17.94 31.57 -55.30
C GLU B 490 18.58 32.14 -54.06
N ILE B 491 18.65 33.48 -54.04
CA ILE B 491 19.04 34.22 -52.84
C ILE B 491 18.02 35.32 -52.62
N ILE B 492 18.01 35.86 -51.41
CA ILE B 492 17.31 37.10 -51.14
C ILE B 492 18.33 38.10 -50.59
N THR B 493 18.08 39.36 -50.89
CA THR B 493 18.82 40.48 -50.33
C THR B 493 17.86 41.37 -49.58
N SER B 494 18.32 41.90 -48.45
CA SER B 494 17.56 42.83 -47.64
C SER B 494 18.45 44.02 -47.30
N VAL B 495 17.99 45.21 -47.64
CA VAL B 495 18.74 46.44 -47.47
C VAL B 495 17.95 47.38 -46.56
N ARG B 496 18.65 47.99 -45.61
CA ARG B 496 18.17 49.18 -44.94
C ARG B 496 19.06 50.33 -45.37
N TYR B 497 18.44 51.41 -45.88
CA TYR B 497 19.16 52.48 -46.59
C TYR B 497 19.99 53.36 -45.67
N GLY B 498 19.74 53.33 -44.37
CA GLY B 498 20.43 54.22 -43.46
C GLY B 498 19.51 55.29 -42.90
N LYS B 499 19.94 55.87 -41.78
CA LYS B 499 19.11 56.81 -41.04
C LYS B 499 18.77 58.03 -41.90
N GLY B 500 17.47 58.34 -41.98
CA GLY B 500 17.00 59.46 -42.75
C GLY B 500 16.67 59.17 -44.20
N ALA B 501 16.98 57.97 -44.69
CA ALA B 501 16.72 57.58 -46.08
C ALA B 501 15.58 56.55 -46.10
N LEU B 502 14.37 57.02 -46.39
CA LEU B 502 13.25 56.09 -46.56
C LEU B 502 13.21 55.49 -47.95
N LYS B 503 13.72 56.20 -48.95
CA LYS B 503 13.71 55.75 -50.33
C LYS B 503 15.13 55.59 -50.85
N ALA B 504 15.29 54.72 -51.85
CA ALA B 504 16.59 54.47 -52.44
C ALA B 504 17.21 55.73 -53.05
N THR B 505 16.39 56.71 -53.44
CA THR B 505 16.88 57.94 -54.05
C THR B 505 17.23 59.03 -53.05
N ASP B 506 16.91 58.86 -51.77
CA ASP B 506 17.24 59.86 -50.76
C ASP B 506 18.76 59.91 -50.58
N THR B 507 19.35 61.10 -50.77
CA THR B 507 20.80 61.20 -50.72
C THR B 507 21.34 61.23 -49.30
N GLY B 508 20.53 61.63 -48.32
CA GLY B 508 20.91 61.51 -46.93
C GLY B 508 21.93 62.55 -46.50
N ASP B 509 22.28 62.48 -45.21
CA ASP B 509 23.40 63.27 -44.70
C ASP B 509 24.52 62.34 -44.24
N ARG B 510 25.44 62.86 -43.43
CA ARG B 510 26.62 62.08 -43.06
C ARG B 510 26.24 60.85 -42.23
N THR B 511 25.16 60.93 -41.45
CA THR B 511 24.78 59.78 -40.64
C THR B 511 24.12 58.69 -41.49
N THR B 512 23.38 59.07 -42.53
CA THR B 512 22.93 58.09 -43.51
C THR B 512 24.11 57.33 -44.08
N ARG B 513 25.16 58.05 -44.45
CA ARG B 513 26.32 57.45 -45.10
C ARG B 513 26.91 56.32 -44.26
N THR B 514 27.00 56.50 -42.94
CA THR B 514 27.66 55.53 -42.08
C THR B 514 26.67 54.57 -41.40
N SER B 515 25.42 54.52 -41.87
CA SER B 515 24.44 53.56 -41.37
C SER B 515 23.83 52.81 -42.56
N GLY B 516 22.88 51.94 -42.27
CA GLY B 516 22.35 51.03 -43.26
C GLY B 516 23.04 49.67 -43.20
N VAL B 517 22.47 48.71 -43.93
CA VAL B 517 23.00 47.34 -43.83
C VAL B 517 22.50 46.54 -45.02
N ALA B 518 23.28 45.52 -45.40
CA ALA B 518 22.91 44.56 -46.42
C ALA B 518 22.99 43.15 -45.86
N VAL B 519 21.89 42.40 -45.99
CA VAL B 519 21.82 40.98 -45.64
C VAL B 519 21.60 40.20 -46.92
N ILE B 520 22.44 39.20 -47.17
CA ILE B 520 22.29 38.27 -48.28
C ILE B 520 22.10 36.88 -47.70
N GLU B 521 21.04 36.20 -48.14
CA GLU B 521 20.74 34.87 -47.59
C GLU B 521 20.34 33.90 -48.68
N GLY B 522 20.75 32.66 -48.50
CA GLY B 522 20.22 31.55 -49.27
C GLY B 522 19.86 30.42 -48.34
N ASN B 523 18.91 29.58 -48.77
CA ASN B 523 18.40 28.50 -47.94
C ASN B 523 18.65 27.12 -48.54
N ASN B 524 19.61 27.01 -49.45
CA ASN B 524 19.92 25.75 -50.12
C ASN B 524 21.42 25.51 -50.03
N PRO B 525 21.87 24.47 -49.34
CA PRO B 525 23.32 24.20 -49.26
C PRO B 525 23.94 23.88 -50.61
N SER B 526 23.16 23.52 -51.62
CA SER B 526 23.68 23.19 -52.95
C SER B 526 23.94 24.42 -53.80
N LEU B 527 23.58 25.61 -53.32
CA LEU B 527 23.69 26.84 -54.12
C LEU B 527 25.09 26.97 -54.71
N ARG B 528 25.16 27.04 -56.04
CA ARG B 528 26.40 27.33 -56.75
C ARG B 528 26.08 28.33 -57.84
N LEU B 529 26.79 29.46 -57.83
CA LEU B 529 26.59 30.48 -58.85
C LEU B 529 27.37 30.15 -60.12
N LYS B 530 26.80 30.53 -61.26
CA LYS B 530 27.57 30.52 -62.49
C LYS B 530 28.67 31.58 -62.43
N ALA B 531 29.73 31.37 -63.21
CA ALA B 531 30.81 32.34 -63.27
C ALA B 531 30.30 33.72 -63.71
N SER B 532 29.26 33.75 -64.53
CA SER B 532 28.69 34.99 -65.03
C SER B 532 27.64 35.60 -64.10
N ASP B 533 27.31 34.92 -63.01
CA ASP B 533 26.26 35.40 -62.12
C ASP B 533 26.72 36.58 -61.28
N ARG B 534 25.90 37.62 -61.23
CA ARG B 534 26.13 38.77 -60.35
C ARG B 534 24.90 39.01 -59.49
N VAL B 535 25.11 39.22 -58.20
CA VAL B 535 24.07 39.66 -57.28
C VAL B 535 24.30 41.14 -57.01
N VAL B 536 23.45 41.99 -57.59
CA VAL B 536 23.58 43.44 -57.52
C VAL B 536 22.62 43.96 -56.46
N VAL B 537 23.17 44.48 -55.37
CA VAL B 537 22.42 44.96 -54.21
C VAL B 537 22.48 46.49 -54.21
N ASN B 538 21.34 47.13 -54.40
CA ASN B 538 21.26 48.59 -54.32
C ASN B 538 21.27 49.04 -52.87
N MET B 539 22.30 49.78 -52.46
CA MET B 539 22.40 50.24 -51.09
C MET B 539 21.71 51.59 -50.87
N GLY B 540 21.41 52.33 -51.92
CA GLY B 540 20.81 53.64 -51.79
C GLY B 540 21.78 54.75 -52.16
N ALA B 541 21.20 55.91 -52.47
CA ALA B 541 21.94 57.02 -53.05
C ALA B 541 22.93 57.65 -52.08
N ALA B 542 22.83 57.37 -50.79
CA ALA B 542 23.81 57.86 -49.82
C ALA B 542 25.10 57.06 -49.83
N HIS B 543 25.17 55.96 -50.56
CA HIS B 543 26.25 54.98 -50.42
C HIS B 543 26.98 54.73 -51.73
N LYS B 544 27.18 55.78 -52.51
CA LYS B 544 27.98 55.67 -53.73
C LYS B 544 29.46 55.68 -53.37
N ASN B 545 30.23 54.83 -54.06
CA ASN B 545 31.69 54.77 -53.91
C ASN B 545 32.09 54.71 -52.43
N GLN B 546 31.65 53.65 -51.76
CA GLN B 546 31.81 53.54 -50.32
C GLN B 546 32.41 52.20 -49.95
N ALA B 547 33.27 52.22 -48.93
CA ALA B 547 33.85 50.99 -48.41
C ALA B 547 32.86 50.29 -47.49
N TYR B 548 32.72 48.97 -47.68
CA TYR B 548 31.92 48.13 -46.81
C TYR B 548 32.78 47.02 -46.26
N ARG B 549 32.41 46.54 -45.08
CA ARG B 549 33.13 45.46 -44.44
C ARG B 549 32.11 44.46 -43.91
N PRO B 550 32.49 43.20 -43.78
CA PRO B 550 31.52 42.20 -43.32
C PRO B 550 31.22 42.36 -41.83
N LEU B 551 29.96 42.12 -41.48
CA LEU B 551 29.56 41.91 -40.10
C LEU B 551 29.45 40.43 -39.78
N LEU B 552 28.88 39.65 -40.69
CA LEU B 552 28.79 38.21 -40.52
C LEU B 552 29.09 37.54 -41.85
N LEU B 553 29.87 36.47 -41.80
CA LEU B 553 30.15 35.67 -42.99
C LEU B 553 30.01 34.20 -42.67
N THR B 554 29.35 33.45 -43.55
CA THR B 554 29.31 32.01 -43.38
C THR B 554 30.68 31.40 -43.69
N THR B 555 31.13 30.49 -42.84
CA THR B 555 32.36 29.74 -43.04
C THR B 555 32.05 28.25 -43.18
N ASP B 556 33.09 27.47 -43.46
CA ASP B 556 32.92 26.02 -43.60
C ASP B 556 32.33 25.40 -42.33
N ASN B 557 32.74 25.88 -41.16
CA ASN B 557 32.34 25.28 -39.91
C ASN B 557 31.28 26.07 -39.16
N GLY B 558 31.01 27.31 -39.56
CA GLY B 558 30.00 28.09 -38.87
C GLY B 558 29.85 29.50 -39.40
N ILE B 559 29.89 30.49 -38.50
CA ILE B 559 29.71 31.89 -38.86
C ILE B 559 30.80 32.70 -38.19
N LYS B 560 31.56 33.44 -38.98
CA LYS B 560 32.55 34.38 -38.47
C LYS B 560 31.87 35.73 -38.26
N ALA B 561 32.01 36.27 -37.05
CA ALA B 561 31.51 37.59 -36.70
C ALA B 561 32.67 38.58 -36.63
N TYR B 562 32.43 39.82 -37.05
CA TYR B 562 33.43 40.87 -37.05
C TYR B 562 32.94 42.00 -36.17
N HIS B 563 33.61 42.21 -35.04
CA HIS B 563 33.16 43.13 -34.01
C HIS B 563 33.69 44.54 -34.21
N SER B 564 34.43 44.80 -35.29
CA SER B 564 34.95 46.13 -35.56
C SER B 564 35.36 46.18 -37.02
N ASP B 565 35.50 47.40 -37.53
CA ASP B 565 36.05 47.59 -38.87
C ASP B 565 37.43 46.96 -38.98
N GLN B 566 38.24 47.05 -37.92
CA GLN B 566 39.62 46.58 -37.99
C GLN B 566 39.69 45.06 -38.03
N GLU B 567 38.79 44.38 -37.31
CA GLU B 567 38.74 42.92 -37.38
C GLU B 567 38.41 42.43 -38.78
N ALA B 568 37.88 43.28 -39.64
CA ALA B 568 37.55 42.93 -41.01
C ALA B 568 38.52 43.58 -42.01
N ALA B 569 39.70 43.98 -41.53
CA ALA B 569 40.61 44.82 -42.32
C ALA B 569 40.83 44.29 -43.74
N GLY B 570 41.07 42.98 -43.87
CA GLY B 570 41.37 42.45 -45.19
C GLY B 570 40.19 42.15 -46.09
N LEU B 571 38.95 42.32 -45.61
CA LEU B 571 37.77 41.87 -46.35
C LEU B 571 36.91 43.02 -46.84
N VAL B 572 37.47 44.23 -46.95
CA VAL B 572 36.71 45.38 -47.41
C VAL B 572 36.35 45.22 -48.87
N ARG B 573 35.12 45.61 -49.22
CA ARG B 573 34.66 45.72 -50.60
C ARG B 573 33.98 47.08 -50.75
N TYR B 574 33.66 47.44 -52.00
CA TYR B 574 33.20 48.78 -52.31
C TYR B 574 31.94 48.76 -53.15
N THR B 575 31.08 49.74 -52.92
CA THR B 575 29.97 50.02 -53.84
C THR B 575 30.50 50.75 -55.06
N ASN B 576 29.78 50.59 -56.18
CA ASN B 576 30.14 51.32 -57.39
C ASN B 576 29.52 52.72 -57.33
N ASP B 577 29.67 53.48 -58.41
CA ASP B 577 29.16 54.85 -58.43
C ASP B 577 27.64 54.92 -58.50
N ARG B 578 26.95 53.79 -58.69
CA ARG B 578 25.49 53.78 -58.59
C ARG B 578 25.01 53.38 -57.20
N GLY B 579 25.92 53.13 -56.26
CA GLY B 579 25.55 52.76 -54.91
C GLY B 579 25.29 51.28 -54.72
N GLU B 580 25.79 50.43 -55.62
CA GLU B 580 25.50 49.00 -55.61
C GLU B 580 26.70 48.21 -55.09
N LEU B 581 26.45 47.34 -54.12
CA LEU B 581 27.36 46.24 -53.82
C LEU B 581 27.11 45.12 -54.81
N ILE B 582 28.16 44.47 -55.27
CA ILE B 582 28.03 43.39 -56.24
C ILE B 582 28.78 42.18 -55.74
N PHE B 583 28.12 41.02 -55.76
CA PHE B 583 28.72 39.77 -55.31
C PHE B 583 28.72 38.74 -56.43
N THR B 584 29.72 37.86 -56.41
CA THR B 584 29.89 36.81 -57.40
C THR B 584 30.03 35.47 -56.69
N ALA B 585 30.25 34.41 -57.48
CA ALA B 585 30.46 33.08 -56.93
C ALA B 585 31.58 33.04 -55.91
N ALA B 586 32.58 33.92 -56.05
CA ALA B 586 33.66 33.99 -55.07
C ALA B 586 33.15 34.37 -53.68
N ASP B 587 31.99 35.03 -53.60
CA ASP B 587 31.43 35.46 -52.33
C ASP B 587 30.32 34.55 -51.83
N ILE B 588 29.42 34.12 -52.71
CA ILE B 588 28.20 33.43 -52.32
C ILE B 588 28.26 31.99 -52.83
N LYS B 589 28.09 31.05 -51.91
CA LYS B 589 27.91 29.64 -52.24
C LYS B 589 27.17 28.99 -51.08
N GLY B 590 26.61 27.81 -51.34
CA GLY B 590 25.92 27.07 -50.29
C GLY B 590 26.90 26.44 -49.32
N TYR B 591 26.48 26.39 -48.05
CA TYR B 591 27.24 25.74 -46.99
C TYR B 591 26.31 24.83 -46.21
N ALA B 592 26.91 23.92 -45.43
CA ALA B 592 26.13 23.05 -44.56
C ALA B 592 26.97 22.80 -43.30
N ASN B 593 26.65 23.52 -42.23
CA ASN B 593 27.33 23.35 -40.95
C ASN B 593 26.29 23.50 -39.85
N PRO B 594 26.65 23.28 -38.56
CA PRO B 594 25.63 23.35 -37.50
C PRO B 594 24.85 24.65 -37.45
N GLN B 595 25.40 25.73 -38.00
CA GLN B 595 24.74 27.03 -37.92
C GLN B 595 24.04 27.44 -39.19
N VAL B 596 24.57 27.05 -40.36
CA VAL B 596 24.05 27.51 -41.63
C VAL B 596 23.76 26.31 -42.52
N SER B 597 22.59 26.32 -43.16
CA SER B 597 22.21 25.39 -44.22
C SER B 597 21.76 26.26 -45.38
N GLY B 598 22.72 26.69 -46.20
CA GLY B 598 22.49 27.75 -47.17
C GLY B 598 23.62 28.77 -47.15
N TYR B 599 23.29 30.05 -47.00
CA TYR B 599 24.31 31.08 -46.97
C TYR B 599 23.82 32.30 -46.19
N LEU B 600 24.72 32.88 -45.38
CA LEU B 600 24.46 34.14 -44.70
C LEU B 600 25.66 35.07 -44.86
N GLY B 601 25.40 36.27 -45.37
CA GLY B 601 26.37 37.34 -45.38
C GLY B 601 25.74 38.64 -44.95
N VAL B 602 26.36 39.36 -44.01
CA VAL B 602 25.85 40.64 -43.54
C VAL B 602 26.98 41.65 -43.61
N TRP B 603 26.71 42.78 -44.27
CA TRP B 603 27.69 43.83 -44.57
C TRP B 603 27.20 45.19 -44.07
N VAL B 604 28.13 45.96 -43.51
CA VAL B 604 27.86 47.30 -42.97
C VAL B 604 28.87 48.30 -43.53
N PRO B 605 28.53 49.58 -43.61
CA PRO B 605 29.50 50.57 -44.11
C PRO B 605 30.64 50.78 -43.13
N VAL B 606 31.82 51.03 -43.68
CA VAL B 606 33.01 51.32 -42.88
C VAL B 606 32.92 52.73 -42.34
N GLY B 607 33.38 52.93 -41.11
CA GLY B 607 33.60 54.25 -40.58
C GLY B 607 32.55 54.80 -39.63
N ALA B 608 31.76 53.94 -38.99
CA ALA B 608 30.84 54.41 -37.95
C ALA B 608 31.58 54.61 -36.65
N ALA B 609 31.42 55.80 -36.05
CA ALA B 609 31.94 56.05 -34.72
C ALA B 609 31.57 54.92 -33.77
N ALA B 610 32.45 54.65 -32.81
CA ALA B 610 32.23 53.55 -31.87
C ALA B 610 30.90 53.68 -31.15
N ASP B 611 30.41 54.91 -30.96
CA ASP B 611 29.19 55.16 -30.20
C ASP B 611 28.00 55.51 -31.09
N GLN B 612 28.08 55.26 -32.39
CA GLN B 612 26.98 55.61 -33.29
C GLN B 612 25.70 54.89 -32.88
N ASP B 613 24.61 55.65 -32.80
CA ASP B 613 23.30 55.13 -32.40
C ASP B 613 22.27 55.80 -33.29
N VAL B 614 21.68 55.03 -34.21
CA VAL B 614 20.75 55.58 -35.20
C VAL B 614 19.30 55.44 -34.74
N ARG B 615 19.07 55.03 -33.49
CA ARG B 615 17.72 54.94 -32.97
C ARG B 615 17.16 56.33 -32.70
N VAL B 616 15.83 56.42 -32.59
CA VAL B 616 15.13 57.67 -32.33
C VAL B 616 14.16 57.46 -31.18
N ALA B 617 14.03 58.49 -30.34
CA ALA B 617 13.10 58.46 -29.23
C ALA B 617 11.69 58.75 -29.72
N ALA B 618 10.70 58.27 -28.96
CA ALA B 618 9.32 58.50 -29.30
C ALA B 618 8.96 59.97 -29.15
N SER B 619 8.14 60.47 -30.07
CA SER B 619 7.70 61.86 -30.03
C SER B 619 6.66 62.08 -28.94
N THR B 620 6.62 63.30 -28.42
CA THR B 620 5.58 63.70 -27.48
C THR B 620 4.43 64.46 -28.15
N ALA B 621 4.49 64.65 -29.47
CA ALA B 621 3.42 65.33 -30.18
C ALA B 621 2.12 64.52 -30.07
N PRO B 622 0.97 65.19 -30.07
CA PRO B 622 -0.30 64.48 -29.89
C PRO B 622 -0.60 63.51 -31.04
N SER B 623 -1.03 62.31 -30.67
CA SER B 623 -1.53 61.37 -31.67
C SER B 623 -2.87 61.83 -32.22
N THR B 624 -3.06 61.67 -33.53
CA THR B 624 -4.26 62.16 -34.19
C THR B 624 -4.95 61.15 -35.09
N ASP B 625 -4.48 59.92 -35.19
CA ASP B 625 -5.10 58.96 -36.09
C ASP B 625 -6.02 57.96 -35.40
N GLY B 626 -6.20 58.09 -34.09
CA GLY B 626 -7.07 57.16 -33.39
C GLY B 626 -6.41 55.86 -32.99
N LYS B 627 -5.11 55.71 -33.20
CA LYS B 627 -4.35 54.56 -32.76
C LYS B 627 -3.39 54.99 -31.66
N SER B 628 -3.07 54.05 -30.77
CA SER B 628 -2.14 54.39 -29.69
C SER B 628 -0.70 54.07 -30.09
N VAL B 629 -0.46 52.88 -30.62
CA VAL B 629 0.87 52.43 -31.00
C VAL B 629 1.05 52.66 -32.50
N HIS B 630 2.19 53.25 -32.87
CA HIS B 630 2.50 53.56 -34.26
C HIS B 630 3.82 52.92 -34.64
N GLN B 631 3.81 52.12 -35.71
CA GLN B 631 5.01 51.43 -36.18
C GLN B 631 5.85 52.40 -37.02
N ASN B 632 6.50 53.33 -36.33
CA ASN B 632 7.38 54.31 -36.96
C ASN B 632 8.83 54.00 -36.58
N ALA B 633 9.73 54.92 -36.92
CA ALA B 633 11.15 54.72 -36.61
C ALA B 633 11.39 54.57 -35.12
N ALA B 634 10.59 55.25 -34.28
CA ALA B 634 10.78 55.14 -32.84
C ALA B 634 10.41 53.75 -32.32
N LEU B 635 9.31 53.18 -32.80
CA LEU B 635 8.95 51.82 -32.40
C LEU B 635 9.91 50.81 -33.01
N ASP B 636 10.33 51.04 -34.25
CA ASP B 636 11.30 50.15 -34.90
C ASP B 636 12.60 50.09 -34.12
N SER B 637 12.93 51.14 -33.35
CA SER B 637 14.16 51.15 -32.58
C SER B 637 14.08 50.30 -31.32
N ARG B 638 12.91 49.77 -30.99
CA ARG B 638 12.77 48.96 -29.79
C ARG B 638 13.18 47.51 -30.07
N VAL B 639 13.60 46.82 -29.02
CA VAL B 639 13.87 45.39 -29.09
C VAL B 639 13.26 44.72 -27.86
N MET B 640 12.54 43.63 -28.10
CA MET B 640 11.92 42.83 -27.05
C MET B 640 12.80 41.63 -26.75
N PHE B 641 12.91 41.29 -25.47
CA PHE B 641 13.68 40.12 -25.05
C PHE B 641 12.78 39.26 -24.17
N GLU B 642 12.45 38.06 -24.64
CA GLU B 642 11.74 37.07 -23.83
C GLU B 642 12.76 36.42 -22.92
N GLY B 643 12.81 36.87 -21.66
CA GLY B 643 13.94 36.54 -20.83
C GLY B 643 13.83 35.29 -19.99
N PHE B 644 13.31 34.20 -20.57
CA PHE B 644 13.27 32.93 -19.85
C PHE B 644 13.07 31.78 -20.83
N SER B 645 13.36 30.59 -20.33
CA SER B 645 13.06 29.34 -21.00
C SER B 645 12.24 28.47 -20.05
N ASN B 646 11.23 27.79 -20.60
CA ASN B 646 10.46 26.82 -19.81
C ASN B 646 11.38 25.82 -19.11
N PHE B 647 12.48 25.44 -19.76
CA PHE B 647 13.28 24.31 -19.31
C PHE B 647 14.55 24.72 -18.59
N GLN B 648 14.61 25.97 -18.11
CA GLN B 648 15.68 26.38 -17.22
C GLN B 648 15.81 25.41 -16.05
N ALA B 649 17.05 25.10 -15.69
CA ALA B 649 17.28 24.32 -14.47
C ALA B 649 16.81 25.10 -13.25
N PHE B 650 16.41 24.37 -12.22
CA PHE B 650 16.11 25.01 -10.95
C PHE B 650 17.40 25.46 -10.28
N ALA B 651 17.36 26.67 -9.70
CA ALA B 651 18.55 27.22 -9.06
C ALA B 651 18.92 26.39 -7.83
N THR B 652 20.22 26.18 -7.65
CA THR B 652 20.73 25.49 -6.46
C THR B 652 21.18 26.45 -5.38
N LYS B 653 21.53 27.68 -5.73
CA LYS B 653 21.94 28.69 -4.76
C LYS B 653 21.34 30.03 -5.16
N LYS B 654 21.40 30.99 -4.24
CA LYS B 654 20.79 32.29 -4.48
C LYS B 654 21.42 32.99 -5.67
N GLU B 655 22.71 32.77 -5.90
CA GLU B 655 23.44 33.41 -6.99
C GLU B 655 23.00 32.91 -8.36
N GLU B 656 22.23 31.82 -8.42
CA GLU B 656 21.75 31.28 -9.68
C GLU B 656 20.30 31.67 -9.99
N TYR B 657 19.59 32.26 -9.04
CA TYR B 657 18.22 32.71 -9.29
C TYR B 657 18.17 33.64 -10.48
N THR B 658 17.20 33.39 -11.38
CA THR B 658 17.06 34.17 -12.59
C THR B 658 17.07 35.68 -12.31
N ASN B 659 16.27 36.13 -11.35
CA ASN B 659 16.14 37.57 -11.15
C ASN B 659 17.41 38.19 -10.57
N VAL B 660 18.13 37.45 -9.74
CA VAL B 660 19.42 37.92 -9.26
C VAL B 660 20.40 38.07 -10.41
N VAL B 661 20.43 37.07 -11.31
CA VAL B 661 21.30 37.13 -12.48
C VAL B 661 20.91 38.28 -13.39
N ILE B 662 19.61 38.53 -13.53
CA ILE B 662 19.13 39.63 -14.37
C ILE B 662 19.63 40.96 -13.81
N ALA B 663 19.46 41.17 -12.50
CA ALA B 663 19.96 42.40 -11.89
C ALA B 663 21.47 42.52 -12.06
N LYS B 664 22.19 41.40 -12.03
CA LYS B 664 23.64 41.43 -12.15
C LYS B 664 24.10 41.71 -13.58
N ASN B 665 23.31 41.32 -14.58
CA ASN B 665 23.76 41.42 -15.97
C ASN B 665 22.97 42.45 -16.78
N VAL B 666 22.38 43.44 -16.12
CA VAL B 666 21.52 44.40 -16.82
C VAL B 666 22.29 45.20 -17.86
N ASP B 667 23.60 45.38 -17.66
CA ASP B 667 24.42 46.08 -18.64
C ASP B 667 24.43 45.34 -19.97
N LYS B 668 24.42 44.01 -19.93
CA LYS B 668 24.38 43.22 -21.15
C LYS B 668 23.11 43.51 -21.95
N PHE B 669 21.96 43.55 -21.28
CA PHE B 669 20.71 43.83 -21.98
C PHE B 669 20.70 45.24 -22.56
N ALA B 670 21.23 46.21 -21.81
CA ALA B 670 21.35 47.55 -22.37
C ALA B 670 22.26 47.55 -23.60
N GLU B 671 23.35 46.79 -23.54
CA GLU B 671 24.30 46.72 -24.65
C GLU B 671 23.67 46.12 -25.90
N TRP B 672 22.71 45.21 -25.73
CA TRP B 672 22.02 44.59 -26.85
C TRP B 672 20.90 45.44 -27.41
N GLY B 673 20.63 46.61 -26.83
CA GLY B 673 19.51 47.42 -27.28
C GLY B 673 18.15 46.95 -26.81
N VAL B 674 18.10 46.06 -25.82
CA VAL B 674 16.82 45.59 -25.29
C VAL B 674 16.10 46.76 -24.65
N THR B 675 14.93 47.11 -25.18
CA THR B 675 14.10 48.14 -24.58
C THR B 675 12.91 47.57 -23.82
N ASP B 676 12.50 46.34 -24.10
CA ASP B 676 11.35 45.73 -23.44
C ASP B 676 11.73 44.32 -22.99
N PHE B 677 11.88 44.14 -21.66
CA PHE B 677 12.21 42.85 -21.07
C PHE B 677 10.92 42.16 -20.67
N GLU B 678 10.55 41.13 -21.41
CA GLU B 678 9.39 40.30 -21.08
C GLU B 678 9.84 39.25 -20.06
N MET B 679 9.50 39.46 -18.81
CA MET B 679 9.83 38.50 -17.77
C MET B 679 8.85 37.33 -17.79
N ALA B 680 9.34 36.16 -17.36
CA ALA B 680 8.48 35.03 -17.10
C ALA B 680 7.41 35.42 -16.08
N PRO B 681 6.24 34.79 -16.13
CA PRO B 681 5.24 35.00 -15.07
C PRO B 681 5.82 34.71 -13.70
N GLN B 682 5.58 35.64 -12.77
CA GLN B 682 6.25 35.63 -11.47
C GLN B 682 5.41 34.99 -10.37
N TYR B 683 4.24 34.45 -10.71
CA TYR B 683 3.38 33.83 -9.72
C TYR B 683 3.97 32.50 -9.27
N VAL B 684 3.85 32.22 -7.96
CA VAL B 684 4.42 31.00 -7.40
C VAL B 684 3.76 29.79 -8.05
N SER B 685 4.59 28.90 -8.59
CA SER B 685 4.09 27.77 -9.37
C SER B 685 3.42 26.72 -8.49
N SER B 686 2.36 26.12 -9.01
CA SER B 686 1.86 24.87 -8.47
C SER B 686 2.83 23.73 -8.80
N THR B 687 2.66 22.60 -8.11
CA THR B 687 3.57 21.47 -8.27
C THR B 687 2.82 20.19 -8.62
N ASP B 688 1.57 20.29 -9.06
CA ASP B 688 0.76 19.10 -9.31
C ASP B 688 1.33 18.24 -10.44
N GLY B 689 2.04 18.85 -11.38
CA GLY B 689 2.60 18.09 -12.49
C GLY B 689 1.63 17.61 -13.54
N SER B 690 0.39 18.11 -13.55
CA SER B 690 -0.59 17.72 -14.56
C SER B 690 -0.36 18.36 -15.92
N PHE B 691 0.69 19.18 -16.06
CA PHE B 691 1.02 19.82 -17.32
C PHE B 691 2.48 20.23 -17.26
N LEU B 692 3.04 20.51 -18.44
CA LEU B 692 4.43 20.98 -18.52
C LEU B 692 4.70 22.11 -17.54
N ASP B 693 3.79 23.09 -17.46
CA ASP B 693 4.02 24.28 -16.66
C ASP B 693 4.13 23.94 -15.16
N SER B 694 3.34 22.99 -14.68
CA SER B 694 3.42 22.57 -13.29
C SER B 694 4.56 21.58 -13.05
N VAL B 695 5.30 21.18 -14.08
CA VAL B 695 6.44 20.28 -13.94
C VAL B 695 7.75 21.06 -13.88
N ILE B 696 7.95 22.00 -14.81
CA ILE B 696 9.15 22.84 -14.79
C ILE B 696 8.91 24.18 -14.11
N GLN B 697 7.68 24.45 -13.66
CA GLN B 697 7.37 25.56 -12.76
C GLN B 697 7.77 26.91 -13.37
N ASN B 698 7.32 27.17 -14.60
CA ASN B 698 7.70 28.40 -15.29
C ASN B 698 6.92 29.61 -14.78
N GLY B 699 5.78 29.42 -14.13
CA GLY B 699 4.97 30.52 -13.64
C GLY B 699 3.59 30.61 -14.24
N TYR B 700 3.25 29.78 -15.23
CA TYR B 700 1.92 29.84 -15.85
C TYR B 700 0.90 28.97 -15.15
N ALA B 701 1.34 28.02 -14.33
CA ALA B 701 0.45 27.20 -13.52
C ALA B 701 0.55 27.69 -12.07
N PHE B 702 -0.53 28.25 -11.55
CA PHE B 702 -0.45 28.89 -10.25
C PHE B 702 -1.79 28.84 -9.53
N THR B 703 -1.72 28.95 -8.21
CA THR B 703 -2.88 28.95 -7.33
C THR B 703 -3.23 30.33 -6.81
N ASP B 704 -2.26 31.25 -6.77
CA ASP B 704 -2.43 32.54 -6.12
C ASP B 704 -1.92 33.61 -7.09
N ARG B 705 -2.86 34.38 -7.66
CA ARG B 705 -2.50 35.35 -8.69
C ARG B 705 -1.60 36.46 -8.16
N TYR B 706 -1.66 36.75 -6.86
CA TYR B 706 -0.91 37.85 -6.28
C TYR B 706 0.36 37.39 -5.58
N ASP B 707 0.65 36.09 -5.57
CA ASP B 707 1.80 35.55 -4.87
C ASP B 707 3.01 35.57 -5.83
N LEU B 708 3.59 36.77 -5.96
CA LEU B 708 4.74 36.97 -6.83
C LEU B 708 6.03 36.73 -6.04
N GLY B 709 6.22 35.46 -5.68
CA GLY B 709 7.36 35.09 -4.86
C GLY B 709 7.29 35.62 -3.44
N ILE B 710 6.08 35.74 -2.88
CA ILE B 710 5.88 36.35 -1.58
C ILE B 710 5.83 35.27 -0.49
N SER B 711 4.89 34.33 -0.60
CA SER B 711 4.80 33.27 0.37
C SER B 711 6.01 32.34 0.33
N LYS B 712 6.74 32.33 -0.77
CA LYS B 712 7.88 31.46 -1.00
C LYS B 712 8.53 31.89 -2.31
N PRO B 713 9.80 31.53 -2.53
CA PRO B 713 10.42 31.89 -3.81
C PRO B 713 9.67 31.27 -4.97
N ASN B 714 9.54 32.04 -6.07
CA ASN B 714 9.18 31.41 -7.32
C ASN B 714 10.45 30.79 -7.92
N LYS B 715 10.32 30.21 -9.11
CA LYS B 715 11.48 29.58 -9.75
C LYS B 715 12.62 30.56 -9.95
N TYR B 716 12.33 31.86 -10.02
CA TYR B 716 13.30 32.88 -10.38
C TYR B 716 13.82 33.68 -9.19
N GLY B 717 13.30 33.43 -8.00
CA GLY B 717 13.80 34.06 -6.79
C GLY B 717 12.65 34.51 -5.92
N THR B 718 13.00 35.35 -4.94
CA THR B 718 12.02 35.92 -4.02
C THR B 718 11.39 37.17 -4.61
N ALA B 719 10.31 37.62 -3.97
CA ALA B 719 9.70 38.90 -4.34
C ALA B 719 10.72 40.04 -4.30
N ASP B 720 11.62 40.02 -3.31
CA ASP B 720 12.63 41.07 -3.23
C ASP B 720 13.61 40.98 -4.39
N ASP B 721 13.97 39.76 -4.80
CA ASP B 721 14.80 39.59 -5.99
C ASP B 721 14.11 40.16 -7.22
N LEU B 722 12.79 39.96 -7.32
CA LEU B 722 12.03 40.53 -8.42
C LEU B 722 12.06 42.05 -8.38
N VAL B 723 11.82 42.64 -7.21
CA VAL B 723 11.88 44.09 -7.06
C VAL B 723 13.25 44.61 -7.51
N LYS B 724 14.31 43.92 -7.10
CA LYS B 724 15.66 44.39 -7.45
C LYS B 724 15.92 44.23 -8.94
N ALA B 725 15.40 43.18 -9.56
CA ALA B 725 15.57 43.02 -11.01
C ALA B 725 14.84 44.11 -11.78
N ILE B 726 13.62 44.44 -11.35
CA ILE B 726 12.88 45.51 -12.02
C ILE B 726 13.61 46.84 -11.84
N LYS B 727 14.10 47.11 -10.63
CA LYS B 727 14.83 48.35 -10.40
C LYS B 727 16.10 48.42 -11.24
N ALA B 728 16.83 47.31 -11.34
CA ALA B 728 18.03 47.28 -12.17
C ALA B 728 17.70 47.53 -13.63
N LEU B 729 16.64 46.90 -14.14
CA LEU B 729 16.26 47.12 -15.54
C LEU B 729 15.86 48.57 -15.76
N HIS B 730 15.10 49.15 -14.84
CA HIS B 730 14.72 50.55 -14.94
C HIS B 730 15.92 51.49 -14.87
N SER B 731 16.95 51.11 -14.11
CA SER B 731 18.17 51.91 -14.03
C SER B 731 18.81 52.09 -15.40
N LYS B 732 18.53 51.21 -16.35
CA LYS B 732 19.08 51.32 -17.70
C LYS B 732 18.04 51.79 -18.71
N GLY B 733 16.89 52.28 -18.25
CA GLY B 733 15.86 52.71 -19.17
C GLY B 733 15.08 51.59 -19.83
N ILE B 734 15.26 50.34 -19.38
CA ILE B 734 14.59 49.19 -19.95
C ILE B 734 13.23 49.03 -19.27
N LYS B 735 12.18 48.86 -20.08
CA LYS B 735 10.85 48.62 -19.54
C LYS B 735 10.66 47.14 -19.26
N VAL B 736 9.74 46.83 -18.35
CA VAL B 736 9.52 45.47 -17.86
C VAL B 736 8.07 45.07 -18.07
N MET B 737 7.88 43.84 -18.55
CA MET B 737 6.58 43.35 -18.99
C MET B 737 6.11 42.23 -18.07
N ALA B 738 4.89 42.38 -17.53
CA ALA B 738 4.26 41.37 -16.70
C ALA B 738 3.37 40.46 -17.54
N ASP B 739 3.45 39.17 -17.27
CA ASP B 739 2.63 38.19 -17.97
C ASP B 739 1.27 38.10 -17.28
N TRP B 740 0.25 38.67 -17.93
CA TRP B 740 -1.12 38.67 -17.43
C TRP B 740 -1.79 37.39 -17.90
N VAL B 741 -2.12 36.50 -16.96
CA VAL B 741 -2.60 35.16 -17.31
C VAL B 741 -4.01 34.94 -16.74
N PRO B 742 -5.05 35.44 -17.39
CA PRO B 742 -6.42 35.31 -16.85
C PRO B 742 -7.16 34.04 -17.25
N ASP B 743 -6.54 33.09 -17.94
CA ASP B 743 -7.32 31.98 -18.48
C ASP B 743 -7.62 30.92 -17.43
N GLN B 744 -6.63 30.53 -16.64
CA GLN B 744 -6.78 29.35 -15.80
C GLN B 744 -5.99 29.47 -14.50
N MET B 745 -6.31 28.59 -13.56
CA MET B 745 -5.61 28.44 -12.30
C MET B 745 -5.52 26.96 -11.96
N TYR B 746 -4.48 26.59 -11.22
CA TYR B 746 -4.17 25.20 -10.91
C TYR B 746 -4.29 24.92 -9.42
N ALA B 747 -4.58 23.65 -9.10
CA ALA B 747 -4.27 23.07 -7.79
C ALA B 747 -4.87 23.85 -6.62
N PHE B 748 -6.17 24.09 -6.68
CA PHE B 748 -6.82 24.73 -5.55
C PHE B 748 -6.79 23.80 -4.34
N PRO B 749 -6.53 24.33 -3.14
CA PRO B 749 -6.32 23.45 -1.98
C PRO B 749 -7.60 22.88 -1.37
N GLU B 750 -8.78 23.37 -1.72
CA GLU B 750 -10.02 22.90 -1.08
C GLU B 750 -11.00 22.38 -2.12
N LYS B 751 -11.54 21.20 -1.87
CA LYS B 751 -12.48 20.53 -2.77
C LYS B 751 -13.85 21.20 -2.75
N GLU B 752 -14.60 20.96 -3.82
CA GLU B 752 -15.96 21.46 -3.95
C GLU B 752 -16.73 20.51 -4.86
N VAL B 753 -18.03 20.37 -4.60
CA VAL B 753 -18.90 19.50 -5.37
C VAL B 753 -19.74 20.37 -6.29
N VAL B 754 -19.70 20.06 -7.58
CA VAL B 754 -20.39 20.84 -8.60
C VAL B 754 -21.31 19.90 -9.36
N THR B 755 -22.38 20.46 -9.93
CA THR B 755 -23.15 19.77 -10.95
C THR B 755 -22.49 20.07 -12.29
N ALA B 756 -22.09 19.01 -12.99
CA ALA B 756 -21.18 19.15 -14.10
C ALA B 756 -21.59 18.27 -15.27
N THR B 757 -21.19 18.67 -16.47
CA THR B 757 -21.40 17.86 -17.67
C THR B 757 -20.09 17.75 -18.45
N ARG B 758 -19.77 16.53 -18.88
CA ARG B 758 -18.58 16.31 -19.69
C ARG B 758 -18.73 17.00 -21.04
N VAL B 759 -17.68 17.72 -21.47
CA VAL B 759 -17.73 18.55 -22.67
C VAL B 759 -16.42 18.42 -23.43
N ASP B 760 -16.43 18.87 -24.68
CA ASP B 760 -15.20 19.07 -25.42
C ASP B 760 -14.60 20.43 -25.08
N LYS B 761 -13.49 20.78 -25.72
CA LYS B 761 -12.83 22.03 -25.37
C LYS B 761 -13.60 23.27 -25.81
N PHE B 762 -14.68 23.10 -26.58
CA PHE B 762 -15.55 24.21 -26.96
C PHE B 762 -16.77 24.33 -26.04
N GLY B 763 -16.90 23.41 -25.08
CA GLY B 763 -18.02 23.41 -24.16
C GLY B 763 -19.23 22.65 -24.60
N LYS B 764 -19.14 21.90 -25.70
CA LYS B 764 -20.27 21.12 -26.20
C LYS B 764 -20.35 19.77 -25.49
N PRO B 765 -21.50 19.41 -24.93
CA PRO B 765 -21.61 18.15 -24.19
C PRO B 765 -21.29 16.94 -25.05
N VAL B 766 -20.66 15.95 -24.44
CA VAL B 766 -20.34 14.69 -25.10
C VAL B 766 -21.55 13.77 -24.98
N GLU B 767 -22.10 13.35 -26.12
CA GLU B 767 -23.18 12.38 -26.10
C GLU B 767 -22.72 11.09 -25.42
N GLY B 768 -23.60 10.51 -24.63
CA GLY B 768 -23.35 9.21 -24.04
C GLY B 768 -22.40 9.20 -22.85
N SER B 769 -22.03 10.37 -22.34
CA SER B 769 -21.22 10.41 -21.11
C SER B 769 -22.14 10.33 -19.90
N GLN B 770 -21.72 9.56 -18.90
CA GLN B 770 -22.50 9.50 -17.67
C GLN B 770 -22.28 10.72 -16.78
N ILE B 771 -21.30 11.56 -17.10
CA ILE B 771 -21.16 12.86 -16.45
C ILE B 771 -22.06 13.79 -17.25
N LYS B 772 -23.31 13.91 -16.80
CA LYS B 772 -24.31 14.70 -17.52
C LYS B 772 -25.25 15.29 -16.47
N SER B 773 -24.99 16.54 -16.09
CA SER B 773 -25.75 17.22 -15.03
C SER B 773 -25.72 16.40 -13.74
N VAL B 774 -24.51 15.98 -13.35
CA VAL B 774 -24.32 15.12 -12.19
C VAL B 774 -23.21 15.69 -11.31
N LEU B 775 -23.17 15.19 -10.07
CA LEU B 775 -22.22 15.71 -9.11
C LEU B 775 -20.80 15.24 -9.41
N TYR B 776 -19.85 16.17 -9.28
CA TYR B 776 -18.44 15.93 -9.53
C TYR B 776 -17.65 16.73 -8.51
N VAL B 777 -16.53 16.18 -8.05
CA VAL B 777 -15.74 16.81 -7.00
C VAL B 777 -14.51 17.43 -7.65
N ALA B 778 -14.49 18.74 -7.71
CA ALA B 778 -13.38 19.52 -8.23
C ALA B 778 -12.54 20.07 -7.08
N ASP B 779 -11.30 20.45 -7.40
CA ASP B 779 -10.48 21.26 -6.50
C ASP B 779 -10.61 22.70 -6.97
N SER B 780 -11.61 23.41 -6.43
CA SER B 780 -11.86 24.77 -6.92
C SER B 780 -12.19 25.73 -5.78
N LYS B 781 -11.53 25.58 -4.63
CA LYS B 781 -11.64 26.62 -3.61
C LYS B 781 -10.26 26.97 -3.08
N SER B 782 -9.95 28.25 -3.08
CA SER B 782 -8.71 28.76 -2.51
C SER B 782 -8.85 28.86 -0.99
N SER B 783 -7.69 29.04 -0.34
CA SER B 783 -7.61 28.97 1.11
C SER B 783 -8.45 30.05 1.78
N GLY B 784 -8.52 31.24 1.17
CA GLY B 784 -9.04 32.41 1.84
C GLY B 784 -8.06 33.10 2.76
N LYS B 785 -6.82 32.63 2.80
CA LYS B 785 -5.82 33.25 3.69
C LYS B 785 -4.52 33.44 2.91
N ASP B 786 -4.63 33.61 1.60
CA ASP B 786 -3.49 33.77 0.72
C ASP B 786 -3.45 35.22 0.22
N GLN B 787 -2.58 35.47 -0.75
CA GLN B 787 -2.46 36.83 -1.27
C GLN B 787 -3.73 37.28 -1.96
N GLN B 788 -4.46 36.34 -2.58
CA GLN B 788 -5.76 36.68 -3.16
C GLN B 788 -6.69 37.25 -2.11
N ALA B 789 -6.67 36.67 -0.90
CA ALA B 789 -7.49 37.19 0.18
C ALA B 789 -7.08 38.60 0.57
N LYS B 790 -5.80 38.94 0.42
CA LYS B 790 -5.34 40.27 0.81
C LYS B 790 -5.68 41.31 -0.26
N TYR B 791 -5.36 41.03 -1.53
CA TYR B 791 -5.39 42.04 -2.57
C TYR B 791 -6.63 42.01 -3.45
N GLY B 792 -7.38 40.91 -3.45
CA GLY B 792 -8.55 40.77 -4.29
C GLY B 792 -9.58 41.89 -4.15
N GLY B 793 -9.81 42.64 -5.22
CA GLY B 793 -10.76 43.74 -5.18
C GLY B 793 -10.32 44.94 -4.37
N ALA B 794 -9.08 44.95 -3.88
CA ALA B 794 -8.63 46.00 -2.98
C ALA B 794 -8.49 47.35 -3.67
N PHE B 795 -8.43 47.40 -4.99
CA PHE B 795 -8.18 48.64 -5.71
C PHE B 795 -9.36 49.10 -6.53
N LEU B 796 -10.45 48.34 -6.57
CA LEU B 796 -11.57 48.68 -7.46
C LEU B 796 -12.23 49.99 -7.06
N GLU B 797 -12.16 50.35 -5.78
CA GLU B 797 -12.73 51.62 -5.33
C GLU B 797 -11.90 52.81 -5.81
N GLU B 798 -10.59 52.75 -5.56
CA GLU B 798 -9.67 53.74 -6.13
C GLU B 798 -9.84 53.83 -7.64
N LEU B 799 -9.94 52.68 -8.33
CA LEU B 799 -10.05 52.69 -9.78
C LEU B 799 -11.34 53.33 -10.25
N GLN B 800 -12.45 53.00 -9.58
CA GLN B 800 -13.73 53.61 -9.93
C GLN B 800 -13.73 55.10 -9.67
N ALA B 801 -12.99 55.56 -8.65
CA ALA B 801 -12.90 56.99 -8.39
C ALA B 801 -12.07 57.69 -9.46
N LYS B 802 -10.89 57.15 -9.77
CA LYS B 802 -9.99 57.78 -10.73
C LYS B 802 -10.46 57.61 -12.17
N TYR B 803 -10.96 56.43 -12.53
CA TYR B 803 -11.23 56.07 -13.92
C TYR B 803 -12.65 55.53 -14.10
N PRO B 804 -13.66 56.38 -13.91
CA PRO B 804 -15.05 55.90 -14.02
C PRO B 804 -15.42 55.38 -15.40
N GLU B 805 -14.77 55.89 -16.45
CA GLU B 805 -15.07 55.42 -17.79
C GLU B 805 -14.79 53.92 -17.95
N LEU B 806 -13.80 53.39 -17.23
CA LEU B 806 -13.54 51.95 -17.25
C LEU B 806 -14.80 51.16 -16.91
N PHE B 807 -15.55 51.63 -15.92
CA PHE B 807 -16.74 50.94 -15.45
C PHE B 807 -18.01 51.40 -16.14
N ALA B 808 -17.93 52.45 -16.96
CA ALA B 808 -19.09 52.84 -17.76
C ALA B 808 -19.26 51.98 -19.01
N ARG B 809 -18.18 51.37 -19.48
CA ARG B 809 -18.25 50.59 -20.74
C ARG B 809 -19.10 49.34 -20.59
N LYS B 810 -20.10 49.19 -21.45
CA LYS B 810 -20.85 47.94 -21.54
C LYS B 810 -20.06 46.96 -22.40
N GLN B 811 -19.50 45.93 -21.75
CA GLN B 811 -18.65 44.98 -22.47
C GLN B 811 -19.44 44.26 -23.55
N ILE B 812 -18.72 43.83 -24.59
CA ILE B 812 -19.36 43.33 -25.80
C ILE B 812 -20.01 41.96 -25.54
N SER B 813 -19.27 41.05 -24.92
CA SER B 813 -19.79 39.69 -24.74
C SER B 813 -21.02 39.66 -23.86
N THR B 814 -21.05 40.49 -22.81
CA THR B 814 -22.12 40.46 -21.82
C THR B 814 -23.17 41.54 -22.02
N GLY B 815 -22.83 42.65 -22.66
CA GLY B 815 -23.75 43.76 -22.77
C GLY B 815 -23.89 44.60 -21.52
N VAL B 816 -23.16 44.28 -20.46
CA VAL B 816 -23.24 45.00 -19.19
C VAL B 816 -21.82 45.38 -18.76
N PRO B 817 -21.70 46.39 -17.89
CA PRO B 817 -20.38 46.78 -17.41
C PRO B 817 -19.79 45.76 -16.45
N MET B 818 -18.51 45.94 -16.15
CA MET B 818 -17.89 45.21 -15.05
C MET B 818 -18.66 45.45 -13.76
N ASP B 819 -18.64 44.45 -12.87
CA ASP B 819 -19.34 44.52 -11.59
C ASP B 819 -18.31 44.54 -10.48
N PRO B 820 -17.86 45.71 -10.03
CA PRO B 820 -16.92 45.79 -8.91
C PRO B 820 -17.56 45.78 -7.53
N SER B 821 -18.87 45.61 -7.44
CA SER B 821 -19.58 45.61 -6.16
C SER B 821 -19.27 44.37 -5.32
N VAL B 822 -18.67 43.34 -5.90
CA VAL B 822 -18.26 42.14 -5.18
C VAL B 822 -16.75 42.01 -5.36
N LYS B 823 -16.03 41.77 -4.27
CA LYS B 823 -14.61 41.57 -4.31
C LYS B 823 -14.31 40.10 -4.11
N ILE B 824 -13.51 39.54 -5.00
CA ILE B 824 -13.18 38.11 -4.96
C ILE B 824 -11.98 37.95 -4.04
N LYS B 825 -12.26 37.56 -2.79
CA LYS B 825 -11.21 37.24 -1.84
C LYS B 825 -10.91 35.75 -1.78
N GLN B 826 -11.88 34.91 -2.10
CA GLN B 826 -11.69 33.46 -2.18
C GLN B 826 -12.28 32.96 -3.49
N TRP B 827 -11.45 32.30 -4.29
CA TRP B 827 -11.94 31.66 -5.51
C TRP B 827 -12.85 30.48 -5.20
N SER B 828 -13.83 30.28 -6.08
CA SER B 828 -14.89 29.30 -5.90
C SER B 828 -15.42 28.91 -7.27
N ALA B 829 -15.99 27.71 -7.35
CA ALA B 829 -16.43 27.15 -8.64
C ALA B 829 -17.41 28.04 -9.38
N LYS B 830 -18.13 28.93 -8.69
CA LYS B 830 -19.08 29.81 -9.37
C LYS B 830 -18.38 30.85 -10.25
N TYR B 831 -17.08 31.05 -10.07
CA TYR B 831 -16.31 31.99 -10.88
C TYR B 831 -15.56 31.29 -12.01
N PHE B 832 -15.80 30.00 -12.21
CA PHE B 832 -15.09 29.22 -13.21
C PHE B 832 -16.07 28.56 -14.17
N ASN B 833 -15.64 28.43 -15.43
CA ASN B 833 -16.44 27.71 -16.42
C ASN B 833 -16.46 26.22 -16.15
N GLY B 834 -15.32 25.67 -15.75
CA GLY B 834 -15.19 24.24 -15.57
C GLY B 834 -13.75 23.88 -15.29
N THR B 835 -13.44 22.60 -15.47
CA THR B 835 -12.09 22.11 -15.17
C THR B 835 -11.76 20.96 -16.08
N ASN B 836 -10.45 20.71 -16.25
CA ASN B 836 -10.04 19.48 -16.90
C ASN B 836 -10.45 18.28 -16.05
N ILE B 837 -10.74 17.17 -16.73
CA ILE B 837 -11.16 15.96 -16.02
C ILE B 837 -10.07 15.53 -15.05
N LEU B 838 -10.48 15.07 -13.87
CA LEU B 838 -9.55 14.86 -12.76
C LEU B 838 -9.28 13.39 -12.47
N GLY B 839 -9.87 12.47 -13.22
CA GLY B 839 -9.65 11.06 -12.98
C GLY B 839 -10.33 10.55 -11.73
N ARG B 840 -11.46 11.15 -11.36
CA ARG B 840 -12.22 10.73 -10.19
C ARG B 840 -13.47 9.95 -10.55
N GLY B 841 -13.87 9.97 -11.80
CA GLY B 841 -14.97 9.13 -12.27
C GLY B 841 -16.30 9.83 -12.17
N ALA B 842 -17.31 9.20 -12.79
CA ALA B 842 -18.65 9.76 -12.81
C ALA B 842 -19.44 9.46 -11.55
N GLY B 843 -18.94 8.58 -10.68
CA GLY B 843 -19.68 8.17 -9.50
C GLY B 843 -18.90 8.34 -8.22
N TYR B 844 -18.00 9.34 -8.19
CA TYR B 844 -17.19 9.58 -7.01
C TYR B 844 -18.04 10.00 -5.81
N VAL B 845 -19.17 10.64 -6.04
CA VAL B 845 -20.05 11.10 -4.97
C VAL B 845 -21.06 9.99 -4.66
N LEU B 846 -21.11 9.57 -3.40
CA LEU B 846 -21.78 8.33 -3.03
C LEU B 846 -23.30 8.49 -3.02
N LYS B 847 -23.98 7.45 -3.50
CA LYS B 847 -25.43 7.35 -3.48
C LYS B 847 -25.87 6.20 -2.58
N ASP B 848 -27.09 6.30 -2.08
CA ASP B 848 -27.77 5.16 -1.47
C ASP B 848 -28.29 4.25 -2.59
N GLN B 849 -27.90 2.98 -2.56
CA GLN B 849 -28.19 2.10 -3.70
C GLN B 849 -29.69 1.90 -3.88
N ALA B 850 -30.42 1.81 -2.78
CA ALA B 850 -31.86 1.61 -2.87
C ALA B 850 -32.56 2.84 -3.44
N THR B 851 -32.38 3.99 -2.80
CA THR B 851 -33.09 5.20 -3.19
C THR B 851 -32.60 5.78 -4.51
N ASN B 852 -31.35 5.49 -4.91
CA ASN B 852 -30.70 6.17 -6.04
C ASN B 852 -30.56 7.67 -5.74
N THR B 853 -30.31 7.99 -4.47
CA THR B 853 -30.20 9.35 -3.99
C THR B 853 -28.77 9.62 -3.52
N TYR B 854 -28.28 10.83 -3.80
CA TYR B 854 -27.01 11.26 -3.23
C TYR B 854 -27.13 11.39 -1.72
N PHE B 855 -26.14 10.88 -1.01
CA PHE B 855 -26.08 11.09 0.44
C PHE B 855 -25.87 12.57 0.74
N ASN B 856 -26.70 13.12 1.63
CA ASN B 856 -26.54 14.48 2.08
C ASN B 856 -26.67 14.56 3.59
N ILE B 857 -25.67 15.16 4.23
CA ILE B 857 -25.68 15.36 5.67
C ILE B 857 -26.45 16.65 5.94
N SER B 858 -27.43 16.55 6.85
CA SER B 858 -28.48 17.53 7.18
C SER B 858 -29.81 17.05 6.61
CA CA C . 7.40 -33.97 14.16
N1 WIJ D . -4.37 -35.76 15.36
C7 WIJ D . -5.58 -36.03 15.89
C8 WIJ D . -6.15 -37.31 15.44
N2 WIJ D . -8.26 -42.96 15.83
C9 WIJ D . -7.09 -38.08 15.99
O1 WIJ D . -6.13 -35.39 16.78
C1 WIJ D . -2.90 -34.71 17.03
C5 WIJ D . -2.20 -36.71 15.84
C6 WIJ D . -3.13 -35.69 16.03
C4 WIJ D . -1.09 -36.79 16.65
C3 WIJ D . -0.87 -35.85 17.63
O3 WIJ D . -9.06 -42.81 16.73
C2 WIJ D . -1.77 -34.81 17.82
N WIJ D . -4.31 -32.88 16.31
C WIJ D . -3.86 -33.61 17.32
O WIJ D . -4.21 -33.41 18.49
C10 WIJ D . -7.14 -39.42 15.46
C11 WIJ D . -6.19 -39.57 14.44
C12 WIJ D . -5.97 -40.81 13.82
C13 WIJ D . -6.68 -41.92 14.26
C14 WIJ D . -7.60 -41.76 15.28
C15 WIJ D . -7.87 -40.54 15.86
O2 WIJ D . -7.95 -44.05 15.35
S WIJ D . -5.27 -38.13 14.16
C1 BTB E . -1.80 -30.47 21.49
O1 BTB E . -1.90 -31.83 21.88
C2 BTB E . -2.83 -30.16 20.41
C3 BTB E . -2.90 -31.38 19.50
O3 BTB E . -3.26 -32.51 20.28
C4 BTB E . -4.18 -29.98 21.09
O4 BTB E . -4.34 -28.67 21.56
N BTB E . -2.29 -28.99 19.66
C5 BTB E . -1.38 -29.43 18.60
C6 BTB E . -0.19 -30.15 19.16
O6 BTB E . 0.66 -29.26 19.81
C7 BTB E . -3.25 -27.92 19.21
C8 BTB E . -2.89 -27.24 17.90
O8 BTB E . -1.73 -26.45 17.98
S SO4 F . -35.33 -28.71 20.95
O1 SO4 F . -35.58 -30.00 20.47
O2 SO4 F . -36.54 -28.00 21.09
O3 SO4 F . -34.70 -28.75 22.21
O4 SO4 F . -34.51 -28.04 20.02
S SO4 G . 24.77 -24.16 17.95
O1 SO4 G . 24.37 -23.93 16.58
O2 SO4 G . 23.61 -24.08 18.85
O3 SO4 G . 25.40 -25.47 18.04
O4 SO4 G . 25.73 -23.11 18.32
CA CA H . -10.89 29.82 -21.00
N1 WIJ I . -2.62 26.65 -29.65
C7 WIJ I . -1.44 26.88 -30.28
C8 WIJ I . -1.58 26.93 -31.74
N2 WIJ I . -1.44 29.29 -37.29
C9 WIJ I . -0.80 27.47 -32.67
O1 WIJ I . -0.37 27.15 -29.74
C1 WIJ I . -2.90 28.06 -27.68
C5 WIJ I . -4.48 28.18 -29.51
C6 WIJ I . -3.36 27.60 -28.92
C4 WIJ I . -5.10 29.25 -28.91
C3 WIJ I . -4.62 29.75 -27.71
O3 WIJ I . -0.27 29.65 -37.33
C2 WIJ I . -3.54 29.16 -27.09
N WIJ I . -1.70 26.09 -26.96
C WIJ I . -1.79 27.41 -26.91
O WIJ I . -1.03 28.10 -26.26
C10 WIJ I . -1.44 27.69 -33.94
C11 WIJ I . -2.77 27.21 -33.89
C12 WIJ I . -3.62 27.39 -34.97
C13 WIJ I . -3.18 28.06 -36.10
C14 WIJ I . -1.89 28.52 -36.14
C15 WIJ I . -1.00 28.33 -35.09
O2 WIJ I . -2.25 29.52 -38.18
S WIJ I . -3.18 26.54 -32.34
C1 BTB J . 1.18 30.73 -21.91
O1 BTB J . 0.90 31.66 -22.92
C2 BTB J . 1.93 29.66 -22.67
C3 BTB J . 1.09 29.21 -23.87
O3 BTB J . -0.28 29.53 -23.74
C4 BTB J . 3.17 30.35 -23.22
O4 BTB J . 2.69 31.46 -23.95
N BTB J . 2.27 28.47 -21.89
C5 BTB J . 3.72 28.34 -21.60
C6 BTB J . 4.18 26.95 -21.25
O6 BTB J . 4.83 26.32 -22.34
C7 BTB J . 1.24 28.06 -20.90
C8 BTB J . -0.17 28.30 -21.35
O8 BTB J . -0.84 29.20 -20.49
C1 EDO K . 22.85 50.49 -46.48
O1 EDO K . 21.97 51.20 -47.34
C2 EDO K . 24.17 51.13 -46.34
O2 EDO K . 24.88 50.69 -45.20
C1 EDO L . 5.57 38.33 -15.28
O1 EDO L . 6.34 39.25 -16.06
C2 EDO L . 4.89 38.98 -14.08
O2 EDO L . 4.22 37.95 -13.34
S DMS M . -6.79 28.74 -33.28
O DMS M . -8.02 28.30 -32.53
C1 DMS M . -7.38 29.62 -34.71
C2 DMS M . -6.13 30.12 -32.38
S SO4 N . -17.99 35.56 -2.87
O1 SO4 N . -19.08 36.17 -3.62
O2 SO4 N . -18.11 34.10 -2.93
O3 SO4 N . -18.07 35.98 -1.48
O4 SO4 N . -16.71 35.97 -3.45
S SO4 O . 26.49 15.57 -38.43
O1 SO4 O . 25.66 14.95 -37.40
O2 SO4 O . 25.64 15.99 -39.53
O3 SO4 O . 27.47 14.60 -38.92
O4 SO4 O . 27.19 16.72 -37.85
S SO4 P . 22.78 29.71 -1.02
O1 SO4 P . 22.10 30.39 -2.11
O2 SO4 P . 22.09 28.45 -0.73
O3 SO4 P . 22.75 30.57 0.16
O4 SO4 P . 24.16 29.43 -1.40
S SO4 Q . 15.17 37.83 0.29
O1 SO4 Q . 15.32 38.14 -1.12
O2 SO4 Q . 13.81 38.13 0.72
O3 SO4 Q . 15.44 36.41 0.50
O4 SO4 Q . 16.12 38.62 1.06
#